data_8YPY
#
_entry.id   8YPY
#
_cell.length_a   94.701
_cell.length_b   73.598
_cell.length_c   170.500
_cell.angle_alpha   90.00
_cell.angle_beta   94.44
_cell.angle_gamma   90.00
#
_symmetry.space_group_name_H-M   'P 1 21 1'
#
loop_
_entity.id
_entity.type
_entity.pdbx_description
1 polymer 'Isoform 2 of Ribose-phosphate pyrophosphokinase 2'
2 non-polymer 'DIPHOSPHOMETHYLPHOSPHONIC ACID ADENOSYL ESTER'
3 non-polymer 5-O-phosphono-alpha-D-ribofuranose
4 non-polymer 'CADMIUM ION'
5 non-polymer 'PHOSPHATE ION'
6 water water
#
_entity_poly.entity_id   1
_entity_poly.type   'polypeptide(L)'
_entity_poly.pdbx_seq_one_letter_code
;SPNIVLFSGSSHQDLSQRVADRLGLELGKVVTKKFSNQETSVEIGESVRGEDVYIIQSGCGEINDNLMELLIMINACKIA
SSSRVTAVIPCFPYARQDKKDKVGESRAPISAKLVANMLSVAGADHIITMDLHASQIQGFFDIPVDNLYAEPAVLQWIRE
NIAEWKNCIIVSPDAGGAKRVTSIADRLNVEFALIHKERKKANEVDRMVLVGDVKDRVAILVDDMADTCGTICHAADKLL
SAGATKVYAILTHGIFSGPAISRINNAAFEAVVVTNTIPQEDKMKHCTKIQVIDISMILAEAIRRTHNGESVSYLFSHVP
L
;
_entity_poly.pdbx_strand_id   A,B,C,D,E,F
#
loop_
_chem_comp.id
_chem_comp.type
_chem_comp.name
_chem_comp.formula
APC non-polymer 'DIPHOSPHOMETHYLPHOSPHONIC ACID ADENOSYL ESTER' 'C11 H18 N5 O12 P3'
CD non-polymer 'CADMIUM ION' 'Cd 2'
HSX D-saccharide, alpha linking 5-O-phosphono-alpha-D-ribofuranose 'C5 H11 O8 P'
PO4 non-polymer 'PHOSPHATE ION' 'O4 P -3'
#
# COMPACT_ATOMS: atom_id res chain seq x y z
N SER A 1 5.90 27.61 11.03
CA SER A 1 7.29 27.32 11.36
C SER A 1 7.44 26.05 12.19
N PRO A 2 7.59 24.91 11.51
CA PRO A 2 7.79 23.64 12.24
C PRO A 2 8.99 23.74 13.17
N ASN A 3 8.79 23.35 14.42
CA ASN A 3 9.83 23.27 15.45
C ASN A 3 10.44 21.90 15.57
N ILE A 4 11.32 21.64 16.49
CA ILE A 4 11.96 20.34 16.63
C ILE A 4 11.91 19.82 18.04
N VAL A 5 11.32 18.66 18.19
CA VAL A 5 11.11 18.00 19.50
C VAL A 5 11.92 16.73 19.53
N LEU A 6 12.79 16.58 20.53
CA LEU A 6 13.64 15.39 20.80
C LEU A 6 13.00 14.54 21.87
N PHE A 7 12.74 13.31 21.58
CA PHE A 7 12.23 12.38 22.54
C PHE A 7 13.19 11.29 22.78
N SER A 8 13.26 10.83 23.99
CA SER A 8 14.08 9.72 24.33
C SER A 8 13.31 8.57 24.70
N GLY A 9 13.78 7.48 24.27
CA GLY A 9 13.27 6.24 24.69
C GLY A 9 13.96 5.84 25.97
N SER A 10 13.92 4.58 26.33
CA SER A 10 14.53 4.10 27.55
C SER A 10 15.90 3.54 27.48
N SER A 11 16.27 3.10 26.33
CA SER A 11 17.49 2.46 26.11
C SER A 11 18.68 3.26 26.35
N HIS A 12 18.75 4.46 25.86
CA HIS A 12 19.93 5.26 26.07
C HIS A 12 19.63 6.66 26.30
N GLN A 13 19.35 7.00 27.51
CA GLN A 13 19.07 8.34 27.90
C GLN A 13 20.09 9.36 27.93
N ASP A 14 21.25 8.97 28.35
CA ASP A 14 22.47 9.77 28.37
C ASP A 14 22.76 10.34 26.99
N LEU A 15 22.74 9.49 25.96
CA LEU A 15 23.06 9.98 24.63
C LEU A 15 21.97 10.91 24.11
N SER A 16 20.72 10.68 24.52
CA SER A 16 19.64 11.55 24.12
C SER A 16 19.85 12.96 24.62
N GLN A 17 20.17 13.09 25.88
CA GLN A 17 20.49 14.37 26.45
C GLN A 17 21.73 14.96 25.82
N ARG A 18 22.74 14.18 25.51
CA ARG A 18 23.93 14.77 24.88
C ARG A 18 23.59 15.34 23.53
N VAL A 19 22.74 14.65 22.77
CA VAL A 19 22.31 15.22 21.50
C VAL A 19 21.47 16.46 21.75
N ALA A 20 20.71 16.47 22.84
CA ALA A 20 19.95 17.66 23.22
C ALA A 20 20.86 18.83 23.55
N ASP A 21 21.90 18.54 24.29
CA ASP A 21 22.85 19.53 24.66
C ASP A 21 23.57 20.12 23.47
N ARG A 22 23.87 19.32 22.48
CA ARG A 22 24.51 19.78 21.28
C ARG A 22 23.59 20.49 20.35
N LEU A 23 22.30 20.22 20.41
CA LEU A 23 21.36 20.97 19.60
C LEU A 23 20.83 22.20 20.30
N GLY A 24 21.13 22.39 21.58
CA GLY A 24 20.66 23.54 22.30
C GLY A 24 19.23 23.44 22.76
N LEU A 25 18.71 22.25 22.84
CA LEU A 25 17.34 22.04 23.30
C LEU A 25 17.31 21.04 24.40
N GLU A 26 16.20 20.93 25.06
CA GLU A 26 16.05 19.89 26.07
C GLU A 26 15.01 18.87 25.60
N LEU A 27 14.90 17.77 26.33
CA LEU A 27 14.11 16.64 25.87
C LEU A 27 12.62 16.74 26.14
N GLY A 28 11.85 16.23 25.20
CA GLY A 28 10.41 16.40 25.23
C GLY A 28 9.76 15.50 26.27
N LYS A 29 8.71 16.01 26.86
CA LYS A 29 8.07 15.32 27.92
C LYS A 29 7.36 14.09 27.43
N VAL A 30 7.85 12.95 27.87
CA VAL A 30 7.22 11.66 27.53
C VAL A 30 7.44 10.71 28.70
N VAL A 31 6.39 9.96 29.02
CA VAL A 31 6.44 8.90 30.02
C VAL A 31 6.38 7.55 29.32
N THR A 32 7.39 6.72 29.52
CA THR A 32 7.40 5.35 29.03
C THR A 32 7.44 4.40 30.22
N LYS A 33 6.65 3.36 30.16
CA LYS A 33 6.40 2.55 31.33
C LYS A 33 5.91 1.17 30.88
N LYS A 34 6.11 0.18 31.73
CA LYS A 34 5.59 -1.16 31.49
C LYS A 34 4.33 -1.37 32.30
N PHE A 35 3.27 -1.85 31.67
CA PHE A 35 2.11 -2.21 32.48
C PHE A 35 2.44 -3.44 33.30
N SER A 36 1.53 -3.84 34.16
CA SER A 36 1.77 -4.97 35.02
C SER A 36 1.97 -6.23 34.26
N ASN A 37 1.25 -6.37 33.17
CA ASN A 37 1.38 -7.52 32.29
C ASN A 37 2.45 -7.32 31.24
N GLN A 38 3.39 -6.41 31.48
CA GLN A 38 4.54 -6.16 30.63
C GLN A 38 4.14 -5.66 29.25
N GLU A 39 3.06 -4.90 29.16
CA GLU A 39 2.65 -4.24 27.94
C GLU A 39 3.20 -2.82 27.95
N THR A 40 3.94 -2.47 26.89
CA THR A 40 4.50 -1.13 26.75
C THR A 40 3.43 -0.03 26.78
N SER A 41 3.73 1.05 27.49
CA SER A 41 2.85 2.21 27.58
C SER A 41 3.64 3.44 27.17
N VAL A 42 3.05 4.27 26.30
CA VAL A 42 3.70 5.50 25.84
C VAL A 42 2.70 6.64 25.92
N GLU A 43 2.94 7.55 26.81
CA GLU A 43 2.18 8.73 26.79
C GLU A 43 3.09 9.96 26.64
N ILE A 44 3.06 10.58 25.48
CA ILE A 44 3.78 11.81 25.22
C ILE A 44 3.05 12.95 25.92
N GLY A 45 3.81 13.84 26.55
CA GLY A 45 3.28 14.87 27.42
C GLY A 45 3.25 16.29 26.90
N GLU A 46 3.79 16.53 25.72
CA GLU A 46 3.79 17.84 25.09
C GLU A 46 3.25 17.79 23.69
N SER A 47 2.80 18.92 23.20
CA SER A 47 2.16 18.93 21.89
C SER A 47 3.19 18.75 20.79
N VAL A 48 2.86 17.89 19.83
CA VAL A 48 3.75 17.63 18.71
C VAL A 48 3.11 18.02 17.38
N ARG A 49 2.06 18.81 17.42
CA ARG A 49 1.37 19.19 16.20
C ARG A 49 2.16 20.09 15.33
N GLY A 50 2.35 19.71 14.08
CA GLY A 50 3.13 20.56 13.20
C GLY A 50 4.59 20.65 13.56
N GLU A 51 5.09 19.73 14.37
CA GLU A 51 6.45 19.76 14.86
C GLU A 51 7.32 18.74 14.13
N ASP A 52 8.63 18.97 14.14
CA ASP A 52 9.61 18.03 13.60
C ASP A 52 10.09 17.16 14.75
N VAL A 53 9.57 15.95 14.82
CA VAL A 53 9.84 15.07 15.95
C VAL A 53 11.00 14.16 15.63
N TYR A 54 11.85 13.92 16.62
CA TYR A 54 12.95 12.97 16.53
C TYR A 54 12.91 12.10 17.77
N ILE A 55 12.89 10.80 17.59
CA ILE A 55 12.85 9.85 18.70
C ILE A 55 14.16 9.09 18.72
N ILE A 56 14.90 9.17 19.81
CA ILE A 56 16.22 8.56 19.91
C ILE A 56 16.10 7.31 20.76
N GLN A 57 16.34 6.16 20.14
CA GLN A 57 16.34 4.92 20.88
C GLN A 57 17.15 3.88 20.15
N SER A 58 18.05 3.23 20.86
CA SER A 58 18.99 2.29 20.29
C SER A 58 18.50 0.88 20.50
N GLY A 59 18.91 -0.01 19.61
CA GLY A 59 18.58 -1.40 19.73
C GLY A 59 19.48 -2.08 20.71
N CYS A 60 19.21 -1.90 21.97
CA CYS A 60 19.96 -2.54 23.01
C CYS A 60 19.04 -2.90 24.14
N GLY A 61 19.58 -3.42 25.22
CA GLY A 61 18.77 -3.81 26.33
C GLY A 61 17.79 -4.92 26.07
N GLU A 62 16.55 -4.73 26.43
CA GLU A 62 15.57 -5.69 26.08
C GLU A 62 15.23 -5.14 24.73
N ILE A 63 15.64 -5.83 23.69
CA ILE A 63 15.52 -5.29 22.34
C ILE A 63 14.07 -5.07 21.95
N ASN A 64 13.24 -6.09 22.11
CA ASN A 64 11.85 -6.03 21.71
C ASN A 64 10.96 -5.06 22.45
N ASP A 65 11.25 -4.81 23.70
CA ASP A 65 10.60 -3.81 24.52
C ASP A 65 10.93 -2.40 24.05
N ASN A 66 12.16 -2.13 23.72
CA ASN A 66 12.58 -0.85 23.18
C ASN A 66 12.09 -0.66 21.76
N LEU A 67 12.07 -1.73 20.97
CA LEU A 67 11.60 -1.60 19.60
C LEU A 67 10.11 -1.32 19.57
N MET A 68 9.34 -1.99 20.42
CA MET A 68 7.90 -1.73 20.45
C MET A 68 7.58 -0.37 21.04
N GLU A 69 8.37 0.05 22.00
CA GLU A 69 8.28 1.33 22.61
C GLU A 69 8.57 2.44 21.64
N LEU A 70 9.50 2.23 20.77
CA LEU A 70 9.84 3.12 19.67
C LEU A 70 8.72 3.16 18.65
N LEU A 71 8.20 2.04 18.27
CA LEU A 71 7.11 2.02 17.29
C LEU A 71 5.86 2.71 17.82
N ILE A 72 5.56 2.55 19.12
CA ILE A 72 4.37 3.18 19.67
C ILE A 72 4.53 4.69 19.71
N MET A 73 5.69 5.21 20.11
CA MET A 73 5.76 6.67 20.12
C MET A 73 5.85 7.23 18.70
N ILE A 74 6.38 6.47 17.74
CA ILE A 74 6.27 6.94 16.35
C ILE A 74 4.81 7.05 15.95
N ASN A 75 4.02 6.01 16.23
CA ASN A 75 2.62 6.08 15.80
C ASN A 75 1.82 7.04 16.65
N ALA A 76 2.35 7.42 17.81
CA ALA A 76 1.63 8.37 18.65
C ALA A 76 1.91 9.77 18.18
N CYS A 77 3.14 10.05 17.77
CA CYS A 77 3.41 11.35 17.20
C CYS A 77 2.84 11.47 15.81
N LYS A 78 2.61 10.35 15.13
CA LYS A 78 2.06 10.42 13.77
C LYS A 78 0.55 10.64 13.79
N ILE A 79 -0.16 10.04 14.76
CA ILE A 79 -1.60 10.30 14.84
C ILE A 79 -1.86 11.70 15.38
N ALA A 80 -0.94 12.24 16.16
CA ALA A 80 -1.10 13.58 16.73
C ALA A 80 -0.76 14.69 15.75
N SER A 81 -0.61 14.38 14.46
CA SER A 81 -0.41 15.37 13.40
C SER A 81 0.92 16.10 13.49
N SER A 82 2.00 15.37 13.75
CA SER A 82 3.31 16.04 13.64
C SER A 82 3.67 16.17 12.17
N SER A 83 4.53 17.09 11.79
CA SER A 83 4.81 17.23 10.35
C SER A 83 5.78 16.16 9.86
N ARG A 84 6.57 15.62 10.76
CA ARG A 84 7.56 14.60 10.41
C ARG A 84 8.07 13.95 11.70
N VAL A 85 8.32 12.65 11.63
CA VAL A 85 8.86 11.84 12.74
C VAL A 85 10.08 11.11 12.20
N THR A 86 11.22 11.38 12.80
CA THR A 86 12.47 10.73 12.41
C THR A 86 12.84 9.77 13.50
N ALA A 87 12.99 8.51 13.15
CA ALA A 87 13.46 7.53 14.12
C ALA A 87 14.97 7.56 14.12
N VAL A 88 15.55 8.00 15.23
CA VAL A 88 16.99 7.98 15.39
C VAL A 88 17.32 6.71 16.16
N ILE A 89 17.91 5.76 15.46
CA ILE A 89 18.23 4.44 16.01
C ILE A 89 19.74 4.28 15.98
N PRO A 90 20.45 4.64 17.06
CA PRO A 90 21.92 4.63 16.97
C PRO A 90 22.49 3.29 16.56
N CYS A 91 21.99 2.20 17.15
CA CYS A 91 22.36 0.86 16.76
C CYS A 91 21.11 0.16 16.24
N PHE A 92 21.10 -0.17 14.94
CA PHE A 92 19.93 -0.75 14.30
C PHE A 92 19.74 -2.20 14.71
N PRO A 93 18.59 -2.58 15.25
CA PRO A 93 18.40 -3.97 15.69
C PRO A 93 18.23 -4.91 14.51
N TYR A 94 18.55 -6.18 14.76
CA TYR A 94 18.34 -7.26 13.79
C TYR A 94 19.16 -7.09 12.52
N ALA A 95 20.25 -6.32 12.57
CA ALA A 95 21.03 -6.06 11.35
C ALA A 95 21.82 -7.28 10.88
N ARG A 96 22.11 -8.22 11.82
CA ARG A 96 22.87 -9.39 11.40
C ARG A 96 21.94 -10.58 11.15
N GLN A 97 22.50 -11.61 10.54
CA GLN A 97 21.76 -12.83 10.21
C GLN A 97 22.45 -14.10 10.66
N ASP A 98 21.69 -15.06 11.19
CA ASP A 98 22.25 -16.35 11.66
C ASP A 98 22.24 -17.32 10.47
N LYS A 99 22.99 -17.04 9.42
CA LYS A 99 22.91 -17.90 8.21
C LYS A 99 23.73 -19.19 8.39
N LYS A 100 24.98 -19.14 7.92
CA LYS A 100 25.97 -20.23 8.08
C LYS A 100 25.82 -21.30 7.01
N ASP A 101 26.43 -21.05 5.84
CA ASP A 101 26.60 -22.00 4.72
C ASP A 101 25.35 -22.07 3.87
N LYS A 102 24.27 -21.45 4.25
CA LYS A 102 23.28 -21.97 3.31
C LYS A 102 23.75 -21.97 1.91
N VAL A 103 24.49 -23.04 1.55
CA VAL A 103 25.18 -23.38 0.26
C VAL A 103 24.21 -23.58 -0.89
N GLY A 104 24.52 -23.01 -2.05
CA GLY A 104 23.72 -22.99 -3.24
C GLY A 104 22.80 -21.84 -3.39
N GLU A 105 22.63 -21.08 -2.30
CA GLU A 105 21.82 -19.87 -2.24
C GLU A 105 22.02 -19.16 -0.94
N SER A 106 21.47 -17.97 -0.80
CA SER A 106 21.50 -17.24 0.48
C SER A 106 20.08 -17.11 1.09
N ARG A 107 20.02 -16.86 2.40
CA ARG A 107 18.78 -16.68 3.12
C ARG A 107 18.31 -15.20 3.22
N ALA A 108 17.03 -14.95 2.94
CA ALA A 108 16.52 -13.58 2.97
C ALA A 108 16.71 -12.99 4.36
N PRO A 109 17.08 -11.71 4.46
CA PRO A 109 17.19 -11.07 5.78
C PRO A 109 15.81 -10.76 6.36
N ILE A 110 15.20 -11.73 7.04
CA ILE A 110 13.78 -11.64 7.38
C ILE A 110 13.56 -10.68 8.54
N SER A 111 14.46 -10.65 9.52
CA SER A 111 14.24 -9.85 10.72
C SER A 111 14.53 -8.37 10.47
N ALA A 112 15.64 -8.05 9.80
CA ALA A 112 15.96 -6.66 9.53
C ALA A 112 14.92 -6.02 8.62
N LYS A 113 14.52 -6.75 7.59
CA LYS A 113 13.48 -6.26 6.68
C LYS A 113 12.13 -6.15 7.36
N LEU A 114 11.82 -7.07 8.27
CA LEU A 114 10.56 -6.97 9.01
C LEU A 114 10.56 -5.75 9.93
N VAL A 115 11.67 -5.48 10.60
CA VAL A 115 11.77 -4.28 11.44
C VAL A 115 11.69 -3.02 10.57
N ALA A 116 12.23 -3.08 9.36
CA ALA A 116 12.10 -1.94 8.45
C ALA A 116 10.63 -1.69 8.12
N ASN A 117 9.92 -2.69 7.80
CA ASN A 117 8.50 -2.56 7.50
C ASN A 117 7.70 -2.13 8.72
N MET A 118 8.11 -2.53 9.92
CA MET A 118 7.35 -2.12 11.08
C MET A 118 7.59 -0.65 11.41
N LEU A 119 8.83 -0.19 11.22
CA LEU A 119 9.10 1.23 11.35
C LEU A 119 8.34 2.03 10.30
N SER A 120 8.21 1.49 9.08
CA SER A 120 7.49 2.20 8.03
C SER A 120 5.99 2.25 8.30
N VAL A 121 5.40 1.11 8.65
CA VAL A 121 3.97 1.05 8.95
C VAL A 121 3.64 1.80 10.23
N ALA A 122 4.57 1.86 11.19
CA ALA A 122 4.32 2.62 12.41
C ALA A 122 4.16 4.11 12.11
N GLY A 123 4.80 4.60 11.06
CA GLY A 123 4.61 5.97 10.66
C GLY A 123 5.88 6.78 10.54
N ALA A 124 7.03 6.12 10.56
CA ALA A 124 8.30 6.83 10.43
C ALA A 124 8.42 7.48 9.05
N ASP A 125 9.03 8.66 9.00
CA ASP A 125 9.26 9.34 7.73
C ASP A 125 10.73 9.49 7.37
N HIS A 126 11.64 9.16 8.27
CA HIS A 126 13.06 9.36 8.05
C HIS A 126 13.78 8.49 9.06
N ILE A 127 14.96 8.00 8.70
CA ILE A 127 15.74 7.15 9.58
C ILE A 127 17.15 7.69 9.68
N ILE A 128 17.66 7.80 10.90
CA ILE A 128 19.07 8.04 11.14
C ILE A 128 19.58 6.83 11.91
N THR A 129 20.87 6.55 11.78
CA THR A 129 21.50 5.35 12.34
C THR A 129 23.00 5.56 12.19
N MET A 130 23.78 4.74 12.87
CA MET A 130 25.23 4.86 12.78
C MET A 130 25.83 3.48 12.55
N ASP A 131 26.65 3.38 11.50
CA ASP A 131 27.33 2.16 11.10
C ASP A 131 26.45 0.92 11.11
N LEU A 132 25.58 0.81 10.10
CA LEU A 132 24.79 -0.39 9.93
C LEU A 132 25.72 -1.59 9.73
N HIS A 133 25.27 -2.75 10.17
CA HIS A 133 26.04 -3.96 9.91
C HIS A 133 26.19 -4.21 8.43
N ALA A 134 25.18 -3.83 7.63
CA ALA A 134 25.26 -3.83 6.18
C ALA A 134 24.56 -2.57 5.67
N SER A 135 25.25 -1.80 4.83
CA SER A 135 24.68 -0.54 4.36
C SER A 135 23.46 -0.75 3.48
N GLN A 136 23.35 -1.89 2.81
CA GLN A 136 22.18 -2.11 1.96
C GLN A 136 20.87 -2.13 2.76
N ILE A 137 20.93 -2.13 4.09
CA ILE A 137 19.72 -2.01 4.88
C ILE A 137 19.02 -0.68 4.63
N GLN A 138 19.73 0.29 4.10
CA GLN A 138 19.14 1.54 3.76
C GLN A 138 18.09 1.29 2.71
N GLY A 139 18.31 0.32 1.84
CA GLY A 139 17.35 0.01 0.80
C GLY A 139 16.17 -0.80 1.25
N PHE A 140 16.13 -1.22 2.51
CA PHE A 140 14.98 -1.94 3.04
C PHE A 140 13.80 -1.02 3.33
N PHE A 141 13.96 0.29 3.12
CA PHE A 141 12.93 1.28 3.38
C PHE A 141 12.58 1.97 2.06
N ASP A 142 11.57 2.79 2.14
CA ASP A 142 11.13 3.66 1.07
C ASP A 142 11.19 5.06 1.45
N ILE A 143 11.82 5.28 2.54
CA ILE A 143 11.98 6.62 3.14
C ILE A 143 13.46 6.86 3.34
N PRO A 144 13.89 8.13 3.39
CA PRO A 144 15.32 8.41 3.56
C PRO A 144 15.89 7.77 4.81
N VAL A 145 17.02 7.07 4.71
CA VAL A 145 17.76 6.45 5.85
C VAL A 145 19.18 7.00 5.86
N ASP A 146 19.63 7.60 6.94
CA ASP A 146 21.02 8.10 7.00
C ASP A 146 21.81 7.20 7.93
N ASN A 147 22.85 6.58 7.39
CA ASN A 147 23.74 5.65 8.12
C ASN A 147 25.05 6.38 8.31
N LEU A 148 25.27 6.92 9.46
CA LEU A 148 26.51 7.67 9.66
C LEU A 148 27.63 6.72 10.02
N TYR A 149 28.86 7.16 9.82
CA TYR A 149 30.06 6.39 10.14
C TYR A 149 30.69 6.97 11.35
N ALA A 150 31.30 6.13 12.14
CA ALA A 150 32.04 6.60 13.33
C ALA A 150 33.53 6.64 13.02
N GLU A 151 33.87 6.44 11.78
CA GLU A 151 35.29 6.34 11.42
C GLU A 151 36.04 7.58 11.85
N PRO A 152 35.55 8.80 11.65
CA PRO A 152 36.29 9.96 12.01
C PRO A 152 36.62 9.93 13.48
N ALA A 153 35.73 9.45 14.31
CA ALA A 153 35.93 9.41 15.76
C ALA A 153 36.97 8.40 16.25
N VAL A 154 37.09 7.27 15.56
CA VAL A 154 38.03 6.12 15.72
C VAL A 154 39.41 6.60 15.28
N LEU A 155 39.47 7.30 14.17
CA LEU A 155 40.74 7.89 13.71
C LEU A 155 41.24 8.95 14.69
N GLN A 156 40.37 9.81 15.17
CA GLN A 156 40.91 10.78 16.11
C GLN A 156 41.22 10.13 17.46
N TRP A 157 40.39 9.21 17.93
CA TRP A 157 40.76 8.47 19.13
C TRP A 157 42.10 7.77 18.93
N ILE A 158 42.32 7.22 17.74
CA ILE A 158 43.53 6.43 17.49
C ILE A 158 44.76 7.34 17.49
N ARG A 159 44.66 8.51 16.84
CA ARG A 159 45.78 9.44 16.80
C ARG A 159 46.10 10.02 18.17
N GLU A 160 45.08 10.27 19.00
CA GLU A 160 45.27 10.90 20.30
C GLU A 160 45.49 9.93 21.46
N ASN A 161 45.39 8.61 21.25
CA ASN A 161 45.47 7.66 22.35
C ASN A 161 46.46 6.52 22.18
N ILE A 162 46.93 6.22 20.96
CA ILE A 162 47.89 5.15 20.72
C ILE A 162 49.21 5.78 20.31
N ALA A 163 50.24 5.54 21.13
CA ALA A 163 51.51 6.24 20.99
C ALA A 163 52.11 6.02 19.61
N GLU A 164 52.26 4.78 19.18
CA GLU A 164 52.93 4.48 17.91
C GLU A 164 51.94 4.12 16.82
N TRP A 165 50.82 4.87 16.74
CA TRP A 165 49.81 4.63 15.71
C TRP A 165 50.37 4.75 14.31
N LYS A 166 51.47 5.44 14.15
CA LYS A 166 52.04 5.57 12.86
C LYS A 166 52.51 4.24 12.35
N ASN A 167 53.03 3.44 13.24
CA ASN A 167 53.43 2.09 12.89
C ASN A 167 52.52 1.12 13.62
N CYS A 168 51.26 1.09 13.20
CA CYS A 168 50.32 0.11 13.72
C CYS A 168 49.93 -0.82 12.59
N ILE A 169 49.03 -1.76 12.79
CA ILE A 169 48.45 -2.57 11.71
C ILE A 169 46.99 -2.69 12.02
N ILE A 170 46.12 -2.45 11.07
CA ILE A 170 44.69 -2.49 11.22
C ILE A 170 44.27 -3.88 10.82
N VAL A 171 43.57 -4.57 11.73
CA VAL A 171 43.32 -6.00 11.57
C VAL A 171 41.81 -6.22 11.53
N SER A 172 41.40 -7.12 10.72
CA SER A 172 40.00 -7.48 10.71
C SER A 172 39.83 -8.79 11.43
N PRO A 173 38.85 -8.89 12.34
CA PRO A 173 38.60 -10.16 13.06
C PRO A 173 38.06 -11.25 12.17
N ASP A 174 37.73 -10.99 10.91
CA ASP A 174 36.99 -11.90 10.06
C ASP A 174 37.11 -11.47 8.61
N ALA A 175 36.66 -12.24 7.68
CA ALA A 175 36.35 -11.77 6.35
C ALA A 175 35.02 -11.03 6.38
N GLY A 176 34.86 -10.09 5.47
CA GLY A 176 33.70 -9.23 5.45
C GLY A 176 33.91 -7.92 6.16
N GLY A 177 34.82 -7.87 7.13
CA GLY A 177 35.26 -6.63 7.72
C GLY A 177 36.44 -6.00 7.01
N ALA A 178 36.82 -6.52 5.84
CA ALA A 178 37.99 -6.04 5.13
C ALA A 178 37.81 -4.62 4.62
N LYS A 179 36.67 -4.28 4.11
CA LYS A 179 36.56 -2.96 3.65
C LYS A 179 36.70 -1.96 4.71
N ARG A 180 36.08 -2.14 5.79
CA ARG A 180 36.20 -1.21 6.91
C ARG A 180 37.68 -1.03 7.30
N VAL A 181 38.37 -2.14 7.54
CA VAL A 181 39.75 -2.08 8.01
C VAL A 181 40.64 -1.37 6.98
N THR A 182 40.55 -1.77 5.71
CA THR A 182 41.27 -1.05 4.65
C THR A 182 41.00 0.44 4.72
N SER A 183 39.72 0.82 4.82
CA SER A 183 39.37 2.24 4.84
C SER A 183 40.16 2.98 5.93
N ILE A 184 40.10 2.46 7.11
CA ILE A 184 40.79 2.99 8.19
C ILE A 184 42.24 2.98 8.03
N ALA A 185 42.78 2.00 7.41
CA ALA A 185 44.20 1.83 7.13
C ALA A 185 44.70 2.94 6.21
N ASP A 186 43.96 3.20 5.13
CA ASP A 186 44.41 4.21 4.18
C ASP A 186 44.31 5.62 4.76
N ARG A 187 43.36 5.83 5.61
CA ARG A 187 43.21 7.05 6.24
C ARG A 187 44.29 7.38 7.21
N LEU A 188 44.77 6.47 7.97
CA LEU A 188 45.94 6.65 8.83
C LEU A 188 47.25 6.45 8.11
N ASN A 189 47.21 6.17 6.81
CA ASN A 189 48.36 5.83 5.98
C ASN A 189 49.24 4.77 6.65
N VAL A 190 48.59 3.66 6.97
CA VAL A 190 49.18 2.48 7.60
C VAL A 190 48.65 1.27 6.86
N GLU A 191 49.25 0.12 7.09
CA GLU A 191 48.88 -1.08 6.38
C GLU A 191 47.98 -1.96 7.24
N PHE A 192 47.43 -3.00 6.63
CA PHE A 192 46.38 -3.81 7.25
C PHE A 192 46.72 -5.29 7.19
N ALA A 193 45.92 -6.07 7.90
CA ALA A 193 46.06 -7.52 7.94
C ALA A 193 44.70 -8.12 8.23
N LEU A 194 44.56 -9.42 7.99
CA LEU A 194 43.28 -10.07 8.16
C LEU A 194 43.44 -11.39 8.90
N ILE A 195 42.42 -11.76 9.63
CA ILE A 195 42.41 -13.02 10.41
C ILE A 195 41.25 -13.88 9.94
N HIS A 196 41.46 -15.13 9.66
CA HIS A 196 40.32 -15.96 9.24
C HIS A 196 40.29 -17.21 10.10
N LYS A 197 39.23 -17.42 10.83
CA LYS A 197 39.14 -18.69 11.54
C LYS A 197 38.80 -19.71 10.49
N GLU A 198 39.41 -20.86 10.50
CA GLU A 198 38.97 -21.95 9.61
C GLU A 198 37.89 -22.73 10.38
N ARG A 199 36.94 -23.35 9.70
CA ARG A 199 35.83 -23.89 10.52
C ARG A 199 36.23 -25.18 11.17
N LYS A 200 36.29 -25.30 12.50
CA LYS A 200 36.65 -26.71 12.71
C LYS A 200 35.94 -27.87 12.03
N LYS A 201 36.72 -28.86 11.63
CA LYS A 201 36.20 -30.09 11.04
C LYS A 201 36.31 -31.21 12.08
N ALA A 202 36.03 -32.44 11.66
CA ALA A 202 35.74 -33.52 12.62
C ALA A 202 36.89 -33.74 13.60
N ASN A 203 38.03 -33.77 13.09
CA ASN A 203 39.14 -34.19 13.92
C ASN A 203 40.36 -33.29 13.72
N GLU A 204 40.27 -32.07 14.00
CA GLU A 204 41.31 -31.08 13.78
C GLU A 204 41.82 -30.44 15.05
N VAL A 205 42.13 -29.15 14.93
CA VAL A 205 42.14 -28.20 16.03
C VAL A 205 41.65 -26.89 15.44
N ASP A 206 41.06 -26.06 16.29
CA ASP A 206 40.67 -24.73 15.84
C ASP A 206 41.90 -23.95 15.41
N ARG A 207 41.77 -23.29 14.27
CA ARG A 207 42.82 -22.46 13.79
C ARG A 207 42.48 -21.17 13.13
N MET A 208 43.19 -20.16 13.49
CA MET A 208 43.10 -18.90 12.88
C MET A 208 44.32 -18.68 12.07
N VAL A 209 44.14 -18.25 10.87
CA VAL A 209 45.24 -17.93 10.03
C VAL A 209 45.30 -16.43 9.88
N LEU A 210 46.47 -15.84 9.96
CA LEU A 210 46.60 -14.45 9.74
C LEU A 210 47.20 -14.21 8.41
N VAL A 211 46.62 -13.41 7.56
CA VAL A 211 47.28 -13.05 6.31
C VAL A 211 47.74 -11.61 6.57
N GLY A 212 49.02 -11.30 6.46
CA GLY A 212 49.57 -10.00 6.75
C GLY A 212 50.63 -9.96 7.85
N ASP A 213 51.33 -8.87 8.05
CA ASP A 213 52.41 -8.94 9.02
C ASP A 213 52.18 -7.92 10.13
N VAL A 214 52.25 -8.40 11.37
CA VAL A 214 52.04 -7.60 12.57
C VAL A 214 53.24 -7.63 13.48
N LYS A 215 54.34 -8.16 13.06
CA LYS A 215 55.44 -8.29 13.95
C LYS A 215 56.07 -7.02 14.33
N ASP A 216 56.13 -6.78 15.63
CA ASP A 216 56.67 -5.59 16.27
C ASP A 216 55.81 -4.35 16.06
N ARG A 217 54.57 -4.53 15.81
CA ARG A 217 53.65 -3.43 15.69
C ARG A 217 52.49 -3.48 16.60
N VAL A 218 51.93 -2.35 16.95
CA VAL A 218 50.65 -2.28 17.63
C VAL A 218 49.55 -2.73 16.67
N ALA A 219 48.80 -3.75 17.08
CA ALA A 219 47.72 -4.27 16.27
C ALA A 219 46.40 -3.67 16.75
N ILE A 220 45.52 -3.38 15.80
CA ILE A 220 44.24 -2.74 16.08
C ILE A 220 43.16 -3.48 15.31
N LEU A 221 42.40 -4.33 16.00
CA LEU A 221 41.23 -4.97 15.40
C LEU A 221 40.06 -4.00 15.39
N VAL A 222 39.42 -3.84 14.23
CA VAL A 222 38.24 -2.99 14.12
C VAL A 222 37.14 -3.77 13.41
N ASP A 223 35.95 -3.79 14.01
CA ASP A 223 34.79 -4.37 13.38
C ASP A 223 33.59 -3.52 13.76
N ASP A 224 32.42 -3.84 13.18
CA ASP A 224 31.26 -3.00 13.44
C ASP A 224 30.66 -3.23 14.82
N MET A 225 30.73 -4.43 15.39
CA MET A 225 30.21 -4.61 16.73
C MET A 225 30.95 -5.75 17.44
N ALA A 226 30.73 -5.74 18.73
CA ALA A 226 31.26 -6.65 19.64
C ALA A 226 30.12 -7.06 20.55
N ASP A 227 29.83 -8.34 20.58
CA ASP A 227 28.79 -8.91 21.38
C ASP A 227 29.33 -9.95 22.32
N THR A 228 29.53 -11.13 21.82
CA THR A 228 30.01 -12.24 22.59
C THR A 228 31.51 -12.23 22.80
N CYS A 229 32.22 -11.57 21.91
CA CYS A 229 33.65 -11.33 21.98
C CYS A 229 34.65 -12.46 21.99
N GLY A 230 34.29 -13.62 21.54
CA GLY A 230 35.22 -14.73 21.48
C GLY A 230 36.19 -14.62 20.33
N THR A 231 35.67 -14.24 19.15
CA THR A 231 36.54 -14.16 17.98
C THR A 231 37.62 -13.11 18.18
N ILE A 232 37.30 -11.97 18.79
CA ILE A 232 38.32 -10.95 18.98
C ILE A 232 39.26 -11.26 20.12
N CYS A 233 38.84 -12.04 21.12
CA CYS A 233 39.80 -12.43 22.16
C CYS A 233 40.81 -13.42 21.61
N HIS A 234 40.33 -14.45 20.90
CA HIS A 234 41.29 -15.34 20.26
C HIS A 234 42.10 -14.61 19.19
N ALA A 235 41.52 -13.59 18.56
CA ALA A 235 42.26 -12.78 17.61
C ALA A 235 43.39 -12.03 18.29
N ALA A 236 43.14 -11.49 19.48
CA ALA A 236 44.21 -10.86 20.26
C ALA A 236 45.31 -11.85 20.59
N ASP A 237 44.99 -13.07 20.93
CA ASP A 237 45.93 -14.13 21.23
C ASP A 237 46.75 -14.49 20.07
N LYS A 238 46.15 -14.53 18.93
CA LYS A 238 46.95 -14.90 17.78
C LYS A 238 47.79 -13.73 17.29
N LEU A 239 47.28 -12.50 17.40
CA LEU A 239 48.09 -11.35 17.03
C LEU A 239 49.31 -11.23 17.91
N LEU A 240 49.17 -11.54 19.20
CA LEU A 240 50.33 -11.49 20.08
C LEU A 240 51.29 -12.65 19.88
N SER A 241 50.84 -13.79 19.44
CA SER A 241 51.80 -14.79 19.17
C SER A 241 52.46 -14.67 17.80
N ALA A 242 51.95 -13.80 16.98
CA ALA A 242 52.61 -13.37 15.75
C ALA A 242 53.56 -12.20 15.97
N GLY A 243 53.76 -11.79 17.21
CA GLY A 243 54.78 -10.82 17.54
C GLY A 243 54.31 -9.38 17.51
N ALA A 244 53.12 -9.13 18.02
CA ALA A 244 52.57 -7.78 18.11
C ALA A 244 52.84 -7.24 19.50
N THR A 245 53.21 -5.96 19.57
CA THR A 245 53.48 -5.36 20.87
C THR A 245 52.22 -5.22 21.69
N LYS A 246 51.19 -4.84 21.07
CA LYS A 246 49.98 -4.63 21.74
C LYS A 246 48.83 -4.93 20.83
N VAL A 247 47.65 -5.06 21.42
CA VAL A 247 46.41 -5.28 20.69
C VAL A 247 45.35 -4.36 21.24
N TYR A 248 44.68 -3.64 20.35
CA TYR A 248 43.48 -2.90 20.69
C TYR A 248 42.30 -3.49 19.96
N ALA A 249 41.11 -3.15 20.42
CA ALA A 249 39.88 -3.55 19.75
C ALA A 249 38.96 -2.34 19.76
N ILE A 250 38.62 -1.82 18.59
CA ILE A 250 37.82 -0.61 18.48
C ILE A 250 36.61 -0.91 17.62
N LEU A 251 35.43 -0.90 18.23
CA LEU A 251 34.19 -1.21 17.56
C LEU A 251 33.25 -0.08 17.67
N THR A 252 32.32 0.06 16.73
CA THR A 252 31.34 1.10 16.82
C THR A 252 30.17 0.87 17.73
N HIS A 253 29.80 -0.40 17.82
CA HIS A 253 28.68 -0.88 18.68
C HIS A 253 29.24 -1.82 19.72
N GLY A 254 29.12 -1.51 20.99
CA GLY A 254 29.66 -2.46 21.96
C GLY A 254 28.57 -3.06 22.78
N ILE A 255 28.06 -4.19 22.29
CA ILE A 255 26.94 -5.01 22.82
C ILE A 255 27.27 -5.75 24.11
N PHE A 256 28.42 -6.39 24.17
CA PHE A 256 28.97 -7.08 25.34
C PHE A 256 27.95 -7.95 26.04
N SER A 257 27.46 -8.96 25.37
CA SER A 257 26.44 -9.83 26.01
C SER A 257 27.05 -11.12 26.48
N GLY A 258 26.38 -11.80 27.37
CA GLY A 258 26.82 -13.13 27.80
C GLY A 258 28.15 -13.13 28.49
N PRO A 259 29.15 -13.86 27.97
CA PRO A 259 30.40 -13.90 28.61
C PRO A 259 31.35 -12.82 28.12
N ALA A 260 30.88 -11.73 27.51
CA ALA A 260 31.86 -10.79 26.94
C ALA A 260 32.78 -10.18 27.99
N ILE A 261 32.20 -9.62 29.06
CA ILE A 261 33.00 -8.89 30.03
C ILE A 261 33.96 -9.83 30.75
N SER A 262 33.48 -11.02 31.10
CA SER A 262 34.35 -12.03 31.69
C SER A 262 35.48 -12.41 30.75
N ARG A 263 35.20 -12.52 29.48
CA ARG A 263 36.16 -12.77 28.46
C ARG A 263 37.19 -11.66 28.22
N ILE A 264 36.85 -10.39 28.28
CA ILE A 264 37.81 -9.32 28.11
C ILE A 264 38.61 -9.12 29.38
N ASN A 265 38.04 -9.40 30.56
CA ASN A 265 38.84 -9.28 31.78
C ASN A 265 40.01 -10.26 31.79
N ASN A 266 39.86 -11.33 31.01
CA ASN A 266 40.82 -12.38 30.86
C ASN A 266 41.47 -12.38 29.52
N ALA A 267 41.22 -11.43 28.68
CA ALA A 267 41.93 -11.41 27.45
C ALA A 267 43.10 -10.54 27.50
N ALA A 268 43.86 -10.62 26.48
CA ALA A 268 45.08 -9.96 26.37
C ALA A 268 45.11 -8.55 25.79
N PHE A 269 43.99 -7.92 25.67
CA PHE A 269 43.89 -6.60 25.09
C PHE A 269 44.44 -5.49 25.89
N GLU A 270 45.00 -4.52 25.21
CA GLU A 270 45.39 -3.28 25.81
C GLU A 270 44.13 -2.51 26.13
N ALA A 271 43.21 -2.45 25.20
CA ALA A 271 41.92 -1.85 25.35
C ALA A 271 40.96 -2.25 24.35
N VAL A 272 39.71 -2.20 24.74
CA VAL A 272 38.58 -2.38 23.89
C VAL A 272 37.82 -1.11 23.99
N VAL A 273 37.82 -0.35 22.95
CA VAL A 273 37.21 0.97 22.76
C VAL A 273 35.95 0.83 21.93
N VAL A 274 34.86 1.43 22.39
CA VAL A 274 33.60 1.41 21.66
C VAL A 274 33.01 2.81 21.63
N THR A 275 31.94 2.98 20.84
CA THR A 275 31.21 4.23 20.82
C THR A 275 29.99 4.12 21.71
N ASN A 276 29.38 5.26 22.00
CA ASN A 276 28.23 5.29 22.90
C ASN A 276 26.93 5.17 22.16
N THR A 277 26.85 4.42 21.06
CA THR A 277 25.53 4.10 20.54
C THR A 277 24.75 3.22 21.51
N ILE A 278 25.41 2.62 22.49
CA ILE A 278 24.80 1.77 23.50
C ILE A 278 25.36 2.22 24.85
N PRO A 279 24.55 2.34 25.90
CA PRO A 279 25.10 2.73 27.21
C PRO A 279 26.13 1.71 27.70
N GLN A 280 27.31 2.21 28.04
CA GLN A 280 28.37 1.35 28.52
C GLN A 280 28.74 1.68 29.96
N GLU A 281 28.08 2.55 30.62
CA GLU A 281 28.63 2.82 31.88
C GLU A 281 28.65 1.68 32.84
N ASP A 282 27.61 0.88 32.94
CA ASP A 282 27.65 -0.18 33.94
C ASP A 282 28.63 -1.29 33.61
N LYS A 283 29.17 -1.31 32.42
CA LYS A 283 30.16 -2.27 31.96
C LYS A 283 31.53 -1.93 32.23
N MET A 284 31.84 -0.67 32.25
CA MET A 284 33.20 -0.30 32.61
C MET A 284 33.44 -0.44 34.11
N LYS A 285 32.39 -0.48 34.85
CA LYS A 285 32.48 -0.67 36.25
C LYS A 285 32.86 -2.10 36.55
N HIS A 286 32.72 -2.95 35.56
CA HIS A 286 33.11 -4.32 35.65
C HIS A 286 34.18 -4.68 34.70
N CYS A 287 34.57 -3.77 33.91
CA CYS A 287 35.65 -4.00 32.95
C CYS A 287 36.44 -2.71 32.81
N THR A 288 37.68 -2.70 33.25
CA THR A 288 38.47 -1.50 33.15
C THR A 288 39.03 -1.24 31.76
N LYS A 289 38.89 -2.20 30.83
CA LYS A 289 39.46 -2.05 29.50
C LYS A 289 38.57 -1.30 28.51
N ILE A 290 37.32 -1.13 28.85
CA ILE A 290 36.41 -0.47 27.98
C ILE A 290 36.55 1.02 28.10
N GLN A 291 36.66 1.66 26.97
CA GLN A 291 36.76 3.08 26.91
C GLN A 291 35.67 3.52 25.97
N VAL A 292 35.16 4.73 26.13
CA VAL A 292 34.07 5.17 25.28
C VAL A 292 34.34 6.39 24.41
N ILE A 293 33.89 6.33 23.18
CA ILE A 293 33.98 7.41 22.24
C ILE A 293 32.59 7.96 22.07
N ASP A 294 32.42 9.25 22.27
CA ASP A 294 31.14 9.91 22.17
C ASP A 294 30.87 10.26 20.75
N ILE A 295 29.70 9.94 20.29
CA ILE A 295 29.35 10.28 18.92
C ILE A 295 28.13 11.18 18.86
N SER A 296 27.77 11.82 19.99
CA SER A 296 26.65 12.76 19.95
C SER A 296 26.86 13.89 18.97
N MET A 297 28.07 14.18 18.57
CA MET A 297 28.19 15.16 17.56
C MET A 297 27.62 14.67 16.30
N ILE A 298 27.79 13.45 15.91
CA ILE A 298 27.37 13.00 14.60
C ILE A 298 25.85 12.94 14.50
N LEU A 299 25.21 12.32 15.49
CA LEU A 299 23.75 12.28 15.55
C LEU A 299 23.15 13.68 15.69
N ALA A 300 23.79 14.54 16.47
CA ALA A 300 23.27 15.90 16.64
C ALA A 300 23.32 16.67 15.32
N GLU A 301 24.45 16.59 14.62
CA GLU A 301 24.61 17.29 13.35
C GLU A 301 23.71 16.70 12.26
N ALA A 302 23.48 15.38 12.29
CA ALA A 302 22.55 14.76 11.35
C ALA A 302 21.12 15.24 11.61
N ILE A 303 20.75 15.37 12.88
CA ILE A 303 19.43 15.90 13.20
C ILE A 303 19.31 17.35 12.75
N ARG A 304 20.31 18.16 13.09
CA ARG A 304 20.24 19.56 12.68
C ARG A 304 20.19 19.71 11.17
N ARG A 305 20.92 18.86 10.49
CA ARG A 305 20.99 18.79 9.02
C ARG A 305 19.66 18.39 8.42
N THR A 306 19.01 17.41 9.00
CA THR A 306 17.75 16.86 8.50
C THR A 306 16.59 17.81 8.75
N HIS A 307 16.73 18.73 9.69
CA HIS A 307 15.73 19.75 9.94
C HIS A 307 15.84 20.94 8.95
N ASN A 308 16.82 21.81 9.09
CA ASN A 308 16.88 22.96 8.22
C ASN A 308 18.25 23.29 7.63
N GLY A 309 18.78 22.34 6.88
CA GLY A 309 20.08 22.35 6.19
C GLY A 309 21.36 22.39 7.04
N SER B 1 -4.39 -26.94 -11.69
CA SER B 1 -3.74 -27.37 -12.92
C SER B 1 -2.79 -26.36 -13.58
N PRO B 2 -1.96 -25.66 -12.80
CA PRO B 2 -0.94 -24.84 -13.37
C PRO B 2 0.09 -25.74 -14.03
N ASN B 3 0.67 -25.29 -15.12
CA ASN B 3 1.73 -26.02 -15.85
C ASN B 3 2.90 -25.07 -15.95
N ILE B 4 4.12 -25.58 -15.99
CA ILE B 4 5.20 -24.56 -16.05
C ILE B 4 5.20 -23.93 -17.42
N VAL B 5 5.52 -22.65 -17.52
CA VAL B 5 5.60 -21.99 -18.81
C VAL B 5 6.89 -21.19 -18.85
N LEU B 6 7.65 -21.34 -19.93
CA LEU B 6 8.94 -20.68 -20.10
C LEU B 6 8.82 -19.66 -21.20
N PHE B 7 9.00 -18.38 -20.85
CA PHE B 7 9.10 -17.31 -21.81
C PHE B 7 10.52 -16.77 -21.83
N SER B 8 11.06 -16.54 -23.02
CA SER B 8 12.39 -15.99 -23.16
C SER B 8 12.31 -14.57 -23.70
N GLY B 9 13.20 -13.71 -23.23
CA GLY B 9 13.27 -12.37 -23.74
C GLY B 9 14.33 -12.25 -24.82
N SER B 10 14.85 -11.03 -24.97
CA SER B 10 15.84 -10.75 -25.98
C SER B 10 17.27 -10.87 -25.46
N SER B 11 17.43 -10.87 -24.17
CA SER B 11 18.71 -10.91 -23.56
C SER B 11 19.53 -12.07 -23.74
N HIS B 12 19.01 -13.24 -23.57
CA HIS B 12 19.83 -14.40 -23.53
C HIS B 12 19.07 -15.63 -23.86
N GLN B 13 18.77 -15.78 -25.13
CA GLN B 13 18.02 -16.84 -25.71
C GLN B 13 18.66 -18.18 -25.63
N ASP B 14 19.95 -18.27 -25.79
CA ASP B 14 20.60 -19.56 -25.71
C ASP B 14 20.39 -20.15 -24.34
N LEU B 15 20.54 -19.36 -23.29
CA LEU B 15 20.38 -19.80 -21.94
C LEU B 15 18.98 -20.22 -21.64
N SER B 16 18.03 -19.50 -22.15
CA SER B 16 16.66 -19.85 -21.95
C SER B 16 16.33 -21.18 -22.52
N GLN B 17 16.81 -21.49 -23.70
CA GLN B 17 16.51 -22.75 -24.28
C GLN B 17 17.15 -23.83 -23.54
N ARG B 18 18.33 -23.55 -23.08
CA ARG B 18 19.12 -24.46 -22.37
C ARG B 18 18.46 -24.89 -21.11
N VAL B 19 17.85 -24.03 -20.31
CA VAL B 19 17.12 -24.52 -19.16
C VAL B 19 15.85 -25.25 -19.60
N ALA B 20 15.25 -24.82 -20.73
CA ALA B 20 14.04 -25.46 -21.22
C ALA B 20 14.28 -26.92 -21.54
N ASP B 21 15.46 -27.22 -22.04
CA ASP B 21 15.86 -28.56 -22.35
C ASP B 21 15.95 -29.41 -21.13
N ARG B 22 16.45 -28.80 -20.07
CA ARG B 22 16.58 -29.42 -18.77
C ARG B 22 15.26 -29.75 -18.11
N LEU B 23 14.22 -28.98 -18.41
CA LEU B 23 12.88 -29.15 -17.92
C LEU B 23 12.01 -29.96 -18.86
N GLY B 24 12.47 -30.20 -20.09
CA GLY B 24 11.72 -31.00 -21.02
C GLY B 24 10.56 -30.30 -21.71
N LEU B 25 10.55 -28.96 -21.73
CA LEU B 25 9.43 -28.28 -22.36
C LEU B 25 9.88 -27.42 -23.53
N GLU B 26 8.89 -26.84 -24.18
CA GLU B 26 9.05 -25.87 -25.24
C GLU B 26 9.07 -24.49 -24.60
N LEU B 27 9.53 -23.49 -25.36
CA LEU B 27 9.44 -22.13 -24.86
C LEU B 27 8.16 -21.47 -25.37
N GLY B 28 7.67 -20.53 -24.59
CA GLY B 28 6.41 -19.91 -24.87
C GLY B 28 6.49 -18.89 -26.00
N LYS B 29 5.52 -18.88 -26.84
CA LYS B 29 5.63 -18.01 -27.90
C LYS B 29 5.42 -16.63 -27.50
N VAL B 30 6.39 -15.80 -27.76
CA VAL B 30 6.26 -14.37 -27.51
C VAL B 30 7.11 -13.66 -28.55
N VAL B 31 6.57 -12.58 -29.13
CA VAL B 31 7.30 -11.76 -30.07
C VAL B 31 7.62 -10.44 -29.39
N THR B 32 8.90 -10.12 -29.29
CA THR B 32 9.36 -8.85 -28.73
C THR B 32 10.09 -8.07 -29.81
N LYS B 33 9.60 -6.86 -30.08
CA LYS B 33 10.09 -6.03 -31.16
C LYS B 33 10.03 -4.57 -30.72
N LYS B 34 10.88 -3.77 -31.30
CA LYS B 34 10.83 -2.39 -31.01
C LYS B 34 10.18 -1.72 -32.19
N PHE B 35 9.40 -0.73 -31.88
CA PHE B 35 8.68 0.09 -32.83
C PHE B 35 9.62 1.04 -33.50
N SER B 36 9.15 1.74 -34.53
CA SER B 36 10.03 2.62 -35.29
C SER B 36 10.61 3.63 -34.40
N ASN B 37 9.83 4.08 -33.43
CA ASN B 37 10.34 5.06 -32.48
C ASN B 37 11.04 4.42 -31.28
N GLN B 38 11.46 3.20 -31.44
CA GLN B 38 12.17 2.53 -30.41
C GLN B 38 11.44 2.29 -29.09
N GLU B 39 10.16 2.19 -29.13
CA GLU B 39 9.46 1.81 -27.96
C GLU B 39 9.34 0.32 -28.01
N THR B 40 9.57 -0.28 -26.89
CA THR B 40 9.45 -1.72 -26.72
C THR B 40 8.00 -2.19 -26.91
N SER B 41 7.91 -3.30 -27.57
CA SER B 41 6.68 -3.96 -27.88
C SER B 41 6.74 -5.39 -27.46
N VAL B 42 5.70 -5.89 -26.84
CA VAL B 42 5.66 -7.30 -26.49
C VAL B 42 4.26 -7.80 -26.76
N GLU B 43 4.15 -8.95 -27.44
CA GLU B 43 2.86 -9.56 -27.76
C GLU B 43 2.95 -11.05 -27.46
N ILE B 44 2.33 -11.49 -26.38
CA ILE B 44 2.34 -12.91 -26.05
C ILE B 44 1.45 -13.68 -27.02
N GLY B 45 1.93 -14.85 -27.41
CA GLY B 45 1.29 -15.67 -28.41
C GLY B 45 0.55 -16.86 -27.81
N GLU B 46 0.56 -16.99 -26.54
CA GLU B 46 -0.19 -18.07 -25.98
C GLU B 46 -1.01 -17.66 -24.80
N SER B 47 -1.86 -18.53 -24.34
CA SER B 47 -2.71 -18.25 -23.19
C SER B 47 -1.90 -18.53 -21.94
N VAL B 48 -1.98 -17.65 -20.95
CA VAL B 48 -1.27 -17.86 -19.70
C VAL B 48 -2.21 -17.92 -18.51
N ARG B 49 -3.50 -18.12 -18.75
CA ARG B 49 -4.48 -18.18 -17.67
C ARG B 49 -4.26 -19.41 -16.80
N GLY B 50 -4.17 -19.21 -15.50
CA GLY B 50 -3.96 -20.32 -14.60
C GLY B 50 -2.62 -21.00 -14.75
N GLU B 51 -1.64 -20.32 -15.34
CA GLU B 51 -0.35 -20.92 -15.63
C GLU B 51 0.70 -20.40 -14.66
N ASP B 52 1.76 -21.19 -14.51
CA ASP B 52 2.94 -20.80 -13.74
C ASP B 52 3.95 -20.26 -14.75
N VAL B 53 4.04 -18.95 -14.85
CA VAL B 53 4.83 -18.33 -15.91
C VAL B 53 6.23 -18.04 -15.37
N TYR B 54 7.23 -18.29 -16.22
CA TYR B 54 8.62 -18.01 -15.91
C TYR B 54 9.22 -17.28 -17.10
N ILE B 55 9.76 -16.10 -16.86
CA ILE B 55 10.37 -15.30 -17.92
C ILE B 55 11.85 -15.18 -17.60
N ILE B 56 12.70 -15.63 -18.52
CA ILE B 56 14.14 -15.66 -18.29
C ILE B 56 14.73 -14.48 -19.03
N GLN B 57 15.21 -13.50 -18.26
CA GLN B 57 15.84 -12.28 -18.73
C GLN B 57 17.07 -11.83 -17.96
N SER B 58 18.28 -11.75 -18.51
CA SER B 58 19.42 -11.33 -17.72
C SER B 58 19.65 -9.84 -17.92
N GLY B 59 20.26 -9.22 -16.92
CA GLY B 59 20.60 -7.83 -17.03
C GLY B 59 21.84 -7.65 -17.88
N CYS B 60 21.69 -7.70 -19.16
CA CYS B 60 22.86 -7.50 -19.95
C CYS B 60 22.54 -6.79 -21.23
N GLY B 61 23.58 -6.43 -21.96
CA GLY B 61 23.43 -5.73 -23.22
C GLY B 61 22.63 -4.49 -22.96
N GLU B 62 21.58 -4.31 -23.70
CA GLU B 62 20.84 -3.09 -23.70
C GLU B 62 20.05 -3.13 -22.41
N ILE B 63 20.65 -2.76 -21.31
CA ILE B 63 19.95 -2.83 -20.06
C ILE B 63 18.57 -2.27 -19.89
N ASN B 64 18.35 -1.00 -20.26
CA ASN B 64 17.03 -0.39 -20.04
C ASN B 64 15.99 -0.93 -21.01
N ASP B 65 16.45 -1.35 -22.16
CA ASP B 65 15.64 -2.01 -23.15
C ASP B 65 15.20 -3.38 -22.72
N ASN B 66 16.14 -4.13 -22.20
CA ASN B 66 15.89 -5.45 -21.68
C ASN B 66 15.08 -5.48 -20.44
N LEU B 67 15.33 -4.57 -19.50
CA LEU B 67 14.54 -4.50 -18.27
C LEU B 67 13.13 -4.01 -18.58
N MET B 68 13.00 -3.02 -19.47
CA MET B 68 11.67 -2.51 -19.77
C MET B 68 10.82 -3.55 -20.48
N GLU B 69 11.48 -4.38 -21.21
CA GLU B 69 10.86 -5.48 -21.86
C GLU B 69 10.41 -6.50 -20.91
N LEU B 70 11.23 -6.78 -19.96
CA LEU B 70 10.89 -7.67 -18.86
C LEU B 70 9.68 -7.19 -18.09
N LEU B 71 9.63 -5.90 -17.78
CA LEU B 71 8.50 -5.33 -17.05
C LEU B 71 7.21 -5.39 -17.86
N ILE B 72 7.30 -5.11 -19.17
CA ILE B 72 6.10 -5.16 -19.99
C ILE B 72 5.58 -6.60 -20.09
N MET B 73 6.49 -7.56 -20.18
CA MET B 73 6.06 -8.95 -20.30
C MET B 73 5.48 -9.47 -19.00
N ILE B 74 6.03 -9.02 -17.87
CA ILE B 74 5.45 -9.36 -16.57
C ILE B 74 4.05 -8.77 -16.42
N ASN B 75 3.91 -7.53 -16.78
CA ASN B 75 2.61 -7.01 -16.61
C ASN B 75 1.65 -7.76 -17.48
N ALA B 76 2.07 -8.06 -18.69
CA ALA B 76 1.16 -8.65 -19.66
C ALA B 76 0.71 -10.01 -19.19
N CYS B 77 1.60 -10.76 -18.55
CA CYS B 77 1.18 -12.03 -17.96
C CYS B 77 0.37 -11.80 -16.69
N LYS B 78 0.54 -10.77 -15.89
CA LYS B 78 -0.40 -10.57 -14.80
C LYS B 78 -1.76 -10.08 -15.24
N ILE B 79 -1.90 -9.09 -16.12
CA ILE B 79 -3.26 -8.75 -16.54
C ILE B 79 -3.95 -9.90 -17.27
N ALA B 80 -3.21 -10.91 -17.69
CA ALA B 80 -3.78 -12.05 -18.40
C ALA B 80 -4.18 -13.18 -17.47
N SER B 81 -4.24 -12.94 -16.16
CA SER B 81 -4.75 -13.91 -15.18
C SER B 81 -3.86 -15.14 -15.06
N SER B 82 -2.55 -14.92 -14.94
CA SER B 82 -1.63 -16.00 -14.65
C SER B 82 -1.74 -16.40 -13.18
N SER B 83 -1.47 -17.67 -12.90
CA SER B 83 -1.46 -18.18 -11.54
C SER B 83 -0.38 -17.58 -10.70
N ARG B 84 0.75 -17.41 -11.35
CA ARG B 84 1.90 -16.77 -10.82
C ARG B 84 2.86 -16.34 -11.90
N VAL B 85 3.62 -15.33 -11.61
CA VAL B 85 4.62 -14.88 -12.57
C VAL B 85 5.95 -14.73 -11.84
N THR B 86 6.98 -15.38 -12.35
CA THR B 86 8.30 -15.36 -11.76
C THR B 86 9.30 -14.80 -12.75
N ALA B 87 10.03 -13.78 -12.33
CA ALA B 87 11.09 -13.19 -13.15
C ALA B 87 12.41 -13.86 -12.79
N VAL B 88 12.99 -14.57 -13.75
CA VAL B 88 14.29 -15.21 -13.59
C VAL B 88 15.34 -14.28 -14.13
N ILE B 89 16.15 -13.70 -13.25
CA ILE B 89 17.13 -12.68 -13.64
C ILE B 89 18.53 -13.19 -13.36
N PRO B 90 19.19 -13.90 -14.27
CA PRO B 90 20.48 -14.51 -13.91
C PRO B 90 21.49 -13.52 -13.37
N CYS B 91 21.64 -12.37 -14.02
CA CYS B 91 22.49 -11.28 -13.53
C CYS B 91 21.60 -10.07 -13.27
N PHE B 92 21.43 -9.71 -12.00
CA PHE B 92 20.50 -8.63 -11.64
C PHE B 92 21.12 -7.27 -11.97
N PRO B 93 20.44 -6.44 -12.77
CA PRO B 93 21.01 -5.14 -13.14
C PRO B 93 21.00 -4.15 -11.99
N TYR B 94 21.88 -3.16 -12.10
CA TYR B 94 21.98 -2.04 -11.16
C TYR B 94 22.33 -2.50 -9.75
N ALA B 95 22.89 -3.70 -9.62
CA ALA B 95 23.23 -4.25 -8.31
C ALA B 95 24.39 -3.48 -7.69
N ARG B 96 25.21 -2.96 -8.54
CA ARG B 96 26.37 -2.22 -8.20
C ARG B 96 26.16 -0.80 -7.81
N GLN B 97 27.10 -0.27 -7.12
CA GLN B 97 26.94 1.09 -6.67
C GLN B 97 28.10 2.04 -6.98
N LYS B 102 31.67 8.70 0.19
CA LYS B 102 31.40 9.86 1.09
C LYS B 102 32.05 9.63 2.45
N VAL B 103 32.60 10.63 3.11
CA VAL B 103 33.09 10.28 4.43
C VAL B 103 31.90 10.48 5.32
N GLY B 104 31.75 9.72 6.36
CA GLY B 104 30.69 9.95 7.29
C GLY B 104 29.35 9.32 7.17
N GLU B 105 29.05 8.83 5.99
CA GLU B 105 27.83 8.17 5.71
C GLU B 105 27.94 7.33 4.48
N SER B 106 26.97 6.46 4.32
CA SER B 106 26.90 5.62 3.17
C SER B 106 25.82 6.05 2.24
N ARG B 107 25.95 5.71 0.98
CA ARG B 107 24.97 5.95 -0.04
C ARG B 107 23.91 4.88 -0.02
N ALA B 108 22.78 5.12 -0.63
CA ALA B 108 21.74 4.12 -0.62
C ALA B 108 21.63 3.41 -1.92
N PRO B 109 21.41 2.12 -1.92
CA PRO B 109 21.30 1.48 -3.20
C PRO B 109 19.98 1.96 -3.65
N ILE B 110 20.01 2.94 -4.51
CA ILE B 110 18.84 3.50 -4.97
C ILE B 110 18.42 3.09 -6.31
N SER B 111 19.27 2.55 -7.09
CA SER B 111 18.89 1.97 -8.39
C SER B 111 18.41 0.53 -8.23
N ALA B 112 19.09 -0.25 -7.40
CA ALA B 112 18.70 -1.65 -7.22
C ALA B 112 17.30 -1.76 -6.62
N LYS B 113 17.07 -0.88 -5.71
CA LYS B 113 15.86 -0.72 -5.03
C LYS B 113 14.74 -0.24 -5.92
N LEU B 114 15.08 0.55 -6.87
CA LEU B 114 14.20 1.11 -7.88
C LEU B 114 13.78 0.03 -8.84
N VAL B 115 14.70 -0.82 -9.28
CA VAL B 115 14.33 -1.94 -10.13
C VAL B 115 13.50 -2.95 -9.35
N ALA B 116 13.76 -3.08 -8.04
CA ALA B 116 12.96 -3.97 -7.22
C ALA B 116 11.50 -3.53 -7.21
N ASN B 117 11.46 -2.25 -7.06
CA ASN B 117 10.10 -1.75 -7.04
C ASN B 117 9.48 -1.82 -8.43
N MET B 118 10.26 -1.63 -9.50
CA MET B 118 9.63 -1.69 -10.81
C MET B 118 9.20 -3.11 -11.16
N LEU B 119 9.98 -4.11 -10.74
CA LEU B 119 9.52 -5.48 -10.92
C LEU B 119 8.29 -5.77 -10.06
N SER B 120 8.24 -5.23 -8.84
CA SER B 120 7.10 -5.48 -7.95
C SER B 120 5.84 -4.80 -8.49
N VAL B 121 5.97 -3.55 -8.90
CA VAL B 121 4.89 -2.79 -9.49
C VAL B 121 4.43 -3.40 -10.80
N ALA B 122 5.34 -4.02 -11.56
CA ALA B 122 4.89 -4.69 -12.76
C ALA B 122 3.99 -5.88 -12.44
N GLY B 123 4.21 -6.53 -11.30
CA GLY B 123 3.34 -7.61 -10.92
C GLY B 123 4.07 -8.91 -10.64
N ALA B 124 5.38 -8.85 -10.48
CA ALA B 124 6.15 -10.04 -10.20
C ALA B 124 5.76 -10.65 -8.86
N ASP B 125 5.74 -11.98 -8.79
CA ASP B 125 5.46 -12.68 -7.54
C ASP B 125 6.64 -13.46 -7.01
N HIS B 126 7.74 -13.55 -7.75
CA HIS B 126 8.87 -14.33 -7.31
C HIS B 126 10.07 -13.91 -8.15
N ILE B 127 11.26 -13.97 -7.56
CA ILE B 127 12.52 -13.63 -8.24
C ILE B 127 13.51 -14.75 -8.01
N ILE B 128 14.14 -15.14 -9.11
CA ILE B 128 15.24 -16.12 -9.19
C ILE B 128 16.42 -15.49 -9.90
N THR B 129 17.46 -15.31 -9.17
CA THR B 129 18.65 -14.72 -9.73
C THR B 129 19.83 -15.51 -9.22
N MET B 130 20.97 -15.15 -9.72
CA MET B 130 22.17 -15.79 -9.30
C MET B 130 23.28 -14.87 -8.82
N ASP B 131 23.87 -15.22 -7.72
CA ASP B 131 24.98 -14.41 -7.24
C ASP B 131 24.83 -12.90 -7.17
N LEU B 132 23.85 -12.42 -6.43
CA LEU B 132 23.67 -10.99 -6.34
C LEU B 132 24.95 -10.35 -5.86
N HIS B 133 25.18 -9.10 -6.27
CA HIS B 133 26.36 -8.38 -5.80
C HIS B 133 26.37 -8.22 -4.29
N ALA B 134 25.19 -8.10 -3.68
CA ALA B 134 25.03 -8.15 -2.25
C ALA B 134 23.79 -8.97 -1.97
N SER B 135 23.90 -9.97 -1.09
CA SER B 135 22.77 -10.85 -0.86
C SER B 135 21.59 -10.09 -0.27
N GLN B 136 21.83 -9.00 0.44
CA GLN B 136 20.75 -8.24 1.04
C GLN B 136 19.81 -7.63 0.01
N ILE B 137 20.14 -7.73 -1.29
CA ILE B 137 19.17 -7.30 -2.30
C ILE B 137 17.91 -8.15 -2.24
N GLN B 138 17.99 -9.37 -1.67
CA GLN B 138 16.77 -10.14 -1.42
C GLN B 138 15.78 -9.34 -0.60
N GLY B 139 16.27 -8.51 0.31
CA GLY B 139 15.39 -7.69 1.11
C GLY B 139 14.86 -6.47 0.42
N PHE B 140 15.24 -6.18 -0.82
CA PHE B 140 14.66 -5.04 -1.52
C PHE B 140 13.25 -5.35 -2.03
N PHE B 141 12.78 -6.58 -1.84
CA PHE B 141 11.46 -7.01 -2.23
C PHE B 141 10.74 -7.46 -0.97
N ASP B 142 9.46 -7.71 -1.16
CA ASP B 142 8.60 -8.27 -0.15
C ASP B 142 8.08 -9.59 -0.61
N ILE B 143 8.65 -10.09 -1.69
CA ILE B 143 8.29 -11.32 -2.35
C ILE B 143 9.49 -12.23 -2.29
N PRO B 144 9.32 -13.54 -2.36
CA PRO B 144 10.45 -14.46 -2.27
C PRO B 144 11.48 -14.21 -3.36
N VAL B 145 12.74 -14.27 -2.96
CA VAL B 145 13.84 -14.10 -3.85
C VAL B 145 14.86 -15.18 -3.62
N ASP B 146 15.18 -15.96 -4.65
CA ASP B 146 16.09 -17.10 -4.56
C ASP B 146 17.47 -16.78 -5.13
N ASN B 147 18.21 -15.95 -4.41
CA ASN B 147 19.57 -15.61 -4.80
C ASN B 147 20.48 -16.84 -4.78
N LEU B 148 20.67 -17.48 -5.93
CA LEU B 148 21.43 -18.72 -6.00
C LEU B 148 22.94 -18.48 -6.10
N TYR B 149 23.67 -19.52 -5.81
CA TYR B 149 25.10 -19.49 -5.82
C TYR B 149 25.71 -20.31 -6.89
N ALA B 150 26.77 -19.81 -7.47
CA ALA B 150 27.49 -20.57 -8.46
C ALA B 150 28.67 -21.32 -7.87
N GLU B 151 28.95 -21.27 -6.58
CA GLU B 151 30.13 -21.93 -6.05
C GLU B 151 30.20 -23.39 -6.30
N PRO B 152 29.17 -24.14 -6.06
CA PRO B 152 29.38 -25.56 -6.39
C PRO B 152 30.05 -25.78 -7.74
N ALA B 153 29.53 -25.15 -8.80
CA ALA B 153 30.09 -25.36 -10.13
C ALA B 153 31.48 -24.78 -10.24
N VAL B 154 31.78 -23.71 -9.47
CA VAL B 154 33.11 -23.13 -9.49
C VAL B 154 34.12 -24.05 -8.80
N LEU B 155 33.77 -24.60 -7.64
CA LEU B 155 34.68 -25.53 -6.99
C LEU B 155 34.91 -26.77 -7.84
N GLN B 156 33.87 -27.25 -8.51
CA GLN B 156 33.94 -28.42 -9.37
C GLN B 156 34.83 -28.18 -10.55
N TRP B 157 34.65 -27.06 -11.16
CA TRP B 157 35.52 -26.66 -12.27
C TRP B 157 36.96 -26.55 -11.79
N ILE B 158 37.16 -26.04 -10.58
CA ILE B 158 38.52 -25.77 -10.10
C ILE B 158 39.25 -27.07 -9.83
N ARG B 159 38.60 -27.99 -9.19
CA ARG B 159 39.18 -29.25 -8.91
C ARG B 159 39.48 -30.05 -10.16
N GLU B 160 38.60 -29.95 -11.14
CA GLU B 160 38.72 -30.68 -12.37
C GLU B 160 39.43 -30.05 -13.49
N ASN B 161 39.96 -28.87 -13.32
CA ASN B 161 40.68 -28.19 -14.39
C ASN B 161 42.02 -27.59 -13.99
N ILE B 162 42.31 -27.41 -12.71
CA ILE B 162 43.58 -26.90 -12.23
C ILE B 162 44.28 -28.03 -11.48
N ALA B 163 45.40 -28.48 -12.04
CA ALA B 163 46.08 -29.66 -11.49
C ALA B 163 46.54 -29.44 -10.06
N GLU B 164 47.05 -28.26 -9.77
CA GLU B 164 47.62 -28.02 -8.49
C GLU B 164 46.73 -27.39 -7.47
N TRP B 165 45.46 -27.73 -7.53
CA TRP B 165 44.46 -27.01 -6.75
C TRP B 165 44.60 -27.24 -5.25
N LYS B 166 45.17 -28.34 -4.85
CA LYS B 166 45.29 -28.62 -3.48
C LYS B 166 46.21 -27.70 -2.82
N ASN B 167 47.05 -27.08 -3.57
CA ASN B 167 48.05 -26.10 -3.16
C ASN B 167 47.91 -24.83 -3.99
N CYS B 168 46.70 -24.32 -4.11
CA CYS B 168 46.52 -23.05 -4.79
C CYS B 168 46.17 -21.99 -3.75
N ILE B 169 45.88 -20.80 -4.23
CA ILE B 169 45.46 -19.72 -3.36
C ILE B 169 44.38 -18.92 -4.06
N ILE B 170 43.33 -18.59 -3.32
CA ILE B 170 42.23 -17.83 -3.86
C ILE B 170 42.45 -16.39 -3.41
N VAL B 171 42.41 -15.47 -4.37
CA VAL B 171 42.85 -14.11 -4.14
C VAL B 171 41.65 -13.20 -4.36
N SER B 172 41.51 -12.14 -3.64
CA SER B 172 40.40 -11.35 -3.98
C SER B 172 40.96 -10.06 -4.50
N PRO B 173 40.47 -9.62 -5.66
CA PRO B 173 40.95 -8.44 -6.28
C PRO B 173 40.74 -7.11 -5.54
N ASP B 174 40.00 -7.13 -4.47
CA ASP B 174 39.48 -6.02 -3.64
C ASP B 174 39.40 -6.32 -2.12
N ALA B 175 38.75 -5.36 -1.42
CA ALA B 175 38.51 -5.54 0.00
C ALA B 175 37.09 -5.96 0.32
N GLY B 176 36.29 -6.28 -0.70
CA GLY B 176 34.89 -6.58 -0.47
C GLY B 176 34.53 -8.01 -0.80
N GLY B 177 35.33 -8.62 -1.66
CA GLY B 177 35.16 -10.02 -2.00
C GLY B 177 35.84 -10.98 -1.05
N ALA B 178 36.27 -10.50 0.12
CA ALA B 178 37.03 -11.36 1.03
C ALA B 178 36.20 -12.54 1.48
N LYS B 179 34.99 -12.28 1.99
CA LYS B 179 34.17 -13.40 2.41
C LYS B 179 33.79 -14.27 1.24
N ARG B 180 33.84 -13.80 0.04
CA ARG B 180 33.66 -14.64 -1.10
C ARG B 180 34.86 -15.52 -1.32
N VAL B 181 36.06 -14.96 -1.19
CA VAL B 181 37.22 -15.76 -1.37
C VAL B 181 37.61 -16.69 -0.29
N THR B 182 37.25 -16.45 0.96
CA THR B 182 37.61 -17.39 2.00
C THR B 182 36.70 -18.56 1.94
N SER B 183 35.49 -18.35 1.47
CA SER B 183 34.53 -19.39 1.25
C SER B 183 35.12 -20.53 0.45
N ILE B 184 35.74 -20.23 -0.68
CA ILE B 184 36.39 -21.18 -1.59
C ILE B 184 37.54 -21.85 -0.86
N ALA B 185 38.34 -21.05 -0.16
CA ALA B 185 39.51 -21.60 0.51
C ALA B 185 39.11 -22.72 1.46
N ASP B 186 38.08 -22.46 2.20
CA ASP B 186 37.64 -23.37 3.18
C ASP B 186 37.17 -24.68 2.63
N ARG B 187 36.74 -24.64 1.40
CA ARG B 187 36.28 -25.76 0.68
C ARG B 187 37.29 -26.51 -0.11
N LEU B 188 38.49 -25.96 -0.32
CA LEU B 188 39.62 -26.59 -0.96
C LEU B 188 40.78 -26.81 0.02
N ASN B 189 40.56 -26.45 1.24
CA ASN B 189 41.58 -26.53 2.21
C ASN B 189 42.77 -25.74 1.75
N VAL B 190 42.54 -24.64 1.10
CA VAL B 190 43.59 -23.81 0.61
C VAL B 190 43.45 -22.42 1.13
N GLU B 191 44.52 -21.68 1.12
CA GLU B 191 44.50 -20.33 1.60
C GLU B 191 44.15 -19.33 0.58
N PHE B 192 44.00 -18.10 0.99
CA PHE B 192 43.66 -17.04 0.09
C PHE B 192 44.49 -15.83 0.35
N ALA B 193 44.43 -14.91 -0.55
CA ALA B 193 45.14 -13.69 -0.42
C ALA B 193 44.33 -12.53 -0.74
N LEU B 194 44.70 -11.42 -0.23
CA LEU B 194 43.87 -10.28 -0.58
C LEU B 194 44.69 -9.14 -1.18
N ILE B 195 44.11 -8.46 -2.17
CA ILE B 195 44.74 -7.32 -2.83
C ILE B 195 43.95 -6.07 -2.51
N HIS B 196 44.65 -4.98 -2.29
CA HIS B 196 44.10 -3.71 -2.03
C HIS B 196 44.76 -2.65 -2.93
N LYS B 197 44.02 -1.69 -3.40
CA LYS B 197 44.63 -0.63 -4.12
C LYS B 197 44.70 0.52 -3.18
N GLU B 198 45.93 0.83 -2.86
CA GLU B 198 46.34 1.90 -2.03
C GLU B 198 47.46 2.40 -2.86
N ARG B 207 49.23 1.85 -7.09
CA ARG B 207 50.01 1.02 -6.19
C ARG B 207 49.16 0.03 -5.44
N MET B 208 49.19 -1.18 -5.92
CA MET B 208 48.45 -2.26 -5.28
C MET B 208 49.33 -3.01 -4.30
N VAL B 209 48.75 -3.36 -3.17
CA VAL B 209 49.45 -4.11 -2.13
C VAL B 209 48.79 -5.49 -2.04
N LEU B 210 49.55 -6.52 -1.67
CA LEU B 210 48.99 -7.84 -1.46
C LEU B 210 49.27 -8.33 -0.04
N VAL B 211 48.31 -8.99 0.58
CA VAL B 211 48.49 -9.57 1.91
C VAL B 211 48.33 -11.05 1.68
N GLY B 212 49.24 -11.82 2.22
CA GLY B 212 49.31 -13.23 1.88
C GLY B 212 50.62 -13.59 1.22
N ASP B 213 50.77 -14.88 0.95
CA ASP B 213 51.97 -15.52 0.41
C ASP B 213 51.65 -16.23 -0.84
N VAL B 214 52.24 -15.82 -1.92
CA VAL B 214 51.88 -16.36 -3.22
C VAL B 214 53.02 -17.10 -3.89
N LYS B 215 54.26 -16.88 -3.45
CA LYS B 215 55.45 -17.39 -4.12
C LYS B 215 55.31 -18.87 -4.42
N ASP B 216 55.41 -19.19 -5.68
CA ASP B 216 55.40 -20.54 -6.16
C ASP B 216 54.12 -21.28 -6.08
N ARG B 217 53.04 -20.53 -6.03
CA ARG B 217 51.71 -21.12 -5.97
C ARG B 217 50.83 -20.57 -7.09
N VAL B 218 49.80 -21.34 -7.43
CA VAL B 218 48.83 -20.95 -8.44
C VAL B 218 47.78 -20.05 -7.82
N ALA B 219 47.65 -18.84 -8.34
CA ALA B 219 46.71 -17.86 -7.83
C ALA B 219 45.44 -17.86 -8.66
N ILE B 220 44.31 -17.68 -7.97
CA ILE B 220 42.98 -17.76 -8.55
C ILE B 220 42.22 -16.55 -8.05
N LEU B 221 42.13 -15.51 -8.85
CA LEU B 221 41.29 -14.38 -8.48
C LEU B 221 39.83 -14.80 -8.69
N VAL B 222 38.97 -14.55 -7.71
CA VAL B 222 37.55 -14.88 -7.83
C VAL B 222 36.73 -13.67 -7.44
N ASP B 223 35.66 -13.39 -8.15
CA ASP B 223 34.74 -12.31 -7.83
C ASP B 223 33.40 -12.60 -8.45
N ASP B 224 32.48 -11.68 -8.38
CA ASP B 224 31.14 -11.96 -8.91
C ASP B 224 30.97 -11.51 -10.35
N MET B 225 31.65 -10.44 -10.66
CA MET B 225 31.53 -9.92 -11.98
C MET B 225 32.76 -9.23 -12.50
N ALA B 226 32.85 -9.14 -13.82
CA ALA B 226 33.97 -8.48 -14.44
C ALA B 226 33.37 -7.67 -15.59
N ASP B 227 33.68 -6.40 -15.59
CA ASP B 227 33.14 -5.49 -16.54
C ASP B 227 34.25 -4.80 -17.34
N THR B 228 34.91 -3.81 -16.78
CA THR B 228 36.00 -3.19 -17.51
C THR B 228 37.32 -3.91 -17.34
N CYS B 229 37.45 -4.74 -16.30
CA CYS B 229 38.50 -5.75 -16.15
C CYS B 229 39.87 -5.20 -15.79
N GLY B 230 39.98 -3.91 -15.45
CA GLY B 230 41.29 -3.35 -15.14
C GLY B 230 41.88 -3.91 -13.86
N THR B 231 41.07 -3.98 -12.80
CA THR B 231 41.57 -4.41 -11.49
C THR B 231 42.10 -5.83 -11.54
N ILE B 232 41.45 -6.72 -12.28
CA ILE B 232 41.94 -8.10 -12.31
C ILE B 232 43.16 -8.25 -13.20
N CYS B 233 43.35 -7.38 -14.18
CA CYS B 233 44.56 -7.45 -14.99
C CYS B 233 45.78 -6.95 -14.22
N HIS B 234 45.63 -5.84 -13.56
CA HIS B 234 46.66 -5.35 -12.70
C HIS B 234 46.90 -6.24 -11.53
N ALA B 235 45.86 -6.90 -11.09
CA ALA B 235 45.95 -7.89 -10.02
C ALA B 235 46.75 -9.10 -10.46
N ALA B 236 46.53 -9.56 -11.70
CA ALA B 236 47.35 -10.64 -12.23
C ALA B 236 48.81 -10.22 -12.30
N ASP B 237 49.08 -8.99 -12.74
CA ASP B 237 50.47 -8.53 -12.83
C ASP B 237 51.14 -8.51 -11.47
N LYS B 238 50.46 -8.08 -10.44
CA LYS B 238 51.10 -8.16 -9.17
C LYS B 238 51.24 -9.53 -8.72
N LEU B 239 50.24 -10.35 -8.82
CA LEU B 239 50.37 -11.72 -8.35
C LEU B 239 51.57 -12.39 -8.98
N LEU B 240 51.84 -12.10 -10.26
CA LEU B 240 53.03 -12.65 -10.89
C LEU B 240 54.30 -11.97 -10.39
N SER B 241 54.20 -10.71 -9.98
CA SER B 241 55.35 -10.06 -9.37
C SER B 241 55.66 -10.64 -8.00
N ALA B 242 54.67 -11.21 -7.33
CA ALA B 242 54.87 -11.87 -6.05
C ALA B 242 55.30 -13.32 -6.18
N GLY B 243 55.47 -13.68 -7.53
CA GLY B 243 55.99 -15.02 -7.72
C GLY B 243 54.93 -16.08 -7.86
N ALA B 244 53.90 -15.92 -8.49
CA ALA B 244 52.83 -16.88 -8.74
C ALA B 244 53.12 -17.59 -10.05
N THR B 245 52.92 -18.91 -10.06
CA THR B 245 53.16 -19.67 -11.28
C THR B 245 52.11 -19.33 -12.34
N LYS B 246 50.86 -19.36 -11.95
CA LYS B 246 49.78 -19.12 -12.87
C LYS B 246 48.71 -18.22 -12.28
N VAL B 247 47.96 -17.51 -13.09
CA VAL B 247 46.85 -16.67 -12.66
C VAL B 247 45.60 -17.11 -13.38
N TYR B 248 44.55 -17.41 -12.61
CA TYR B 248 43.22 -17.63 -13.16
C TYR B 248 42.33 -16.50 -12.68
N ALA B 249 41.21 -16.32 -13.36
CA ALA B 249 40.21 -15.35 -12.96
C ALA B 249 38.86 -16.01 -13.14
N ILE B 250 38.13 -16.17 -12.04
CA ILE B 250 36.87 -16.90 -12.04
C ILE B 250 35.79 -15.94 -11.53
N LEU B 251 34.79 -15.72 -12.39
CA LEU B 251 33.71 -14.75 -12.23
C LEU B 251 32.38 -15.44 -12.49
N THR B 252 31.39 -15.17 -11.65
CA THR B 252 30.04 -15.57 -12.05
C THR B 252 29.53 -14.81 -13.28
N HIS B 253 29.43 -13.49 -13.19
CA HIS B 253 28.86 -12.68 -14.26
C HIS B 253 29.97 -12.05 -15.08
N GLY B 254 30.04 -12.43 -16.35
CA GLY B 254 31.02 -11.87 -17.25
C GLY B 254 30.43 -10.80 -18.17
N ILE B 255 30.49 -9.54 -17.77
CA ILE B 255 29.91 -8.48 -18.57
C ILE B 255 30.82 -8.13 -19.75
N PHE B 256 32.09 -7.97 -19.45
CA PHE B 256 33.10 -7.73 -20.45
C PHE B 256 32.82 -6.57 -21.37
N SER B 257 32.57 -5.39 -20.85
CA SER B 257 32.29 -4.27 -21.71
C SER B 257 33.50 -3.43 -21.88
N GLY B 258 33.41 -2.42 -22.72
CA GLY B 258 34.52 -1.55 -22.96
C GLY B 258 35.84 -1.97 -23.54
N PRO B 259 36.91 -1.65 -22.85
CA PRO B 259 38.22 -2.15 -23.18
C PRO B 259 38.55 -3.42 -22.53
N ALA B 260 37.60 -4.16 -22.01
CA ALA B 260 38.05 -5.33 -21.35
C ALA B 260 38.66 -6.42 -22.12
N ILE B 261 38.02 -6.86 -23.16
CA ILE B 261 38.58 -8.02 -23.85
C ILE B 261 39.98 -7.74 -24.39
N SER B 262 40.23 -6.53 -24.87
CA SER B 262 41.58 -6.17 -25.28
C SER B 262 42.57 -6.37 -24.15
N ARG B 263 42.13 -6.03 -22.96
CA ARG B 263 42.89 -6.18 -21.77
C ARG B 263 43.21 -7.58 -21.35
N ILE B 264 42.28 -8.49 -21.44
CA ILE B 264 42.54 -9.88 -21.13
C ILE B 264 43.38 -10.49 -22.24
N ASN B 265 43.24 -9.99 -23.46
CA ASN B 265 44.10 -10.44 -24.54
C ASN B 265 45.55 -10.03 -24.31
N ASN B 266 45.77 -8.92 -23.66
CA ASN B 266 47.11 -8.53 -23.34
C ASN B 266 47.55 -8.96 -21.98
N ALA B 267 46.62 -9.54 -21.24
CA ALA B 267 46.84 -9.94 -19.87
C ALA B 267 47.49 -11.27 -19.59
N ALA B 268 48.23 -11.34 -18.51
CA ALA B 268 48.89 -12.57 -18.20
C ALA B 268 48.04 -13.59 -17.48
N PHE B 269 46.93 -13.96 -18.07
CA PHE B 269 46.03 -14.99 -17.56
C PHE B 269 46.27 -16.30 -18.31
N GLU B 270 46.18 -17.38 -17.57
CA GLU B 270 46.19 -18.66 -18.16
C GLU B 270 44.84 -18.79 -18.78
N ALA B 271 43.81 -18.45 -18.00
CA ALA B 271 42.43 -18.49 -18.45
C ALA B 271 41.51 -17.68 -17.58
N VAL B 272 40.39 -17.25 -18.12
CA VAL B 272 39.38 -16.51 -17.39
C VAL B 272 38.07 -17.25 -17.52
N VAL B 273 37.43 -17.53 -16.40
CA VAL B 273 36.23 -18.37 -16.33
C VAL B 273 35.05 -17.53 -15.89
N VAL B 274 33.95 -17.62 -16.64
CA VAL B 274 32.70 -16.94 -16.31
C VAL B 274 31.57 -17.94 -16.46
N THR B 275 30.40 -17.55 -15.99
CA THR B 275 29.19 -18.34 -16.15
C THR B 275 28.38 -17.83 -17.33
N ASN B 276 27.39 -18.61 -17.75
CA ASN B 276 26.54 -18.23 -18.85
C ASN B 276 25.28 -17.49 -18.40
N THR B 277 25.36 -16.75 -17.29
CA THR B 277 24.29 -15.80 -16.95
C THR B 277 24.24 -14.65 -17.94
N ILE B 278 25.30 -14.47 -18.72
CA ILE B 278 25.39 -13.42 -19.73
C ILE B 278 25.92 -14.08 -21.00
N PRO B 279 25.40 -13.74 -22.18
CA PRO B 279 25.94 -14.33 -23.43
C PRO B 279 27.41 -14.06 -23.58
N GLN B 280 28.19 -15.14 -23.78
CA GLN B 280 29.62 -15.03 -23.95
C GLN B 280 30.13 -15.58 -25.27
N GLU B 281 29.27 -16.22 -26.08
CA GLU B 281 29.73 -16.84 -27.31
C GLU B 281 30.39 -15.83 -28.23
N ASP B 282 29.85 -14.65 -28.31
CA ASP B 282 30.41 -13.64 -29.14
C ASP B 282 31.79 -13.21 -28.68
N LYS B 283 31.96 -13.02 -27.41
CA LYS B 283 33.24 -12.64 -26.83
C LYS B 283 34.35 -13.70 -26.91
N MET B 284 34.01 -14.96 -26.82
CA MET B 284 35.07 -15.95 -27.00
C MET B 284 35.56 -16.01 -28.45
N LYS B 285 34.78 -15.50 -29.37
CA LYS B 285 35.21 -15.45 -30.73
C LYS B 285 36.46 -14.57 -30.75
N HIS B 286 36.42 -13.51 -29.97
CA HIS B 286 37.51 -12.57 -29.87
C HIS B 286 38.49 -12.82 -28.76
N CYS B 287 38.23 -13.79 -27.92
CA CYS B 287 39.10 -14.07 -26.78
C CYS B 287 39.11 -15.57 -26.54
N THR B 288 40.28 -16.18 -26.74
CA THR B 288 40.44 -17.60 -26.52
C THR B 288 40.65 -17.97 -25.05
N LYS B 289 40.82 -17.01 -24.18
CA LYS B 289 41.09 -17.30 -22.81
C LYS B 289 39.89 -17.44 -21.95
N ILE B 290 38.71 -17.24 -22.47
CA ILE B 290 37.47 -17.28 -21.71
C ILE B 290 36.83 -18.66 -21.84
N GLN B 291 36.30 -19.15 -20.76
CA GLN B 291 35.55 -20.37 -20.72
C GLN B 291 34.35 -20.18 -19.84
N VAL B 292 33.24 -20.81 -20.16
CA VAL B 292 31.98 -20.59 -19.47
C VAL B 292 31.56 -21.88 -18.78
N ILE B 293 30.82 -21.70 -17.71
CA ILE B 293 30.27 -22.77 -16.92
C ILE B 293 28.77 -22.74 -17.07
N ASP B 294 28.14 -23.85 -17.40
CA ASP B 294 26.69 -23.82 -17.56
C ASP B 294 26.00 -23.83 -16.27
N ILE B 295 25.09 -22.90 -16.07
CA ILE B 295 24.30 -22.91 -14.86
C ILE B 295 22.84 -23.15 -15.17
N SER B 296 22.55 -23.65 -16.35
CA SER B 296 21.17 -23.90 -16.74
C SER B 296 20.50 -24.91 -15.83
N MET B 297 21.26 -25.81 -15.29
CA MET B 297 20.72 -26.69 -14.35
C MET B 297 20.36 -26.07 -13.01
N ILE B 298 21.12 -25.08 -12.57
CA ILE B 298 20.87 -24.43 -11.32
C ILE B 298 19.56 -23.68 -11.37
N LEU B 299 19.36 -22.92 -12.41
CA LEU B 299 18.08 -22.26 -12.67
C LEU B 299 16.99 -23.28 -12.90
N ALA B 300 17.31 -24.40 -13.55
CA ALA B 300 16.30 -25.41 -13.80
C ALA B 300 15.75 -25.99 -12.50
N GLU B 301 16.65 -26.32 -11.60
CA GLU B 301 16.26 -26.81 -10.30
C GLU B 301 15.50 -25.78 -9.50
N ALA B 302 15.93 -24.54 -9.54
CA ALA B 302 15.21 -23.47 -8.85
C ALA B 302 13.78 -23.36 -9.36
N ILE B 303 13.61 -23.47 -10.68
CA ILE B 303 12.26 -23.46 -11.26
C ILE B 303 11.46 -24.66 -10.80
N ARG B 304 12.04 -25.83 -10.85
CA ARG B 304 11.29 -26.97 -10.47
C ARG B 304 10.88 -26.89 -9.06
N ARG B 305 11.75 -26.41 -8.20
CA ARG B 305 11.47 -26.27 -6.79
C ARG B 305 10.39 -25.31 -6.54
N THR B 306 10.45 -24.20 -7.20
CA THR B 306 9.46 -23.16 -6.98
C THR B 306 8.08 -23.55 -7.52
N HIS B 307 8.07 -24.37 -8.53
CA HIS B 307 6.86 -24.92 -9.09
C HIS B 307 6.18 -25.95 -8.29
N ASN B 308 6.93 -26.68 -7.53
CA ASN B 308 6.48 -27.74 -6.66
C ASN B 308 5.67 -28.80 -7.43
N SER C 1 10.00 29.12 1.72
CA SER C 1 11.34 28.54 1.89
C SER C 1 11.73 27.58 0.75
N PRO C 2 10.79 26.77 0.25
CA PRO C 2 11.08 26.03 -0.99
C PRO C 2 11.19 26.97 -2.18
N ASN C 3 12.30 26.85 -2.92
CA ASN C 3 12.49 27.54 -4.18
C ASN C 3 12.61 26.52 -5.30
N ILE C 4 12.20 26.93 -6.50
CA ILE C 4 12.14 26.02 -7.64
C ILE C 4 13.55 25.58 -8.02
N VAL C 5 13.78 24.28 -8.06
CA VAL C 5 14.97 23.69 -8.64
C VAL C 5 14.58 23.00 -9.93
N LEU C 6 15.26 23.34 -11.01
CA LEU C 6 14.92 22.90 -12.36
C LEU C 6 16.02 21.98 -12.85
N PHE C 7 15.65 20.75 -13.21
CA PHE C 7 16.62 19.81 -13.74
C PHE C 7 16.29 19.48 -15.19
N SER C 8 17.19 18.74 -15.80
CA SER C 8 17.04 18.27 -17.16
C SER C 8 18.01 17.12 -17.33
N GLY C 9 17.60 16.13 -18.09
CA GLY C 9 18.48 15.04 -18.44
C GLY C 9 19.07 15.22 -19.82
N SER C 10 19.07 14.12 -20.50
CA SER C 10 19.64 14.01 -21.76
C SER C 10 18.71 14.23 -22.91
N SER C 11 17.43 14.04 -22.68
CA SER C 11 16.43 14.12 -23.75
C SER C 11 16.11 15.35 -24.50
N HIS C 12 16.04 16.48 -23.87
CA HIS C 12 15.69 17.67 -24.55
C HIS C 12 16.33 18.83 -23.84
N GLN C 13 17.58 19.07 -24.11
CA GLN C 13 18.32 20.16 -23.53
C GLN C 13 17.83 21.50 -23.91
N ASP C 14 17.42 21.66 -25.15
CA ASP C 14 16.91 22.94 -25.55
C ASP C 14 15.63 23.46 -24.92
N LEU C 15 14.61 22.66 -24.78
CA LEU C 15 13.36 23.08 -24.21
C LEU C 15 13.46 23.48 -22.79
N SER C 16 14.30 22.73 -22.10
CA SER C 16 14.60 22.87 -20.70
C SER C 16 15.24 24.13 -20.37
N GLN C 17 16.17 24.58 -21.17
CA GLN C 17 16.74 25.88 -20.85
C GLN C 17 15.86 27.05 -21.32
N ARG C 18 14.97 26.76 -22.22
CA ARG C 18 14.01 27.72 -22.66
C ARG C 18 13.02 28.05 -21.56
N VAL C 19 12.49 27.06 -20.86
CA VAL C 19 11.61 27.28 -19.73
C VAL C 19 12.42 27.85 -18.56
N ALA C 20 13.70 27.50 -18.46
CA ALA C 20 14.52 28.12 -17.44
C ALA C 20 14.57 29.63 -17.64
N ASP C 21 14.69 30.07 -18.90
CA ASP C 21 14.71 31.49 -19.22
C ASP C 21 13.35 32.15 -19.09
N ARG C 22 12.28 31.39 -19.13
CA ARG C 22 10.97 31.92 -18.92
C ARG C 22 10.68 32.06 -17.48
N LEU C 23 11.31 31.26 -16.65
CA LEU C 23 11.17 31.36 -15.20
C LEU C 23 12.23 32.23 -14.58
N GLY C 24 13.25 32.65 -15.33
CA GLY C 24 14.31 33.44 -14.73
C GLY C 24 15.30 32.60 -13.98
N LEU C 25 15.46 31.35 -14.32
CA LEU C 25 16.43 30.56 -13.59
C LEU C 25 17.30 29.63 -14.38
N GLU C 26 18.33 29.20 -13.71
CA GLU C 26 19.40 28.42 -14.26
C GLU C 26 19.07 26.97 -14.12
N LEU C 27 19.62 26.11 -14.96
CA LEU C 27 19.35 24.73 -14.79
C LEU C 27 20.17 24.20 -13.63
N GLY C 28 19.64 23.22 -12.94
CA GLY C 28 20.33 22.62 -11.84
C GLY C 28 21.45 21.77 -12.36
N LYS C 29 22.42 21.55 -11.52
CA LYS C 29 23.56 20.80 -11.91
C LYS C 29 23.40 19.34 -11.84
N VAL C 30 23.42 18.65 -12.95
CA VAL C 30 23.31 17.23 -12.83
C VAL C 30 24.12 16.62 -13.94
N VAL C 31 24.82 15.55 -13.67
CA VAL C 31 25.61 14.83 -14.66
C VAL C 31 24.90 13.52 -14.94
N THR C 32 24.54 13.29 -16.19
CA THR C 32 23.97 12.00 -16.60
C THR C 32 24.92 11.38 -17.62
N LYS C 33 25.49 10.29 -17.27
CA LYS C 33 26.30 9.55 -18.15
C LYS C 33 25.80 8.15 -18.23
N LYS C 34 26.37 7.39 -19.09
CA LYS C 34 26.01 6.02 -19.18
C LYS C 34 27.24 5.24 -18.98
N PHE C 35 27.22 4.26 -18.10
CA PHE C 35 28.42 3.47 -17.85
C PHE C 35 28.74 2.62 -19.07
N SER C 36 29.87 1.92 -19.00
CA SER C 36 30.30 1.16 -20.17
C SER C 36 29.35 0.01 -20.47
N ASN C 37 28.68 -0.54 -19.45
CA ASN C 37 27.69 -1.59 -19.65
C ASN C 37 26.28 -1.04 -19.86
N GLN C 38 26.20 0.23 -20.18
CA GLN C 38 24.91 0.72 -20.48
C GLN C 38 23.97 0.96 -19.34
N GLU C 39 24.46 1.13 -18.15
CA GLU C 39 23.60 1.37 -17.04
C GLU C 39 23.72 2.85 -16.89
N THR C 40 22.60 3.46 -16.84
CA THR C 40 22.43 4.85 -16.66
C THR C 40 22.98 5.42 -15.38
N SER C 41 23.76 6.48 -15.44
CA SER C 41 24.26 7.04 -14.19
C SER C 41 23.77 8.46 -14.08
N VAL C 42 23.20 8.81 -12.93
CA VAL C 42 22.67 10.13 -12.65
C VAL C 42 23.19 10.57 -11.29
N GLU C 43 23.96 11.64 -11.26
CA GLU C 43 24.39 12.22 -10.03
C GLU C 43 23.96 13.68 -9.92
N ILE C 44 23.14 14.09 -8.98
CA ILE C 44 22.79 15.49 -8.73
C ILE C 44 24.00 16.23 -8.19
N GLY C 45 24.17 17.46 -8.60
CA GLY C 45 25.26 18.25 -8.11
C GLY C 45 24.88 19.40 -7.22
N GLU C 46 23.60 19.72 -7.15
CA GLU C 46 23.08 20.81 -6.34
C GLU C 46 22.31 20.26 -5.20
N SER C 47 22.11 21.06 -4.17
CA SER C 47 21.36 20.59 -3.05
C SER C 47 19.92 20.86 -3.37
N VAL C 48 19.10 19.82 -3.22
CA VAL C 48 17.70 19.95 -3.49
C VAL C 48 16.85 19.65 -2.28
N ARG C 49 17.45 19.62 -1.11
CA ARG C 49 16.71 19.29 0.13
C ARG C 49 15.79 20.43 0.55
N GLY C 50 14.53 20.11 0.70
CA GLY C 50 13.52 21.08 1.05
C GLY C 50 13.11 21.99 -0.07
N GLU C 51 13.37 21.62 -1.30
CA GLU C 51 13.00 22.37 -2.47
C GLU C 51 11.98 21.71 -3.31
N ASP C 52 11.32 22.50 -4.16
CA ASP C 52 10.32 22.00 -5.07
C ASP C 52 11.13 21.71 -6.28
N VAL C 53 11.24 20.46 -6.68
CA VAL C 53 12.07 20.08 -7.79
C VAL C 53 11.32 19.64 -9.02
N TYR C 54 11.76 20.11 -10.17
CA TYR C 54 11.09 19.79 -11.42
C TYR C 54 12.11 19.18 -12.37
N ILE C 55 11.83 18.00 -12.87
CA ILE C 55 12.72 17.31 -13.78
C ILE C 55 12.02 17.20 -15.13
N ILE C 56 12.63 17.78 -16.14
CA ILE C 56 12.09 17.77 -17.47
C ILE C 56 12.80 16.85 -18.38
N GLN C 57 12.06 15.92 -18.93
CA GLN C 57 12.56 14.97 -19.89
C GLN C 57 11.45 14.42 -20.73
N SER C 58 11.56 14.51 -22.03
CA SER C 58 10.52 13.98 -22.86
C SER C 58 10.82 12.59 -23.32
N GLY C 59 9.81 11.82 -23.63
CA GLY C 59 10.01 10.47 -24.08
C GLY C 59 10.23 10.48 -25.54
N CYS C 60 11.46 10.77 -25.92
CA CYS C 60 11.77 10.88 -27.30
C CYS C 60 12.91 10.13 -27.91
N GLY C 61 14.14 10.31 -27.46
CA GLY C 61 15.28 9.65 -28.08
C GLY C 61 15.48 8.19 -27.84
N GLU C 62 16.49 7.90 -27.05
CA GLU C 62 16.54 6.52 -26.58
C GLU C 62 15.65 6.65 -25.37
N ILE C 63 14.37 6.32 -25.50
CA ILE C 63 13.50 6.54 -24.40
C ILE C 63 13.72 5.62 -23.33
N ASN C 64 13.83 4.36 -23.64
CA ASN C 64 13.98 3.57 -22.46
C ASN C 64 15.09 4.06 -21.57
N ASP C 65 16.13 4.61 -22.13
CA ASP C 65 17.21 5.21 -21.35
C ASP C 65 16.77 6.54 -20.75
N ASN C 66 16.02 7.32 -21.51
CA ASN C 66 15.53 8.58 -20.96
C ASN C 66 14.51 8.36 -19.86
N LEU C 67 13.65 7.36 -20.02
CA LEU C 67 12.66 7.07 -19.00
C LEU C 67 13.31 6.52 -17.75
N MET C 68 14.25 5.61 -17.86
CA MET C 68 14.97 5.08 -16.72
C MET C 68 15.78 6.13 -16.04
N GLU C 69 16.32 6.99 -16.82
CA GLU C 69 17.06 8.10 -16.30
C GLU C 69 16.18 9.04 -15.51
N LEU C 70 15.00 9.31 -16.04
CA LEU C 70 14.01 10.13 -15.36
C LEU C 70 13.62 9.52 -14.02
N LEU C 71 13.34 8.22 -14.01
CA LEU C 71 12.96 7.55 -12.77
C LEU C 71 14.10 7.61 -11.75
N ILE C 72 15.34 7.46 -12.22
CA ILE C 72 16.45 7.52 -11.28
C ILE C 72 16.59 8.92 -10.67
N MET C 73 16.36 9.97 -11.46
CA MET C 73 16.47 11.30 -10.84
C MET C 73 15.30 11.57 -9.92
N ILE C 74 14.11 11.06 -10.23
CA ILE C 74 12.98 11.26 -9.32
C ILE C 74 13.23 10.57 -7.99
N ASN C 75 13.69 9.35 -8.02
CA ASN C 75 13.99 8.63 -6.80
C ASN C 75 15.14 9.27 -6.10
N ALA C 76 15.97 9.95 -6.84
CA ALA C 76 17.16 10.51 -6.24
C ALA C 76 16.83 11.79 -5.49
N CYS C 77 15.93 12.59 -6.03
CA CYS C 77 15.50 13.76 -5.29
C CYS C 77 14.53 13.41 -4.17
N LYS C 78 13.77 12.35 -4.31
CA LYS C 78 12.95 11.94 -3.21
C LYS C 78 13.74 11.38 -2.05
N ILE C 79 14.68 10.50 -2.27
CA ILE C 79 15.51 10.06 -1.15
C ILE C 79 16.28 11.24 -0.57
N ALA C 80 16.56 12.27 -1.37
CA ALA C 80 17.28 13.45 -0.88
C ALA C 80 16.39 14.41 -0.11
N SER C 81 15.16 14.00 0.21
CA SER C 81 14.26 14.75 1.09
C SER C 81 13.85 16.08 0.48
N SER C 82 13.51 16.09 -0.80
CA SER C 82 12.88 17.27 -1.38
C SER C 82 11.40 17.30 -1.02
N SER C 83 10.88 18.52 -0.87
CA SER C 83 9.48 18.68 -0.48
C SER C 83 8.54 18.16 -1.57
N ARG C 84 8.99 18.27 -2.80
CA ARG C 84 8.23 17.79 -3.89
C ARG C 84 9.01 17.49 -5.15
N VAL C 85 8.61 16.47 -5.87
CA VAL C 85 9.24 16.12 -7.13
C VAL C 85 8.14 16.08 -8.17
N THR C 86 8.33 16.80 -9.26
CA THR C 86 7.37 16.88 -10.34
C THR C 86 8.04 16.40 -11.61
N ALA C 87 7.40 15.46 -12.30
CA ALA C 87 7.88 14.99 -13.59
C ALA C 87 7.21 15.82 -14.67
N VAL C 88 7.99 16.61 -15.40
CA VAL C 88 7.50 17.38 -16.53
C VAL C 88 7.82 16.55 -17.77
N ILE C 89 6.81 15.91 -18.34
CA ILE C 89 7.01 15.01 -19.46
C ILE C 89 6.22 15.51 -20.66
N PRO C 90 6.81 16.36 -21.51
CA PRO C 90 6.02 16.97 -22.60
C PRO C 90 5.36 15.95 -23.49
N CYS C 91 6.08 14.90 -23.86
CA CYS C 91 5.53 13.80 -24.63
C CYS C 91 5.61 12.52 -23.81
N PHE C 92 4.45 12.04 -23.38
CA PHE C 92 4.37 10.87 -22.51
C PHE C 92 4.59 9.61 -23.34
N PRO C 93 5.57 8.79 -23.01
CA PRO C 93 5.83 7.57 -23.79
C PRO C 93 4.78 6.50 -23.56
N TYR C 94 4.71 5.58 -24.52
CA TYR C 94 3.85 4.40 -24.47
C TYR C 94 2.36 4.75 -24.41
N ALA C 95 2.00 5.96 -24.85
CA ALA C 95 0.61 6.39 -24.78
C ALA C 95 -0.27 5.65 -25.78
N ARG C 96 0.27 5.18 -26.88
CA ARG C 96 -0.54 4.52 -27.86
C ARG C 96 -0.80 3.10 -27.55
N GLN C 97 -1.67 2.49 -28.35
CA GLN C 97 -1.98 1.05 -28.28
C GLN C 97 -1.79 0.45 -29.66
N ASP C 98 -1.07 -0.66 -29.76
CA ASP C 98 -0.87 -1.28 -31.08
C ASP C 98 -2.01 -2.27 -31.29
N LYS C 99 -3.23 -1.83 -31.06
CA LYS C 99 -4.27 -2.79 -31.23
C LYS C 99 -5.13 -2.49 -32.42
N LYS C 102 -9.03 -8.28 -32.16
CA LYS C 102 -9.79 -8.07 -30.90
C LYS C 102 -11.17 -8.61 -31.16
N VAL C 103 -12.08 -7.78 -31.63
CA VAL C 103 -13.40 -8.28 -31.90
C VAL C 103 -14.09 -8.95 -30.70
N GLY C 104 -14.47 -8.14 -29.71
CA GLY C 104 -15.25 -8.62 -28.58
C GLY C 104 -14.96 -8.10 -27.19
N GLU C 105 -13.90 -7.26 -27.13
CA GLU C 105 -13.40 -6.63 -25.88
C GLU C 105 -12.17 -5.77 -26.19
N SER C 106 -11.76 -4.87 -25.30
CA SER C 106 -10.55 -4.02 -25.54
C SER C 106 -9.31 -4.61 -24.89
N ARG C 107 -8.30 -3.79 -24.64
CA ARG C 107 -7.05 -4.24 -24.00
C ARG C 107 -6.54 -3.21 -23.00
N ALA C 108 -6.51 -3.52 -21.68
CA ALA C 108 -5.93 -2.57 -20.76
C ALA C 108 -4.69 -1.95 -21.42
N PRO C 109 -4.52 -0.75 -21.32
CA PRO C 109 -3.27 -0.15 -21.83
C PRO C 109 -2.13 -0.44 -20.86
N ILE C 110 -1.53 -1.61 -21.06
CA ILE C 110 -0.62 -2.15 -20.05
C ILE C 110 0.69 -1.37 -20.04
N SER C 111 1.11 -0.84 -21.20
CA SER C 111 2.36 -0.10 -21.23
C SER C 111 2.19 1.29 -20.65
N ALA C 112 1.10 1.99 -21.00
CA ALA C 112 0.90 3.33 -20.46
C ALA C 112 0.69 3.31 -18.96
N LYS C 113 -0.14 2.37 -18.47
CA LYS C 113 -0.32 2.23 -17.04
C LYS C 113 0.92 1.70 -16.35
N LEU C 114 1.72 0.88 -17.05
CA LEU C 114 2.98 0.43 -16.46
C LEU C 114 3.92 1.60 -16.24
N VAL C 115 4.01 2.51 -17.22
CA VAL C 115 4.81 3.72 -17.02
C VAL C 115 4.19 4.58 -15.93
N ALA C 116 2.89 4.63 -15.78
CA ALA C 116 2.35 5.49 -14.70
C ALA C 116 2.79 4.98 -13.34
N ASN C 117 2.72 3.68 -13.16
CA ASN C 117 3.06 2.98 -11.91
C ASN C 117 4.52 3.11 -11.60
N MET C 118 5.35 3.01 -12.60
CA MET C 118 6.77 3.22 -12.39
C MET C 118 7.06 4.69 -12.06
N LEU C 119 6.41 5.67 -12.68
CA LEU C 119 6.62 7.04 -12.25
C LEU C 119 6.13 7.25 -10.83
N SER C 120 5.04 6.58 -10.46
CA SER C 120 4.49 6.72 -9.12
C SER C 120 5.40 6.09 -8.08
N VAL C 121 5.85 4.86 -8.35
CA VAL C 121 6.72 4.17 -7.41
C VAL C 121 8.07 4.84 -7.30
N ALA C 122 8.55 5.45 -8.39
CA ALA C 122 9.83 6.14 -8.34
C ALA C 122 9.80 7.31 -7.36
N GLY C 123 8.63 7.88 -7.13
CA GLY C 123 8.48 8.89 -6.12
C GLY C 123 7.92 10.21 -6.61
N ALA C 124 7.35 10.22 -7.80
CA ALA C 124 6.79 11.46 -8.34
C ALA C 124 5.61 11.92 -7.48
N ASP C 125 5.52 13.24 -7.29
CA ASP C 125 4.40 13.85 -6.58
C ASP C 125 3.56 14.78 -7.46
N HIS C 126 3.93 14.95 -8.72
CA HIS C 126 3.15 15.77 -9.63
C HIS C 126 3.63 15.46 -11.04
N ILE C 127 2.73 15.46 -12.02
CA ILE C 127 3.12 15.26 -13.41
C ILE C 127 2.50 16.33 -14.27
N ILE C 128 3.32 16.94 -15.13
CA ILE C 128 2.87 17.91 -16.11
C ILE C 128 3.20 17.35 -17.49
N THR C 129 2.19 17.21 -18.33
CA THR C 129 2.35 16.64 -19.66
C THR C 129 1.50 17.44 -20.63
N MET C 130 1.73 17.20 -21.92
CA MET C 130 1.01 17.91 -22.98
C MET C 130 0.30 17.11 -24.03
N ASP C 131 -0.97 17.39 -24.19
CA ASP C 131 -1.77 16.69 -25.19
C ASP C 131 -1.46 15.21 -25.24
N LEU C 132 -1.91 14.48 -24.23
CA LEU C 132 -1.79 13.03 -24.20
C LEU C 132 -2.57 12.41 -25.34
N HIS C 133 -2.17 11.21 -25.71
CA HIS C 133 -2.85 10.51 -26.77
C HIS C 133 -4.28 10.28 -26.34
N ALA C 134 -4.45 9.92 -25.09
CA ALA C 134 -5.77 9.79 -24.50
C ALA C 134 -5.74 10.50 -23.15
N SER C 135 -6.66 11.43 -22.94
CA SER C 135 -6.65 12.21 -21.70
C SER C 135 -6.91 11.35 -20.47
N GLN C 136 -7.63 10.24 -20.64
CA GLN C 136 -7.94 9.38 -19.50
C GLN C 136 -6.69 8.78 -18.87
N ILE C 137 -5.51 8.96 -19.47
CA ILE C 137 -4.28 8.53 -18.83
C ILE C 137 -4.03 9.30 -17.55
N GLN C 138 -4.63 10.49 -17.40
CA GLN C 138 -4.58 11.17 -16.10
C GLN C 138 -5.13 10.28 -15.00
N GLY C 139 -6.12 9.45 -15.32
CA GLY C 139 -6.68 8.53 -14.36
C GLY C 139 -5.86 7.27 -14.15
N PHE C 140 -4.77 7.08 -14.87
CA PHE C 140 -3.88 5.95 -14.58
C PHE C 140 -3.07 6.20 -13.34
N PHE C 141 -3.22 7.37 -12.77
CA PHE C 141 -2.48 7.83 -11.62
C PHE C 141 -3.32 8.23 -10.44
N ASP C 142 -2.76 8.10 -9.23
CA ASP C 142 -3.36 8.65 -8.03
C ASP C 142 -2.68 9.97 -7.68
N ILE C 143 -2.09 10.59 -8.69
CA ILE C 143 -1.27 11.80 -8.58
C ILE C 143 -1.93 12.92 -9.40
N PRO C 144 -1.75 14.19 -9.04
CA PRO C 144 -2.19 15.26 -9.93
C PRO C 144 -1.44 15.19 -11.24
N VAL C 145 -2.16 15.35 -12.36
CA VAL C 145 -1.57 15.32 -13.69
C VAL C 145 -2.15 16.47 -14.50
N ASP C 146 -1.29 17.38 -14.90
CA ASP C 146 -1.66 18.49 -15.72
C ASP C 146 -1.47 18.11 -17.14
N ASN C 147 -2.56 17.90 -17.84
CA ASN C 147 -2.51 17.60 -19.22
C ASN C 147 -2.82 18.87 -19.97
N LEU C 148 -1.79 19.64 -20.24
CA LEU C 148 -1.91 20.89 -20.96
C LEU C 148 -2.15 20.68 -22.43
N TYR C 149 -3.02 21.52 -22.99
CA TYR C 149 -3.36 21.53 -24.41
C TYR C 149 -2.44 22.49 -25.14
N ALA C 150 -2.03 22.11 -26.34
CA ALA C 150 -1.26 22.98 -27.20
C ALA C 150 -2.13 23.75 -28.16
N GLU C 151 -3.44 23.64 -28.08
CA GLU C 151 -4.26 24.29 -29.09
C GLU C 151 -4.15 25.80 -29.20
N PRO C 152 -4.09 26.48 -28.08
CA PRO C 152 -4.03 27.91 -28.33
C PRO C 152 -2.86 28.16 -29.19
N ALA C 153 -1.80 27.42 -28.98
CA ALA C 153 -0.61 27.60 -29.76
C ALA C 153 -0.85 27.34 -31.23
N VAL C 154 -1.59 26.28 -31.49
CA VAL C 154 -1.92 25.91 -32.84
C VAL C 154 -2.79 26.93 -33.53
N LEU C 155 -3.76 27.45 -32.78
CA LEU C 155 -4.73 28.44 -33.29
C LEU C 155 -4.05 29.76 -33.63
N GLN C 156 -3.24 30.28 -32.76
CA GLN C 156 -2.59 31.52 -32.98
C GLN C 156 -1.62 31.32 -34.05
N TRP C 157 -0.97 30.23 -34.09
CA TRP C 157 -0.05 30.09 -35.18
C TRP C 157 -0.78 30.17 -36.50
N ILE C 158 -1.94 29.53 -36.62
CA ILE C 158 -2.64 29.60 -37.88
C ILE C 158 -3.05 31.01 -38.21
N ARG C 159 -3.66 31.67 -37.30
CA ARG C 159 -4.14 32.89 -37.73
C ARG C 159 -2.95 33.64 -38.14
N GLU C 160 -1.98 33.69 -37.34
CA GLU C 160 -0.86 34.51 -37.62
C GLU C 160 -0.10 34.16 -38.87
N ASN C 161 -0.15 32.92 -39.30
CA ASN C 161 0.72 32.49 -40.35
C ASN C 161 0.11 32.20 -41.71
N ILE C 162 -1.16 31.87 -41.64
CA ILE C 162 -1.95 31.51 -42.76
C ILE C 162 -2.96 32.60 -43.15
N ALA C 163 -2.80 33.18 -44.35
CA ALA C 163 -3.64 34.27 -44.82
C ALA C 163 -5.06 33.87 -45.04
N GLU C 164 -5.20 32.64 -45.46
CA GLU C 164 -6.44 32.04 -45.83
C GLU C 164 -7.14 31.35 -44.69
N TRP C 165 -6.69 31.58 -43.49
CA TRP C 165 -7.34 30.73 -42.47
C TRP C 165 -8.83 30.95 -42.40
N LYS C 166 -9.28 32.22 -42.44
CA LYS C 166 -10.66 32.64 -42.28
C LYS C 166 -11.64 31.78 -42.98
N ASN C 167 -11.21 31.20 -44.08
CA ASN C 167 -11.94 30.23 -44.87
C ASN C 167 -11.36 28.93 -44.41
N CYS C 168 -10.95 28.07 -45.30
CA CYS C 168 -10.25 26.82 -44.96
C CYS C 168 -11.02 25.72 -44.32
N ILE C 169 -10.32 24.62 -44.12
CA ILE C 169 -10.99 23.48 -43.56
C ILE C 169 -9.99 22.64 -42.87
N ILE C 170 -10.44 22.11 -41.74
CA ILE C 170 -9.66 21.26 -40.81
C ILE C 170 -10.10 19.84 -41.04
N VAL C 171 -9.17 18.95 -41.28
CA VAL C 171 -9.54 17.56 -41.51
C VAL C 171 -8.65 16.68 -40.63
N SER C 172 -9.23 15.57 -40.10
CA SER C 172 -8.44 14.61 -39.33
C SER C 172 -8.14 13.37 -40.15
N PRO C 173 -6.93 12.85 -40.05
CA PRO C 173 -6.47 11.74 -40.87
C PRO C 173 -7.00 10.36 -40.51
N ASP C 174 -7.85 10.38 -39.53
CA ASP C 174 -8.34 9.21 -38.80
C ASP C 174 -9.70 9.45 -38.18
N ALA C 175 -10.31 8.38 -37.72
CA ALA C 175 -11.57 8.58 -36.98
C ALA C 175 -11.37 9.19 -35.59
N GLY C 176 -10.43 8.67 -34.81
CA GLY C 176 -10.26 9.02 -33.41
C GLY C 176 -9.86 10.45 -33.16
N GLY C 177 -9.40 11.09 -34.16
CA GLY C 177 -8.97 12.47 -33.95
C GLY C 177 -10.11 13.46 -34.08
N ALA C 178 -11.28 12.97 -34.47
CA ALA C 178 -12.40 13.85 -34.81
C ALA C 178 -12.71 14.80 -33.67
N LYS C 179 -12.65 14.34 -32.44
CA LYS C 179 -12.92 15.24 -31.36
C LYS C 179 -11.89 16.31 -31.50
N ARG C 180 -10.68 15.95 -31.82
CA ARG C 180 -9.67 16.95 -31.95
C ARG C 180 -9.88 17.97 -33.08
N VAL C 181 -10.31 17.58 -34.28
CA VAL C 181 -10.46 18.59 -35.33
C VAL C 181 -11.64 19.48 -35.03
N THR C 182 -12.83 18.89 -34.88
CA THR C 182 -14.04 19.55 -34.41
C THR C 182 -13.77 20.70 -33.46
N SER C 183 -13.13 20.40 -32.34
CA SER C 183 -12.85 21.44 -31.35
C SER C 183 -12.05 22.55 -31.98
N ILE C 184 -10.94 22.23 -32.61
CA ILE C 184 -10.12 23.27 -33.21
C ILE C 184 -10.89 24.01 -34.28
N ALA C 185 -11.73 23.31 -34.96
CA ALA C 185 -12.47 23.97 -36.03
C ALA C 185 -13.36 25.08 -35.49
N ASP C 186 -14.14 24.76 -34.44
CA ASP C 186 -15.10 25.75 -33.95
C ASP C 186 -14.45 26.85 -33.14
N ARG C 187 -13.20 26.74 -32.78
CA ARG C 187 -12.59 27.91 -32.19
C ARG C 187 -12.33 28.92 -33.30
N LEU C 188 -12.27 28.46 -34.54
CA LEU C 188 -12.14 29.31 -35.70
C LEU C 188 -13.49 29.60 -36.36
N ASN C 189 -14.59 29.12 -35.78
CA ASN C 189 -15.90 29.16 -36.43
C ASN C 189 -15.79 28.65 -37.87
N VAL C 190 -15.29 27.42 -37.96
CA VAL C 190 -14.89 26.80 -39.22
C VAL C 190 -15.44 25.39 -39.32
N GLU C 191 -15.64 24.98 -40.57
CA GLU C 191 -16.21 23.70 -40.98
C GLU C 191 -15.17 22.60 -41.09
N PHE C 192 -15.55 21.32 -40.96
CA PHE C 192 -14.63 20.20 -40.96
C PHE C 192 -14.92 19.03 -41.85
N ALA C 193 -13.89 18.22 -42.01
CA ALA C 193 -13.95 17.03 -42.83
C ALA C 193 -13.04 16.00 -42.19
N LEU C 194 -13.21 14.73 -42.55
CA LEU C 194 -12.38 13.69 -41.95
C LEU C 194 -12.05 12.61 -42.98
N ILE C 195 -10.89 12.00 -42.79
CA ILE C 195 -10.36 10.96 -43.65
C ILE C 195 -10.39 9.64 -42.89
N HIS C 196 -10.74 8.56 -43.57
CA HIS C 196 -10.62 7.23 -42.99
C HIS C 196 -10.08 6.28 -44.03
N LYS C 197 -9.08 5.48 -43.63
CA LYS C 197 -8.58 4.42 -44.48
C LYS C 197 -9.73 3.46 -44.79
N MET C 208 -8.69 4.51 -49.57
CA MET C 208 -8.98 5.56 -48.60
C MET C 208 -10.15 6.43 -49.04
N VAL C 209 -11.08 6.68 -48.12
CA VAL C 209 -12.30 7.42 -48.37
C VAL C 209 -12.21 8.72 -47.57
N LEU C 210 -12.87 9.77 -48.07
CA LEU C 210 -12.85 11.08 -47.43
C LEU C 210 -14.28 11.58 -47.28
N VAL C 211 -14.59 12.19 -46.13
CA VAL C 211 -15.92 12.73 -45.80
C VAL C 211 -15.92 14.25 -45.61
N GLY C 212 -16.82 14.92 -46.33
CA GLY C 212 -16.87 16.37 -46.35
C GLY C 212 -16.11 16.85 -47.58
N ASP C 213 -15.98 18.15 -47.75
CA ASP C 213 -15.27 18.57 -48.91
C ASP C 213 -14.58 19.91 -48.83
N ASP C 216 -12.04 24.06 -53.19
CA ASP C 216 -10.87 24.93 -53.28
C ASP C 216 -10.65 25.67 -52.00
N ARG C 217 -10.15 24.95 -50.99
CA ARG C 217 -9.91 25.53 -49.66
C ARG C 217 -8.57 25.10 -49.11
N VAL C 218 -8.06 25.83 -48.11
CA VAL C 218 -6.75 25.41 -47.54
C VAL C 218 -7.12 24.34 -46.56
N ALA C 219 -6.73 23.12 -46.88
CA ALA C 219 -6.96 21.98 -46.02
C ALA C 219 -5.80 21.87 -45.04
N ILE C 220 -6.10 21.49 -43.80
CA ILE C 220 -5.11 21.42 -42.73
C ILE C 220 -5.42 20.17 -41.92
N LEU C 221 -4.59 19.14 -42.05
CA LEU C 221 -4.78 17.96 -41.21
C LEU C 221 -4.22 18.21 -39.82
N VAL C 222 -5.00 17.82 -38.80
CA VAL C 222 -4.59 17.95 -37.41
C VAL C 222 -4.74 16.61 -36.74
N ASP C 223 -3.69 16.17 -36.04
CA ASP C 223 -3.64 14.95 -35.21
C ASP C 223 -2.65 15.21 -34.07
N ASP C 224 -2.67 14.39 -33.03
CA ASP C 224 -1.78 14.58 -31.90
C ASP C 224 -0.29 14.39 -32.11
N MET C 225 0.06 13.33 -32.77
CA MET C 225 1.43 13.12 -33.01
C MET C 225 1.64 12.60 -34.38
N ALA C 226 2.85 12.80 -34.85
CA ALA C 226 3.28 12.28 -36.14
C ALA C 226 4.56 11.49 -36.12
N ASP C 227 4.47 10.18 -36.44
CA ASP C 227 5.62 9.31 -36.22
C ASP C 227 6.16 8.79 -37.54
N THR C 228 5.46 7.82 -38.16
CA THR C 228 5.89 7.32 -39.46
C THR C 228 5.30 8.08 -40.63
N CYS C 229 4.19 8.81 -40.41
CA CYS C 229 3.68 9.86 -41.30
C CYS C 229 3.07 9.33 -42.60
N GLY C 230 2.88 8.01 -42.74
CA GLY C 230 2.38 7.51 -44.00
C GLY C 230 0.96 7.93 -44.29
N THR C 231 0.12 7.75 -43.33
CA THR C 231 -1.19 8.10 -43.58
C THR C 231 -1.28 9.54 -43.98
N ILE C 232 -0.78 10.44 -43.17
CA ILE C 232 -1.00 11.86 -43.40
C ILE C 232 -0.47 12.29 -44.77
N CYS C 233 0.53 11.59 -45.31
CA CYS C 233 0.99 11.88 -46.67
C CYS C 233 0.00 11.37 -47.71
N HIS C 234 -0.46 10.12 -47.57
CA HIS C 234 -1.51 9.65 -48.47
C HIS C 234 -2.78 10.48 -48.31
N ALA C 235 -3.02 10.97 -47.09
CA ALA C 235 -4.14 11.85 -46.83
C ALA C 235 -3.99 13.17 -47.57
N ALA C 236 -2.78 13.73 -47.59
CA ALA C 236 -2.53 14.93 -48.37
C ALA C 236 -2.75 14.68 -49.86
N ASP C 237 -2.27 13.53 -50.36
CA ASP C 237 -2.43 13.22 -51.79
C ASP C 237 -3.91 13.13 -52.15
N LYS C 238 -4.71 12.57 -51.25
CA LYS C 238 -6.17 12.56 -51.50
C LYS C 238 -6.80 13.95 -51.34
N LEU C 239 -6.35 14.77 -50.41
CA LEU C 239 -6.90 16.10 -50.28
C LEU C 239 -6.65 16.95 -51.53
N LEU C 240 -5.47 16.81 -52.16
CA LEU C 240 -5.26 17.57 -53.38
C LEU C 240 -6.04 16.95 -54.53
N SER C 241 -6.27 15.64 -54.48
CA SER C 241 -7.13 15.01 -55.48
C SER C 241 -8.59 15.40 -55.30
N ALA C 242 -8.98 15.80 -54.09
CA ALA C 242 -10.33 16.30 -53.85
C ALA C 242 -10.47 17.79 -54.14
N GLY C 243 -9.41 18.43 -54.64
CA GLY C 243 -9.50 19.82 -55.07
C GLY C 243 -9.15 20.84 -54.00
N ALA C 244 -8.09 20.61 -53.26
CA ALA C 244 -7.64 21.52 -52.20
C ALA C 244 -6.58 22.47 -52.73
N THR C 245 -6.61 23.72 -52.25
CA THR C 245 -5.60 24.69 -52.66
C THR C 245 -4.22 24.30 -52.14
N LYS C 246 -4.12 24.18 -50.81
CA LYS C 246 -2.94 23.73 -50.10
C LYS C 246 -3.43 22.76 -49.02
N VAL C 247 -2.56 21.86 -48.57
CA VAL C 247 -2.82 21.03 -47.41
C VAL C 247 -1.66 21.24 -46.45
N TYR C 248 -1.99 21.52 -45.18
CA TYR C 248 -1.01 21.62 -44.11
C TYR C 248 -1.12 20.42 -43.19
N ALA C 249 -0.11 20.25 -42.35
CA ALA C 249 -0.14 19.21 -41.32
C ALA C 249 0.39 19.84 -40.05
N ILE C 250 -0.47 19.92 -39.03
CA ILE C 250 -0.13 20.54 -37.76
C ILE C 250 -0.34 19.51 -36.66
N LEU C 251 0.73 19.20 -35.94
CA LEU C 251 0.71 18.14 -34.94
C LEU C 251 1.30 18.67 -33.64
N THR C 252 0.98 18.01 -32.54
CA THR C 252 1.66 18.34 -31.29
C THR C 252 3.03 17.71 -31.22
N HIS C 253 3.10 16.38 -31.23
CA HIS C 253 4.36 15.68 -31.05
C HIS C 253 4.92 15.26 -32.40
N GLY C 254 6.10 15.78 -32.72
CA GLY C 254 6.76 15.41 -33.95
C GLY C 254 7.88 14.41 -33.73
N ILE C 255 7.57 13.11 -33.79
CA ILE C 255 8.59 12.09 -33.60
C ILE C 255 9.40 11.86 -34.88
N PHE C 256 8.73 11.76 -36.03
CA PHE C 256 9.40 11.64 -37.33
C PHE C 256 10.44 10.50 -37.34
N SER C 257 9.92 9.29 -37.19
CA SER C 257 10.71 8.09 -37.13
C SER C 257 10.76 7.38 -38.45
N GLY C 258 11.88 6.79 -38.63
CA GLY C 258 12.08 6.05 -39.85
C GLY C 258 12.00 6.77 -41.15
N PRO C 259 11.06 6.33 -41.97
CA PRO C 259 10.69 6.75 -43.30
C PRO C 259 10.16 8.14 -43.35
N ALA C 260 9.61 8.59 -42.24
CA ALA C 260 8.97 9.88 -42.12
C ALA C 260 9.54 11.06 -42.85
N ILE C 261 10.76 11.40 -42.56
CA ILE C 261 11.26 12.60 -43.21
C ILE C 261 11.44 12.40 -44.71
N SER C 262 11.82 11.19 -45.14
CA SER C 262 11.87 10.89 -46.57
C SER C 262 10.50 11.02 -47.23
N ARG C 263 9.45 10.60 -46.53
CA ARG C 263 8.09 10.63 -47.09
C ARG C 263 7.53 12.04 -47.12
N ILE C 264 7.92 12.83 -46.13
CA ILE C 264 7.60 14.29 -46.04
C ILE C 264 8.41 14.99 -47.12
N ASN C 265 9.58 14.44 -47.43
CA ASN C 265 10.38 14.97 -48.53
C ASN C 265 9.76 14.66 -49.89
N ASN C 266 8.98 13.58 -50.00
CA ASN C 266 8.32 13.28 -51.27
C ASN C 266 6.85 13.69 -51.31
N ALA C 267 6.33 14.31 -50.25
CA ALA C 267 4.96 14.79 -50.20
C ALA C 267 4.90 16.31 -50.38
N ALA C 268 3.76 16.79 -50.90
CA ALA C 268 3.55 18.21 -51.22
C ALA C 268 2.80 18.94 -50.11
N PHE C 269 3.51 19.28 -49.04
CA PHE C 269 2.99 20.16 -48.00
C PHE C 269 3.48 21.59 -48.19
N GLU C 270 2.59 22.50 -47.86
CA GLU C 270 3.08 23.88 -47.86
C GLU C 270 4.10 23.86 -46.75
N ALA C 271 3.70 23.28 -45.63
CA ALA C 271 4.56 23.12 -44.45
C ALA C 271 3.92 22.13 -43.53
N VAL C 272 4.73 21.56 -42.68
CA VAL C 272 4.24 20.68 -41.64
C VAL C 272 4.70 21.27 -40.33
N VAL C 273 3.74 21.69 -39.50
CA VAL C 273 3.98 22.35 -38.21
C VAL C 273 3.80 21.46 -36.98
N VAL C 274 4.77 21.56 -36.08
CA VAL C 274 4.77 20.83 -34.86
C VAL C 274 5.24 21.72 -33.76
N THR C 275 5.05 21.27 -32.53
CA THR C 275 5.63 22.01 -31.42
C THR C 275 6.87 21.28 -30.90
N ASN C 276 7.63 21.98 -30.06
CA ASN C 276 8.94 21.50 -29.60
C ASN C 276 8.89 20.63 -28.37
N THR C 277 7.85 19.80 -28.21
CA THR C 277 7.92 18.74 -27.22
C THR C 277 8.99 17.72 -27.56
N ILE C 278 9.49 17.74 -28.78
CA ILE C 278 10.52 16.82 -29.25
C ILE C 278 11.60 17.61 -29.97
N PRO C 279 12.89 17.33 -29.73
CA PRO C 279 13.94 18.01 -30.51
C PRO C 279 13.77 17.74 -31.99
N GLN C 280 13.76 18.82 -32.77
CA GLN C 280 13.59 18.72 -34.21
C GLN C 280 14.66 19.35 -35.06
N GLU C 281 15.49 20.16 -34.45
CA GLU C 281 16.47 20.90 -35.23
C GLU C 281 17.22 20.00 -36.20
N ASP C 282 17.75 18.88 -35.70
CA ASP C 282 18.54 17.98 -36.54
C ASP C 282 17.71 17.40 -37.68
N LYS C 283 16.38 17.38 -37.54
CA LYS C 283 15.53 16.97 -38.64
C LYS C 283 15.08 18.15 -39.47
N MET C 284 15.17 19.33 -38.91
CA MET C 284 14.90 20.45 -39.72
C MET C 284 16.02 20.51 -40.78
N LYS C 285 17.25 20.28 -40.39
CA LYS C 285 18.36 20.37 -41.33
C LYS C 285 18.18 19.47 -42.55
N HIS C 286 17.27 18.51 -42.45
CA HIS C 286 16.97 17.57 -43.51
C HIS C 286 15.63 17.76 -44.12
N CYS C 287 14.86 18.67 -43.64
CA CYS C 287 13.50 18.91 -44.12
C CYS C 287 13.20 20.40 -44.02
N THR C 288 12.93 21.02 -45.17
CA THR C 288 12.61 22.43 -45.21
C THR C 288 11.17 22.74 -44.83
N LYS C 289 10.36 21.73 -44.78
CA LYS C 289 9.01 21.91 -44.42
C LYS C 289 8.70 22.28 -42.99
N ILE C 290 9.44 21.67 -42.08
CA ILE C 290 9.14 21.69 -40.66
C ILE C 290 9.31 23.05 -40.03
N GLN C 291 8.30 23.48 -39.28
CA GLN C 291 8.33 24.69 -38.53
C GLN C 291 7.85 24.31 -37.14
N VAL C 292 8.45 24.89 -36.11
CA VAL C 292 8.13 24.54 -34.75
C VAL C 292 7.60 25.65 -33.84
N ILE C 293 6.52 25.36 -33.13
CA ILE C 293 5.91 26.27 -32.17
C ILE C 293 6.58 26.09 -30.83
N ASP C 294 6.86 27.18 -30.14
CA ASP C 294 7.51 27.17 -28.85
C ASP C 294 6.50 27.11 -27.74
N ILE C 295 6.63 26.14 -26.87
CA ILE C 295 5.71 25.97 -25.74
C ILE C 295 6.42 26.22 -24.41
N SER C 296 7.55 26.91 -24.45
CA SER C 296 8.28 27.23 -23.22
C SER C 296 7.42 27.93 -22.19
N MET C 297 6.46 28.74 -22.64
CA MET C 297 5.71 29.54 -21.67
C MET C 297 4.56 28.74 -21.06
N ILE C 298 3.90 27.87 -21.83
CA ILE C 298 2.83 27.06 -21.25
C ILE C 298 3.37 26.18 -20.14
N LEU C 299 4.44 25.43 -20.43
CA LEU C 299 5.07 24.62 -19.40
C LEU C 299 5.66 25.49 -18.31
N ALA C 300 6.21 26.65 -18.68
CA ALA C 300 6.90 27.52 -17.73
C ALA C 300 5.96 28.02 -16.66
N GLU C 301 4.81 28.44 -17.15
CA GLU C 301 3.61 29.01 -16.55
C GLU C 301 2.80 28.06 -15.73
N ALA C 302 2.78 26.86 -16.20
CA ALA C 302 2.16 25.72 -15.53
C ALA C 302 3.00 25.27 -14.35
N ILE C 303 4.32 25.26 -14.53
CA ILE C 303 5.23 24.99 -13.43
C ILE C 303 5.10 26.09 -12.38
N ARG C 304 5.13 27.31 -12.79
CA ARG C 304 5.03 28.38 -11.85
C ARG C 304 3.70 28.33 -11.14
N ARG C 305 2.67 27.96 -11.83
CA ARG C 305 1.41 27.86 -11.16
C ARG C 305 1.41 26.80 -10.13
N THR C 306 2.01 25.71 -10.49
CA THR C 306 2.03 24.62 -9.50
C THR C 306 2.87 25.00 -8.28
N HIS C 307 3.88 25.82 -8.45
CA HIS C 307 4.72 26.21 -7.32
C HIS C 307 4.10 27.30 -6.46
N ASN C 308 3.04 27.96 -6.91
CA ASN C 308 2.45 29.10 -6.21
C ASN C 308 3.48 30.20 -6.05
N SER D 1 -11.70 -28.09 -5.89
CA SER D 1 -12.01 -27.17 -6.98
C SER D 1 -13.12 -26.21 -6.58
N PRO D 2 -12.87 -24.91 -6.75
CA PRO D 2 -13.89 -23.90 -6.42
C PRO D 2 -15.04 -23.94 -7.41
N ASN D 3 -16.26 -24.01 -6.88
CA ASN D 3 -17.44 -23.89 -7.72
C ASN D 3 -17.74 -22.42 -7.98
N ILE D 4 -18.54 -22.12 -8.94
CA ILE D 4 -18.81 -20.77 -9.26
C ILE D 4 -20.10 -20.36 -8.75
N VAL D 5 -20.11 -19.32 -7.96
CA VAL D 5 -21.27 -18.81 -7.28
C VAL D 5 -21.71 -17.48 -7.82
N LEU D 6 -23.01 -17.31 -8.01
CA LEU D 6 -23.55 -16.12 -8.66
C LEU D 6 -24.48 -15.36 -7.75
N PHE D 7 -24.30 -14.07 -7.67
CA PHE D 7 -25.15 -13.20 -6.91
C PHE D 7 -25.67 -12.08 -7.72
N SER D 8 -26.82 -11.62 -7.37
CA SER D 8 -27.41 -10.47 -8.00
C SER D 8 -27.89 -9.52 -6.99
N GLY D 9 -27.97 -8.31 -7.38
CA GLY D 9 -28.38 -7.25 -6.48
C GLY D 9 -29.81 -6.83 -6.73
N SER D 10 -30.10 -5.55 -6.46
CA SER D 10 -31.43 -5.04 -6.71
C SER D 10 -31.56 -4.43 -8.09
N SER D 11 -30.44 -4.03 -8.68
CA SER D 11 -30.44 -3.35 -9.97
C SER D 11 -30.94 -4.09 -11.17
N HIS D 12 -30.56 -5.31 -11.37
CA HIS D 12 -31.01 -6.01 -12.54
C HIS D 12 -31.41 -7.43 -12.29
N GLN D 13 -32.58 -7.63 -11.76
CA GLN D 13 -32.95 -8.96 -11.54
C GLN D 13 -33.08 -9.80 -12.75
N ASP D 14 -33.62 -9.24 -13.81
CA ASP D 14 -33.80 -9.93 -15.04
C ASP D 14 -32.56 -10.49 -15.70
N LEU D 15 -31.54 -9.69 -15.82
CA LEU D 15 -30.33 -10.12 -16.48
C LEU D 15 -29.60 -11.19 -15.79
N SER D 16 -29.49 -11.04 -14.52
CA SER D 16 -28.74 -11.88 -13.60
C SER D 16 -29.22 -13.32 -13.69
N GLN D 17 -30.53 -13.52 -13.70
CA GLN D 17 -30.99 -14.88 -13.82
C GLN D 17 -30.82 -15.41 -15.24
N ARG D 18 -30.84 -14.57 -16.23
CA ARG D 18 -30.56 -15.05 -17.54
C ARG D 18 -29.16 -15.59 -17.67
N VAL D 19 -28.14 -14.88 -17.23
CA VAL D 19 -26.80 -15.45 -17.28
C VAL D 19 -26.74 -16.69 -16.39
N ALA D 20 -27.53 -16.72 -15.32
CA ALA D 20 -27.56 -17.92 -14.49
C ALA D 20 -28.06 -19.13 -15.29
N ASP D 21 -29.05 -18.92 -16.14
CA ASP D 21 -29.57 -19.97 -16.96
C ASP D 21 -28.56 -20.39 -18.01
N ARG D 22 -27.87 -19.44 -18.61
CA ARG D 22 -26.88 -19.75 -19.59
C ARG D 22 -25.73 -20.53 -19.02
N LEU D 23 -25.42 -20.30 -17.77
CA LEU D 23 -24.36 -21.04 -17.11
C LEU D 23 -24.85 -22.36 -16.55
N GLY D 24 -26.16 -22.59 -16.55
CA GLY D 24 -26.76 -23.81 -16.04
C GLY D 24 -26.92 -23.91 -14.54
N LEU D 25 -27.03 -22.77 -13.91
CA LEU D 25 -27.11 -22.67 -12.48
C LEU D 25 -28.08 -21.69 -11.97
N GLU D 26 -28.31 -21.66 -10.68
CA GLU D 26 -29.28 -20.76 -10.11
C GLU D 26 -28.59 -19.64 -9.37
N LEU D 27 -29.31 -18.60 -9.03
CA LEU D 27 -28.74 -17.45 -8.36
C LEU D 27 -28.55 -17.71 -6.88
N GLY D 28 -27.59 -17.02 -6.29
CA GLY D 28 -27.23 -17.26 -4.91
C GLY D 28 -28.20 -16.59 -3.95
N LYS D 29 -28.27 -17.15 -2.79
CA LYS D 29 -29.17 -16.61 -1.87
C LYS D 29 -28.63 -15.41 -1.25
N VAL D 30 -29.28 -14.34 -1.50
CA VAL D 30 -28.88 -13.08 -0.88
C VAL D 30 -30.14 -12.25 -0.74
N VAL D 31 -30.36 -11.68 0.44
CA VAL D 31 -31.45 -10.73 0.64
C VAL D 31 -30.82 -9.34 0.75
N THR D 32 -31.28 -8.42 -0.11
CA THR D 32 -30.83 -7.04 -0.07
C THR D 32 -32.02 -6.13 0.23
N LYS D 33 -31.82 -5.36 1.26
CA LYS D 33 -32.82 -4.42 1.72
C LYS D 33 -32.25 -3.14 2.14
N LYS D 34 -33.07 -2.16 2.41
CA LYS D 34 -32.54 -0.90 2.84
C LYS D 34 -33.13 -0.58 4.16
N PHE D 35 -32.33 -0.24 5.13
CA PHE D 35 -32.86 0.04 6.45
C PHE D 35 -33.73 1.28 6.44
N SER D 36 -34.37 1.54 7.58
CA SER D 36 -35.33 2.61 7.64
C SER D 36 -34.66 3.97 7.45
N ASN D 37 -33.38 4.07 7.80
CA ASN D 37 -32.60 5.28 7.57
C ASN D 37 -31.86 5.27 6.24
N GLN D 38 -32.25 4.41 5.33
CA GLN D 38 -31.62 4.49 4.08
C GLN D 38 -30.25 3.93 3.96
N GLU D 39 -29.91 3.07 4.84
CA GLU D 39 -28.59 2.44 4.86
C GLU D 39 -28.71 1.08 4.19
N THR D 40 -28.10 0.94 3.01
CA THR D 40 -28.12 -0.34 2.30
C THR D 40 -27.69 -1.48 3.22
N SER D 41 -28.40 -2.60 3.11
CA SER D 41 -28.12 -3.80 3.89
C SER D 41 -27.92 -4.99 2.98
N VAL D 42 -26.89 -5.79 3.27
CA VAL D 42 -26.57 -6.98 2.50
C VAL D 42 -26.42 -8.16 3.46
N GLU D 43 -27.06 -9.24 3.13
CA GLU D 43 -26.89 -10.41 3.88
C GLU D 43 -26.82 -11.62 3.03
N ILE D 44 -25.67 -12.22 2.95
CA ILE D 44 -25.43 -13.42 2.16
C ILE D 44 -26.08 -14.61 2.84
N GLY D 45 -26.74 -15.45 2.05
CA GLY D 45 -27.49 -16.58 2.58
C GLY D 45 -26.82 -17.93 2.36
N GLU D 46 -25.74 -17.94 1.64
CA GLU D 46 -25.04 -19.16 1.33
C GLU D 46 -23.57 -19.05 1.53
N SER D 47 -22.88 -20.16 1.78
CA SER D 47 -21.45 -20.15 2.04
C SER D 47 -20.72 -19.89 0.74
N VAL D 48 -19.75 -18.97 0.79
CA VAL D 48 -18.93 -18.64 -0.37
C VAL D 48 -17.46 -18.92 -0.11
N ARG D 49 -17.19 -19.62 0.96
CA ARG D 49 -15.84 -19.88 1.28
C ARG D 49 -15.23 -20.69 0.24
N GLY D 50 -14.04 -20.33 -0.21
CA GLY D 50 -13.36 -21.15 -1.20
C GLY D 50 -14.09 -21.27 -2.52
N GLU D 51 -14.92 -20.31 -2.85
CA GLU D 51 -15.58 -20.35 -4.12
C GLU D 51 -15.35 -19.15 -4.92
N ASP D 52 -15.66 -19.29 -6.17
CA ASP D 52 -15.41 -18.25 -7.11
C ASP D 52 -16.74 -17.55 -7.23
N VAL D 53 -16.86 -16.36 -6.69
CA VAL D 53 -18.13 -15.63 -6.68
C VAL D 53 -18.10 -14.50 -7.70
N TYR D 54 -19.23 -14.31 -8.38
CA TYR D 54 -19.41 -13.25 -9.37
C TYR D 54 -20.66 -12.48 -8.96
N ILE D 55 -20.52 -11.18 -8.80
CA ILE D 55 -21.62 -10.33 -8.34
C ILE D 55 -21.99 -9.42 -9.50
N ILE D 56 -23.23 -9.52 -9.95
CA ILE D 56 -23.68 -8.69 -11.06
C ILE D 56 -24.52 -7.55 -10.57
N GLN D 57 -24.10 -6.34 -10.88
CA GLN D 57 -24.86 -5.16 -10.52
C GLN D 57 -24.50 -4.06 -11.50
N SER D 58 -25.50 -3.48 -12.14
CA SER D 58 -25.30 -2.51 -13.18
C SER D 58 -25.48 -1.10 -12.64
N GLY D 59 -24.77 -0.16 -13.27
CA GLY D 59 -24.92 1.24 -12.90
C GLY D 59 -26.17 1.78 -13.56
N CYS D 60 -27.26 1.17 -13.18
CA CYS D 60 -28.53 1.61 -13.64
C CYS D 60 -29.28 2.07 -12.43
N GLY D 61 -30.57 2.27 -12.57
CA GLY D 61 -31.50 2.70 -11.54
C GLY D 61 -31.13 3.93 -10.75
N GLU D 62 -31.08 3.70 -9.43
CA GLU D 62 -30.57 4.67 -8.45
C GLU D 62 -29.19 4.13 -8.25
N ILE D 63 -28.19 4.84 -8.70
CA ILE D 63 -26.89 4.17 -8.86
C ILE D 63 -26.12 4.09 -7.56
N ASN D 64 -26.16 5.12 -6.77
CA ASN D 64 -25.38 5.18 -5.57
C ASN D 64 -25.65 4.10 -4.57
N ASP D 65 -26.89 3.70 -4.51
CA ASP D 65 -27.34 2.63 -3.73
C ASP D 65 -26.89 1.29 -4.21
N ASN D 66 -27.06 1.03 -5.47
CA ASN D 66 -26.67 -0.22 -6.11
C ASN D 66 -25.16 -0.39 -6.12
N LEU D 67 -24.43 0.71 -6.33
CA LEU D 67 -22.99 0.69 -6.26
C LEU D 67 -22.51 0.49 -4.83
N MET D 68 -23.16 1.14 -3.87
CA MET D 68 -22.75 1.02 -2.48
C MET D 68 -23.03 -0.38 -1.95
N GLU D 69 -24.15 -0.91 -2.37
CA GLU D 69 -24.52 -2.28 -2.07
C GLU D 69 -23.59 -3.28 -2.77
N LEU D 70 -23.20 -2.98 -3.97
CA LEU D 70 -22.23 -3.80 -4.70
C LEU D 70 -20.94 -3.88 -3.90
N LEU D 71 -20.48 -2.76 -3.39
CA LEU D 71 -19.27 -2.74 -2.58
C LEU D 71 -19.45 -3.55 -1.31
N ILE D 72 -20.64 -3.45 -0.70
CA ILE D 72 -20.87 -4.20 0.53
C ILE D 72 -20.87 -5.70 0.28
N MET D 73 -21.42 -6.09 -0.84
CA MET D 73 -21.47 -7.45 -1.27
C MET D 73 -20.08 -8.01 -1.55
N ILE D 74 -19.25 -7.23 -2.22
CA ILE D 74 -17.87 -7.62 -2.53
C ILE D 74 -17.06 -7.75 -1.25
N ASN D 75 -17.18 -6.78 -0.35
CA ASN D 75 -16.45 -6.89 0.92
C ASN D 75 -17.09 -7.91 1.84
N ALA D 76 -18.33 -8.27 1.65
CA ALA D 76 -18.87 -9.31 2.47
C ALA D 76 -18.24 -10.60 2.10
N CYS D 77 -18.04 -10.76 0.81
CA CYS D 77 -17.38 -11.90 0.19
C CYS D 77 -15.90 -12.03 0.44
N LYS D 78 -15.16 -10.97 0.45
CA LYS D 78 -13.76 -11.03 0.77
C LYS D 78 -13.51 -11.47 2.21
N ILE D 79 -14.18 -10.95 3.21
CA ILE D 79 -13.89 -11.44 4.56
C ILE D 79 -14.50 -12.80 4.82
N ALA D 80 -15.44 -13.26 3.98
CA ALA D 80 -15.93 -14.61 4.08
C ALA D 80 -14.99 -15.62 3.43
N SER D 81 -13.80 -15.18 3.01
CA SER D 81 -12.75 -16.05 2.50
C SER D 81 -13.16 -16.74 1.21
N SER D 82 -13.79 -15.99 0.31
CA SER D 82 -14.11 -16.55 -1.01
C SER D 82 -12.82 -16.66 -1.83
N SER D 83 -12.81 -17.63 -2.74
CA SER D 83 -11.61 -17.84 -3.53
C SER D 83 -11.27 -16.60 -4.34
N ARG D 84 -12.28 -15.97 -4.91
CA ARG D 84 -12.08 -14.77 -5.68
C ARG D 84 -13.40 -14.05 -5.84
N VAL D 85 -13.40 -12.73 -5.93
CA VAL D 85 -14.61 -11.97 -6.17
C VAL D 85 -14.43 -11.17 -7.46
N THR D 86 -15.40 -11.29 -8.36
CA THR D 86 -15.42 -10.62 -9.64
C THR D 86 -16.67 -9.75 -9.70
N ALA D 87 -16.51 -8.47 -10.01
CA ALA D 87 -17.65 -7.58 -10.16
C ALA D 87 -18.07 -7.55 -11.63
N VAL D 88 -19.27 -8.05 -11.91
CA VAL D 88 -19.84 -8.00 -13.25
C VAL D 88 -20.73 -6.75 -13.30
N ILE D 89 -20.24 -5.72 -13.99
CA ILE D 89 -20.91 -4.43 -14.04
C ILE D 89 -21.24 -4.10 -15.49
N PRO D 90 -22.40 -4.52 -16.01
CA PRO D 90 -22.65 -4.34 -17.44
C PRO D 90 -22.52 -2.91 -17.91
N CYS D 91 -23.06 -1.96 -17.15
CA CYS D 91 -22.91 -0.53 -17.43
C CYS D 91 -22.14 0.12 -16.29
N PHE D 92 -20.93 0.57 -16.57
CA PHE D 92 -20.05 1.10 -15.54
C PHE D 92 -20.48 2.49 -15.13
N PRO D 93 -20.75 2.75 -13.84
CA PRO D 93 -21.21 4.07 -13.44
C PRO D 93 -20.09 5.10 -13.52
N TYR D 94 -20.51 6.36 -13.68
CA TYR D 94 -19.60 7.52 -13.69
C TYR D 94 -18.55 7.44 -14.81
N ALA D 95 -18.76 6.59 -15.80
CA ALA D 95 -17.80 6.42 -16.89
C ALA D 95 -17.66 7.73 -17.65
N ARG D 96 -18.76 8.42 -17.81
CA ARG D 96 -18.91 9.68 -18.56
C ARG D 96 -18.31 10.86 -17.81
N GLN D 97 -18.21 11.96 -18.52
CA GLN D 97 -17.66 13.14 -17.94
C GLN D 97 -18.42 14.40 -18.30
N ASP D 98 -18.06 15.48 -17.63
CA ASP D 98 -18.65 16.78 -17.88
C ASP D 98 -17.54 17.81 -17.99
N LYS D 99 -16.31 17.36 -18.23
CA LYS D 99 -15.17 18.26 -18.28
C LYS D 99 -15.25 19.33 -19.33
N LYS D 100 -15.45 18.90 -20.56
CA LYS D 100 -15.55 19.75 -21.73
C LYS D 100 -14.40 20.69 -22.12
N ASP D 101 -14.76 21.95 -22.30
CA ASP D 101 -13.87 22.98 -22.79
C ASP D 101 -13.03 23.79 -21.81
N LYS D 102 -12.32 23.09 -20.95
CA LYS D 102 -11.34 23.84 -20.14
C LYS D 102 -10.42 24.37 -21.23
N VAL D 103 -10.00 25.62 -21.17
CA VAL D 103 -9.17 26.04 -22.32
C VAL D 103 -7.75 25.74 -21.89
N GLY D 104 -7.03 24.86 -22.61
CA GLY D 104 -5.62 24.59 -22.27
C GLY D 104 -5.30 23.38 -21.41
N GLU D 105 -6.26 22.57 -21.04
CA GLU D 105 -5.95 21.37 -20.33
C GLU D 105 -7.18 20.50 -20.11
N SER D 106 -6.98 19.21 -19.88
CA SER D 106 -8.09 18.34 -19.55
C SER D 106 -8.36 18.36 -18.03
N ARG D 107 -9.51 17.84 -17.69
CA ARG D 107 -9.95 17.63 -16.31
C ARG D 107 -9.79 16.13 -16.09
N ALA D 108 -9.23 15.68 -14.99
CA ALA D 108 -9.07 14.22 -14.88
C ALA D 108 -10.34 13.46 -14.57
N PRO D 109 -10.52 12.27 -15.11
CA PRO D 109 -11.62 11.43 -14.70
C PRO D 109 -11.58 11.26 -13.23
N ILE D 110 -12.03 12.25 -12.51
CA ILE D 110 -12.03 12.07 -11.09
C ILE D 110 -13.07 11.07 -10.64
N SER D 111 -14.25 11.09 -11.23
CA SER D 111 -15.28 10.18 -10.78
C SER D 111 -15.12 8.74 -11.15
N ALA D 112 -14.69 8.43 -12.34
CA ALA D 112 -14.57 7.06 -12.72
C ALA D 112 -13.42 6.36 -12.06
N LYS D 113 -12.38 7.13 -11.77
CA LYS D 113 -11.23 6.61 -11.10
C LYS D 113 -11.58 6.40 -9.64
N LEU D 114 -12.46 7.22 -9.12
CA LEU D 114 -12.93 7.06 -7.74
C LEU D 114 -13.73 5.78 -7.59
N VAL D 115 -14.61 5.48 -8.56
CA VAL D 115 -15.34 4.22 -8.51
C VAL D 115 -14.41 3.04 -8.70
N ALA D 116 -13.35 3.20 -9.49
CA ALA D 116 -12.36 2.15 -9.65
C ALA D 116 -11.68 1.85 -8.32
N ASN D 117 -11.20 2.98 -7.66
CA ASN D 117 -10.50 2.78 -6.40
C ASN D 117 -11.43 2.23 -5.33
N MET D 118 -12.72 2.58 -5.38
CA MET D 118 -13.65 2.06 -4.38
C MET D 118 -13.95 0.59 -4.63
N LEU D 119 -14.08 0.19 -5.90
CA LEU D 119 -14.22 -1.22 -6.22
C LEU D 119 -12.98 -2.01 -5.86
N SER D 120 -11.80 -1.40 -6.00
CA SER D 120 -10.56 -2.09 -5.69
C SER D 120 -10.39 -2.29 -4.19
N VAL D 121 -10.61 -1.24 -3.40
CA VAL D 121 -10.46 -1.38 -1.95
C VAL D 121 -11.54 -2.26 -1.37
N ALA D 122 -12.72 -2.30 -1.99
CA ALA D 122 -13.76 -3.18 -1.45
C ALA D 122 -13.30 -4.63 -1.50
N GLY D 123 -12.45 -4.98 -2.45
CA GLY D 123 -11.88 -6.31 -2.52
C GLY D 123 -12.09 -7.02 -3.84
N ALA D 124 -12.49 -6.30 -4.87
CA ALA D 124 -12.67 -6.92 -6.17
C ALA D 124 -11.35 -7.43 -6.72
N ASP D 125 -11.38 -8.59 -7.39
CA ASP D 125 -10.20 -9.12 -8.06
C ASP D 125 -10.34 -9.18 -9.57
N HIS D 126 -11.50 -8.87 -10.11
CA HIS D 126 -11.72 -8.95 -11.55
C HIS D 126 -12.96 -8.14 -11.87
N ILE D 127 -13.01 -7.56 -13.07
CA ILE D 127 -14.17 -6.81 -13.53
C ILE D 127 -14.55 -7.29 -14.92
N ILE D 128 -15.83 -7.58 -15.11
CA ILE D 128 -16.41 -7.89 -16.41
C ILE D 128 -17.45 -6.82 -16.71
N THR D 129 -17.19 -6.00 -17.72
CA THR D 129 -18.06 -4.89 -18.07
C THR D 129 -18.19 -4.84 -19.59
N MET D 130 -19.11 -4.02 -20.09
CA MET D 130 -19.40 -4.01 -21.52
C MET D 130 -19.43 -2.60 -22.09
N ASP D 131 -18.65 -2.38 -23.13
CA ASP D 131 -18.64 -1.10 -23.86
C ASP D 131 -18.46 0.06 -22.94
N LEU D 132 -17.27 0.24 -22.39
CA LEU D 132 -17.00 1.38 -21.49
C LEU D 132 -17.03 2.63 -22.34
N HIS D 133 -17.38 3.75 -21.78
CA HIS D 133 -17.40 5.00 -22.55
C HIS D 133 -15.98 5.27 -23.04
N ALA D 134 -15.00 4.90 -22.24
CA ALA D 134 -13.59 4.97 -22.61
C ALA D 134 -12.91 3.71 -22.14
N SER D 135 -12.23 3.04 -23.07
CA SER D 135 -11.54 1.79 -22.75
C SER D 135 -10.42 2.01 -21.74
N GLN D 136 -9.85 3.22 -21.71
CA GLN D 136 -8.76 3.48 -20.79
C GLN D 136 -9.18 3.36 -19.32
N ILE D 137 -10.47 3.24 -19.03
CA ILE D 137 -10.88 2.99 -17.66
C ILE D 137 -10.41 1.61 -17.19
N GLN D 138 -10.05 0.75 -18.10
CA GLN D 138 -9.48 -0.52 -17.76
C GLN D 138 -8.20 -0.26 -17.03
N GLY D 139 -7.48 0.75 -17.44
CA GLY D 139 -6.24 1.07 -16.79
C GLY D 139 -6.39 1.75 -15.45
N PHE D 140 -7.61 2.06 -15.04
CA PHE D 140 -7.87 2.65 -13.73
C PHE D 140 -7.76 1.62 -12.62
N PHE D 141 -7.50 0.37 -12.96
CA PHE D 141 -7.36 -0.72 -12.02
C PHE D 141 -5.98 -1.34 -12.20
N ASP D 142 -5.69 -2.26 -11.31
CA ASP D 142 -4.49 -3.04 -11.37
C ASP D 142 -4.87 -4.50 -11.48
N ILE D 143 -6.15 -4.74 -11.65
CA ILE D 143 -6.72 -6.09 -11.70
C ILE D 143 -7.24 -6.29 -13.12
N PRO D 144 -7.35 -7.54 -13.55
CA PRO D 144 -7.90 -7.77 -14.89
C PRO D 144 -9.28 -7.17 -15.02
N VAL D 145 -9.51 -6.51 -16.16
CA VAL D 145 -10.79 -5.88 -16.47
C VAL D 145 -11.15 -6.27 -17.89
N ASP D 146 -12.29 -6.93 -18.04
CA ASP D 146 -12.78 -7.32 -19.34
C ASP D 146 -13.82 -6.36 -19.81
N ASN D 147 -13.47 -5.56 -20.79
CA ASN D 147 -14.40 -4.59 -21.35
C ASN D 147 -14.91 -5.19 -22.65
N LEU D 148 -16.01 -5.93 -22.58
CA LEU D 148 -16.52 -6.66 -23.73
C LEU D 148 -17.31 -5.75 -24.66
N TYR D 149 -17.36 -6.14 -25.92
CA TYR D 149 -18.07 -5.38 -26.96
C TYR D 149 -19.43 -6.02 -27.22
N ALA D 150 -20.42 -5.18 -27.46
CA ALA D 150 -21.72 -5.67 -27.91
C ALA D 150 -21.83 -5.66 -29.43
N GLU D 151 -20.75 -5.29 -30.11
CA GLU D 151 -20.82 -5.08 -31.55
C GLU D 151 -21.18 -6.34 -32.35
N PRO D 152 -20.69 -7.54 -32.01
CA PRO D 152 -21.21 -8.73 -32.71
C PRO D 152 -22.73 -8.80 -32.76
N ALA D 153 -23.37 -8.69 -31.59
CA ALA D 153 -24.82 -8.84 -31.52
C ALA D 153 -25.56 -7.72 -32.22
N VAL D 154 -25.00 -6.51 -32.24
CA VAL D 154 -25.65 -5.44 -32.98
C VAL D 154 -25.52 -5.71 -34.49
N LEU D 155 -24.35 -6.17 -34.93
CA LEU D 155 -24.19 -6.47 -36.35
C LEU D 155 -25.16 -7.56 -36.78
N GLN D 156 -25.35 -8.58 -35.95
CA GLN D 156 -26.25 -9.64 -36.35
C GLN D 156 -27.71 -9.19 -36.26
N TRP D 157 -28.06 -8.38 -35.26
CA TRP D 157 -29.40 -7.83 -35.22
C TRP D 157 -29.72 -7.07 -36.49
N ILE D 158 -28.79 -6.25 -36.94
CA ILE D 158 -29.11 -5.56 -38.13
C ILE D 158 -29.22 -6.49 -39.30
N ARG D 159 -28.20 -7.27 -39.51
CA ARG D 159 -28.17 -8.11 -40.68
C ARG D 159 -29.35 -8.99 -40.80
N GLU D 160 -30.04 -9.23 -39.73
CA GLU D 160 -31.25 -10.01 -39.84
C GLU D 160 -32.50 -9.21 -39.71
N ASN D 161 -32.40 -7.92 -39.48
CA ASN D 161 -33.60 -7.13 -39.25
C ASN D 161 -33.79 -5.93 -40.16
N ILE D 162 -32.77 -5.44 -40.85
CA ILE D 162 -32.93 -4.30 -41.75
C ILE D 162 -32.72 -4.80 -43.17
N ALA D 163 -33.78 -4.75 -43.98
CA ALA D 163 -33.69 -5.30 -45.34
C ALA D 163 -32.66 -4.55 -46.17
N GLU D 164 -32.67 -3.22 -46.10
CA GLU D 164 -31.76 -2.38 -46.88
C GLU D 164 -30.44 -2.16 -46.17
N TRP D 165 -29.83 -3.21 -45.62
CA TRP D 165 -28.57 -3.03 -44.91
C TRP D 165 -27.36 -3.21 -45.80
N LYS D 166 -27.45 -3.84 -46.95
CA LYS D 166 -26.23 -3.93 -47.69
C LYS D 166 -25.81 -2.56 -48.13
N ASN D 167 -26.75 -1.68 -48.42
CA ASN D 167 -26.39 -0.29 -48.69
C ASN D 167 -27.08 0.54 -47.61
N CYS D 168 -26.49 0.58 -46.43
CA CYS D 168 -26.95 1.47 -45.37
C CYS D 168 -25.90 2.56 -45.14
N ILE D 169 -26.14 3.39 -44.14
CA ILE D 169 -25.20 4.43 -43.73
C ILE D 169 -25.22 4.51 -42.20
N ILE D 170 -24.04 4.42 -41.59
CA ILE D 170 -23.90 4.44 -40.14
C ILE D 170 -23.36 5.80 -39.72
N VAL D 171 -24.02 6.39 -38.67
CA VAL D 171 -23.79 7.77 -38.07
C VAL D 171 -24.12 8.00 -36.55
N SER D 172 -23.50 9.07 -35.99
CA SER D 172 -23.57 9.53 -34.58
C SER D 172 -23.82 11.05 -34.53
N PRO D 173 -24.07 11.68 -33.34
CA PRO D 173 -24.32 13.12 -33.22
C PRO D 173 -23.05 14.00 -33.27
N ASP D 174 -22.15 13.82 -32.30
CA ASP D 174 -20.83 14.50 -32.24
C ASP D 174 -19.78 13.44 -32.63
N ALA D 175 -18.68 13.84 -33.22
CA ALA D 175 -17.60 12.92 -33.63
C ALA D 175 -17.27 11.85 -32.59
N GLY D 176 -17.14 12.21 -31.30
CA GLY D 176 -16.64 11.31 -30.21
C GLY D 176 -17.02 9.82 -30.27
N GLY D 177 -18.13 9.42 -30.92
CA GLY D 177 -18.52 8.03 -31.16
C GLY D 177 -17.87 7.47 -32.44
N ALA D 178 -16.96 8.27 -33.09
CA ALA D 178 -16.21 7.93 -34.34
C ALA D 178 -15.41 6.69 -34.02
N LYS D 179 -14.77 6.68 -32.84
CA LYS D 179 -14.03 5.46 -32.47
C LYS D 179 -15.19 4.52 -32.25
N ARG D 180 -16.03 4.41 -33.30
CA ARG D 180 -17.10 3.51 -33.10
C ARG D 180 -17.89 3.19 -34.29
N VAL D 181 -18.35 4.24 -34.96
CA VAL D 181 -19.12 4.23 -36.20
C VAL D 181 -18.29 3.60 -37.31
N THR D 182 -17.04 4.06 -37.45
CA THR D 182 -16.10 3.38 -38.34
C THR D 182 -16.13 1.86 -38.13
N SER D 183 -15.92 1.43 -36.87
CA SER D 183 -15.84 0.00 -36.57
C SER D 183 -17.06 -0.77 -37.05
N ILE D 184 -18.27 -0.35 -36.65
CA ILE D 184 -19.46 -1.00 -37.16
C ILE D 184 -19.53 -0.94 -38.69
N ALA D 185 -19.20 0.22 -39.27
CA ALA D 185 -19.39 0.43 -40.71
C ALA D 185 -18.55 -0.54 -41.55
N ASP D 186 -17.26 -0.60 -41.33
CA ASP D 186 -16.32 -1.44 -42.11
C ASP D 186 -16.42 -2.91 -41.96
N ARG D 187 -17.18 -3.29 -40.98
CA ARG D 187 -17.40 -4.69 -40.72
C ARG D 187 -18.52 -5.12 -41.66
N LEU D 188 -19.17 -4.15 -42.26
CA LEU D 188 -20.17 -4.37 -43.30
C LEU D 188 -19.74 -3.81 -44.65
N ASN D 189 -18.49 -3.33 -44.77
CA ASN D 189 -17.98 -2.63 -45.95
C ASN D 189 -18.97 -1.57 -46.43
N VAL D 190 -19.20 -0.59 -45.55
CA VAL D 190 -20.21 0.44 -45.73
C VAL D 190 -19.60 1.81 -45.53
N GLU D 191 -20.14 2.79 -46.24
CA GLU D 191 -19.78 4.20 -46.04
C GLU D 191 -20.35 4.68 -44.71
N PHE D 192 -20.04 5.92 -44.38
CA PHE D 192 -20.50 6.51 -43.14
C PHE D 192 -20.43 8.02 -43.14
N ALA D 193 -21.06 8.61 -42.15
CA ALA D 193 -21.11 10.05 -41.99
C ALA D 193 -21.24 10.33 -40.51
N LEU D 194 -20.97 11.57 -40.12
CA LEU D 194 -21.08 11.94 -38.71
C LEU D 194 -21.72 13.30 -38.58
N ILE D 195 -22.40 13.51 -37.45
CA ILE D 195 -23.11 14.74 -37.16
C ILE D 195 -22.36 15.46 -36.04
N HIS D 196 -22.26 16.78 -36.14
CA HIS D 196 -21.68 17.58 -35.11
C HIS D 196 -22.38 18.91 -35.06
N LYS D 197 -22.72 19.41 -33.89
CA LYS D 197 -23.40 20.69 -33.71
C LYS D 197 -22.43 21.86 -33.73
N MET D 208 -26.87 23.14 -36.17
CA MET D 208 -26.21 21.84 -36.20
C MET D 208 -25.94 21.38 -37.63
N VAL D 209 -24.72 20.90 -37.89
CA VAL D 209 -24.33 20.51 -39.23
C VAL D 209 -24.05 19.01 -39.28
N LEU D 210 -23.96 18.47 -40.50
CA LEU D 210 -23.68 17.08 -40.79
C LEU D 210 -22.71 17.02 -41.96
N VAL D 211 -21.73 16.12 -41.90
CA VAL D 211 -20.78 15.96 -43.00
C VAL D 211 -20.77 14.52 -43.48
N GLY D 212 -21.03 14.33 -44.78
CA GLY D 212 -21.31 13.04 -45.40
C GLY D 212 -22.69 13.17 -46.02
N ASP D 213 -23.11 12.29 -46.91
CA ASP D 213 -24.47 12.37 -47.43
C ASP D 213 -25.13 11.00 -47.41
N VAL D 214 -26.38 11.00 -46.98
CA VAL D 214 -27.23 9.83 -46.77
C VAL D 214 -28.51 9.93 -47.60
N LYS D 215 -28.48 10.72 -48.67
CA LYS D 215 -29.68 11.01 -49.45
C LYS D 215 -30.27 9.74 -50.03
N ASP D 216 -31.56 9.55 -49.79
CA ASP D 216 -32.31 8.36 -50.19
C ASP D 216 -31.63 7.07 -49.73
N ARG D 217 -31.32 7.01 -48.44
CA ARG D 217 -30.82 5.76 -47.88
C ARG D 217 -31.08 5.71 -46.38
N VAL D 218 -31.10 4.48 -45.86
CA VAL D 218 -31.40 4.23 -44.46
C VAL D 218 -30.22 4.69 -43.61
N ALA D 219 -30.48 5.60 -42.67
CA ALA D 219 -29.47 6.13 -41.77
C ALA D 219 -29.52 5.42 -40.43
N ILE D 220 -28.34 5.21 -39.84
CA ILE D 220 -28.23 4.43 -38.61
C ILE D 220 -27.30 5.09 -37.62
N LEU D 221 -27.88 5.76 -36.63
CA LEU D 221 -27.10 6.38 -35.57
C LEU D 221 -26.67 5.31 -34.57
N VAL D 222 -25.39 5.27 -34.24
CA VAL D 222 -24.93 4.35 -33.20
C VAL D 222 -24.02 5.10 -32.26
N ASP D 223 -24.22 4.88 -30.97
CA ASP D 223 -23.42 5.46 -29.91
C ASP D 223 -23.51 4.54 -28.72
N ASP D 224 -22.72 4.83 -27.69
CA ASP D 224 -22.67 4.04 -26.45
C ASP D 224 -23.79 3.98 -25.49
N MET D 225 -24.36 5.09 -25.14
CA MET D 225 -25.38 5.13 -24.17
C MET D 225 -26.36 6.20 -24.49
N ALA D 226 -27.62 6.00 -24.19
CA ALA D 226 -28.56 7.04 -24.44
C ALA D 226 -29.11 7.50 -23.12
N ASP D 227 -29.06 8.78 -22.81
CA ASP D 227 -29.64 9.24 -21.57
C ASP D 227 -30.78 10.16 -21.88
N THR D 228 -30.48 11.42 -22.10
CA THR D 228 -31.46 12.37 -22.42
C THR D 228 -32.04 12.17 -23.80
N CYS D 229 -31.19 11.98 -24.81
CA CYS D 229 -31.59 11.60 -26.16
C CYS D 229 -31.90 12.78 -27.08
N GLY D 230 -31.58 14.01 -26.68
CA GLY D 230 -31.95 15.15 -27.52
C GLY D 230 -31.18 15.23 -28.82
N THR D 231 -29.88 15.01 -28.67
CA THR D 231 -28.91 15.01 -29.73
C THR D 231 -29.21 14.06 -30.83
N ILE D 232 -29.70 12.92 -30.48
CA ILE D 232 -30.02 11.87 -31.45
C ILE D 232 -31.39 12.06 -32.07
N CYS D 233 -32.32 12.75 -31.39
CA CYS D 233 -33.60 13.05 -32.01
C CYS D 233 -33.46 14.16 -33.05
N HIS D 234 -32.79 15.24 -32.67
CA HIS D 234 -32.54 16.31 -33.59
C HIS D 234 -31.72 15.70 -34.69
N ALA D 235 -30.81 14.80 -34.34
CA ALA D 235 -30.04 14.18 -35.37
C ALA D 235 -30.90 13.39 -36.30
N ALA D 236 -31.87 12.66 -35.79
CA ALA D 236 -32.70 11.87 -36.68
C ALA D 236 -33.46 12.76 -37.65
N ASP D 237 -33.99 13.87 -37.15
CA ASP D 237 -34.70 14.77 -38.00
C ASP D 237 -33.83 15.38 -39.05
N LYS D 238 -32.65 15.83 -38.70
CA LYS D 238 -31.79 16.38 -39.72
C LYS D 238 -31.42 15.33 -40.74
N LEU D 239 -31.23 14.10 -40.30
CA LEU D 239 -30.87 13.04 -41.24
C LEU D 239 -31.93 12.85 -42.31
N LEU D 240 -33.18 13.03 -41.95
CA LEU D 240 -34.21 13.04 -42.93
C LEU D 240 -34.02 14.32 -43.70
N SER D 241 -33.82 15.43 -43.01
CA SER D 241 -33.74 16.66 -43.79
C SER D 241 -32.72 16.49 -44.93
N ALA D 242 -31.88 15.49 -44.84
CA ALA D 242 -30.92 15.22 -45.90
C ALA D 242 -31.25 13.98 -46.70
N GLY D 243 -32.41 13.36 -46.48
CA GLY D 243 -32.73 12.28 -47.43
C GLY D 243 -32.72 10.80 -47.03
N ALA D 244 -32.53 10.41 -45.79
CA ALA D 244 -32.51 8.97 -45.52
C ALA D 244 -33.89 8.31 -45.64
N THR D 245 -33.94 7.07 -46.05
CA THR D 245 -35.21 6.42 -46.15
C THR D 245 -35.92 6.34 -44.81
N LYS D 246 -35.19 5.80 -43.84
CA LYS D 246 -35.60 5.61 -42.45
C LYS D 246 -34.38 5.91 -41.60
N VAL D 247 -34.62 6.20 -40.31
CA VAL D 247 -33.52 6.38 -39.38
C VAL D 247 -33.72 5.43 -38.21
N TYR D 248 -32.68 4.67 -37.89
CA TYR D 248 -32.63 3.82 -36.72
C TYR D 248 -31.63 4.41 -35.74
N ALA D 249 -31.69 3.93 -34.50
CA ALA D 249 -30.75 4.35 -33.45
C ALA D 249 -30.34 3.12 -32.67
N ILE D 250 -29.04 2.83 -32.66
CA ILE D 250 -28.50 1.65 -32.01
C ILE D 250 -27.56 2.08 -30.91
N LEU D 251 -27.87 1.69 -29.68
CA LEU D 251 -27.06 2.01 -28.53
C LEU D 251 -26.84 0.71 -27.76
N THR D 252 -25.81 0.69 -26.93
CA THR D 252 -25.59 -0.46 -26.05
C THR D 252 -26.37 -0.31 -24.74
N HIS D 253 -26.18 0.65 -23.92
CA HIS D 253 -26.78 0.84 -22.61
C HIS D 253 -28.07 1.63 -22.77
N GLY D 254 -29.17 1.16 -22.43
CA GLY D 254 -30.40 1.92 -22.47
C GLY D 254 -30.84 2.50 -21.13
N ILE D 255 -30.35 3.70 -20.89
CA ILE D 255 -30.58 4.51 -19.67
C ILE D 255 -31.91 5.24 -19.77
N PHE D 256 -32.11 6.10 -20.76
CA PHE D 256 -33.41 6.82 -20.97
C PHE D 256 -33.86 7.55 -19.70
N SER D 257 -33.07 8.53 -19.27
CA SER D 257 -33.43 9.28 -18.05
C SER D 257 -34.17 10.56 -18.43
N GLY D 258 -34.62 11.30 -17.43
CA GLY D 258 -35.30 12.59 -17.68
C GLY D 258 -36.42 12.46 -18.66
N PRO D 259 -36.48 13.32 -19.69
CA PRO D 259 -37.55 13.30 -20.67
C PRO D 259 -37.29 12.45 -21.91
N ALA D 260 -36.39 11.50 -21.82
CA ALA D 260 -36.02 10.73 -23.00
C ALA D 260 -37.22 10.09 -23.69
N ILE D 261 -38.03 9.35 -22.94
CA ILE D 261 -39.06 8.52 -23.55
C ILE D 261 -40.09 9.37 -24.26
N SER D 262 -40.45 10.52 -23.69
CA SER D 262 -41.36 11.42 -24.40
C SER D 262 -40.76 11.90 -25.70
N ARG D 263 -39.45 12.08 -25.71
CA ARG D 263 -38.74 12.53 -26.89
C ARG D 263 -38.74 11.51 -28.00
N ILE D 264 -38.45 10.29 -27.66
CA ILE D 264 -38.41 9.23 -28.65
C ILE D 264 -39.81 8.90 -29.13
N ASN D 265 -40.81 9.08 -28.26
CA ASN D 265 -42.20 8.93 -28.67
C ASN D 265 -42.59 10.01 -29.68
N ASN D 266 -41.91 11.15 -29.63
CA ASN D 266 -42.12 12.27 -30.56
C ASN D 266 -41.06 12.33 -31.64
N ALA D 267 -40.14 11.41 -31.66
CA ALA D 267 -39.08 11.40 -32.65
C ALA D 267 -39.43 10.46 -33.81
N ALA D 268 -38.85 10.74 -34.97
CA ALA D 268 -39.15 9.97 -36.18
C ALA D 268 -38.14 8.84 -36.38
N PHE D 269 -38.10 7.95 -35.39
CA PHE D 269 -37.33 6.72 -35.48
C PHE D 269 -38.23 5.62 -35.99
N GLU D 270 -37.69 4.68 -36.75
CA GLU D 270 -38.47 3.50 -37.06
C GLU D 270 -38.25 2.39 -36.05
N ALA D 271 -37.32 2.63 -35.12
CA ALA D 271 -37.01 1.76 -33.97
C ALA D 271 -35.73 2.24 -33.29
N VAL D 272 -35.67 2.22 -31.95
CA VAL D 272 -34.44 2.57 -31.23
C VAL D 272 -34.04 1.33 -30.46
N VAL D 273 -32.85 0.81 -30.75
CA VAL D 273 -32.42 -0.50 -30.27
C VAL D 273 -31.31 -0.35 -29.24
N VAL D 274 -31.46 -1.04 -28.11
CA VAL D 274 -30.45 -1.07 -27.06
C VAL D 274 -30.27 -2.51 -26.60
N THR D 275 -29.26 -2.73 -25.77
CA THR D 275 -29.05 -4.03 -25.15
C THR D 275 -29.59 -4.01 -23.73
N ASN D 276 -29.70 -5.20 -23.15
CA ASN D 276 -30.27 -5.35 -21.82
C ASN D 276 -29.21 -5.28 -20.73
N THR D 277 -28.20 -4.43 -20.90
CA THR D 277 -27.31 -4.10 -19.80
C THR D 277 -28.05 -3.34 -18.70
N ILE D 278 -29.22 -2.82 -19.02
CA ILE D 278 -30.03 -2.01 -18.11
C ILE D 278 -31.47 -2.51 -18.21
N PRO D 279 -32.21 -2.58 -17.09
CA PRO D 279 -33.63 -2.99 -17.16
C PRO D 279 -34.41 -2.12 -18.14
N GLN D 280 -35.14 -2.77 -19.06
CA GLN D 280 -35.85 -2.02 -20.10
C GLN D 280 -37.37 -2.10 -20.06
N GLU D 281 -37.90 -3.18 -19.53
CA GLU D 281 -39.30 -3.49 -19.58
C GLU D 281 -40.21 -2.41 -19.15
N ASP D 282 -39.84 -1.65 -18.17
CA ASP D 282 -40.67 -0.64 -17.66
C ASP D 282 -40.78 0.41 -18.73
N LYS D 283 -39.68 0.68 -19.41
CA LYS D 283 -39.67 1.69 -20.46
C LYS D 283 -40.25 1.21 -21.79
N MET D 284 -40.28 -0.10 -22.03
CA MET D 284 -40.92 -0.62 -23.24
C MET D 284 -42.43 -0.53 -23.18
N LYS D 285 -43.01 -0.55 -21.97
CA LYS D 285 -44.43 -0.36 -21.84
C LYS D 285 -44.88 1.08 -22.10
N HIS D 286 -43.93 1.98 -22.23
CA HIS D 286 -44.20 3.37 -22.47
C HIS D 286 -43.70 3.85 -23.78
N CYS D 287 -42.95 3.03 -24.47
CA CYS D 287 -42.35 3.40 -25.76
C CYS D 287 -42.26 2.15 -26.63
N THR D 288 -42.99 2.15 -27.73
CA THR D 288 -43.00 1.02 -28.67
C THR D 288 -41.79 1.02 -29.59
N LYS D 289 -41.01 2.06 -29.61
CA LYS D 289 -39.86 2.06 -30.47
C LYS D 289 -38.65 1.27 -29.95
N ILE D 290 -38.65 0.93 -28.68
CA ILE D 290 -37.57 0.21 -28.08
C ILE D 290 -37.59 -1.27 -28.36
N GLN D 291 -36.44 -1.80 -28.70
CA GLN D 291 -36.23 -3.21 -28.95
C GLN D 291 -34.96 -3.61 -28.23
N VAL D 292 -34.89 -4.81 -27.69
CA VAL D 292 -33.76 -5.22 -26.90
C VAL D 292 -32.90 -6.34 -27.42
N ILE D 293 -31.60 -6.14 -27.36
CA ILE D 293 -30.67 -7.19 -27.75
C ILE D 293 -30.18 -7.82 -26.45
N ASP D 294 -30.22 -9.15 -26.38
CA ASP D 294 -29.84 -9.83 -25.15
C ASP D 294 -28.35 -10.17 -25.23
N ILE D 295 -27.61 -9.85 -24.16
CA ILE D 295 -26.18 -10.06 -24.09
C ILE D 295 -25.80 -11.05 -23.00
N SER D 296 -26.78 -11.78 -22.45
CA SER D 296 -26.46 -12.75 -21.41
C SER D 296 -25.44 -13.79 -21.88
N MET D 297 -25.40 -14.11 -23.13
CA MET D 297 -24.43 -15.05 -23.57
C MET D 297 -23.04 -14.50 -23.52
N ILE D 298 -22.86 -13.29 -23.93
CA ILE D 298 -21.53 -12.71 -23.94
C ILE D 298 -20.95 -12.68 -22.53
N LEU D 299 -21.73 -12.16 -21.58
CA LEU D 299 -21.31 -12.17 -20.19
C LEU D 299 -21.12 -13.59 -19.69
N ALA D 300 -21.94 -14.52 -20.16
CA ALA D 300 -21.82 -15.91 -19.75
C ALA D 300 -20.48 -16.48 -20.21
N GLU D 301 -20.10 -16.16 -21.41
CA GLU D 301 -18.86 -16.63 -21.95
C GLU D 301 -17.70 -16.05 -21.20
N ALA D 302 -17.77 -14.78 -20.87
CA ALA D 302 -16.68 -14.15 -20.13
C ALA D 302 -16.54 -14.72 -18.72
N ILE D 303 -17.68 -14.93 -18.04
CA ILE D 303 -17.64 -15.49 -16.69
C ILE D 303 -17.09 -16.91 -16.72
N ARG D 304 -17.58 -17.71 -17.60
CA ARG D 304 -17.15 -19.07 -17.77
C ARG D 304 -15.75 -19.16 -18.17
N ARG D 305 -15.30 -18.24 -18.96
CA ARG D 305 -13.94 -18.27 -19.45
C ARG D 305 -12.94 -17.86 -18.37
N THR D 306 -13.30 -16.89 -17.52
CA THR D 306 -12.38 -16.57 -16.44
C THR D 306 -12.41 -17.62 -15.35
N HIS D 307 -13.52 -18.36 -15.22
CA HIS D 307 -13.54 -19.40 -14.22
C HIS D 307 -12.70 -20.60 -14.61
N ASN D 308 -12.29 -20.70 -15.87
CA ASN D 308 -11.44 -21.79 -16.37
C ASN D 308 -12.18 -23.11 -16.29
N SER E 1 0.87 30.77 3.19
CA SER E 1 0.33 30.28 4.45
C SER E 1 -1.14 29.86 4.26
N PRO E 2 -1.41 28.56 4.39
CA PRO E 2 -2.75 28.05 4.07
C PRO E 2 -3.81 28.60 5.02
N ASN E 3 -4.93 29.00 4.45
CA ASN E 3 -6.08 29.52 5.13
C ASN E 3 -7.13 28.46 5.34
N ILE E 4 -8.07 28.62 6.25
CA ILE E 4 -9.11 27.63 6.44
C ILE E 4 -10.12 27.72 5.34
N VAL E 5 -10.53 26.63 4.75
CA VAL E 5 -11.53 26.63 3.75
C VAL E 5 -12.58 25.70 4.17
N LEU E 6 -13.83 26.13 4.18
CA LEU E 6 -14.87 25.22 4.63
C LEU E 6 -15.85 25.03 3.51
N PHE E 7 -16.15 23.79 3.24
CA PHE E 7 -17.14 23.46 2.29
C PHE E 7 -18.26 22.70 2.96
N SER E 8 -19.45 22.83 2.45
CA SER E 8 -20.59 22.12 2.93
C SER E 8 -21.21 21.33 1.83
N GLY E 9 -21.72 20.16 2.12
CA GLY E 9 -22.42 19.33 1.18
C GLY E 9 -23.88 19.47 1.33
N SER E 10 -24.57 18.57 0.70
CA SER E 10 -25.98 18.56 0.77
C SER E 10 -26.60 18.33 2.13
N SER E 11 -26.02 17.49 2.93
CA SER E 11 -26.59 17.11 4.19
C SER E 11 -27.00 18.09 5.27
N HIS E 12 -26.26 19.13 5.58
CA HIS E 12 -26.64 19.96 6.70
C HIS E 12 -26.19 21.34 6.49
N GLN E 13 -26.87 22.08 5.66
CA GLN E 13 -26.42 23.41 5.36
C GLN E 13 -26.45 24.29 6.50
N ASP E 14 -27.45 24.16 7.31
CA ASP E 14 -27.55 25.06 8.45
C ASP E 14 -26.32 24.94 9.34
N LEU E 15 -25.99 23.72 9.79
CA LEU E 15 -24.89 23.57 10.74
C LEU E 15 -23.58 23.94 10.08
N SER E 16 -23.49 23.72 8.81
CA SER E 16 -22.31 24.11 8.14
C SER E 16 -22.15 25.60 8.26
N GLN E 17 -23.15 26.35 7.86
CA GLN E 17 -23.03 27.77 7.94
C GLN E 17 -22.75 28.20 9.35
N ARG E 18 -23.37 27.52 10.27
CA ARG E 18 -23.30 27.79 11.68
C ARG E 18 -21.93 27.69 12.28
N VAL E 19 -21.15 26.74 11.81
CA VAL E 19 -19.74 26.67 12.16
C VAL E 19 -18.97 27.72 11.37
N ALA E 20 -19.43 28.02 10.15
CA ALA E 20 -18.81 29.10 9.38
C ALA E 20 -18.90 30.42 10.12
N ASP E 21 -20.03 30.61 10.76
CA ASP E 21 -20.29 31.79 11.52
C ASP E 21 -19.47 31.83 12.77
N ARG E 22 -19.25 30.70 13.42
CA ARG E 22 -18.44 30.73 14.64
C ARG E 22 -16.96 30.82 14.35
N LEU E 23 -16.62 30.67 13.09
CA LEU E 23 -15.25 30.76 12.69
C LEU E 23 -14.93 32.12 12.09
N GLY E 24 -15.95 32.78 11.57
CA GLY E 24 -15.78 34.09 10.97
C GLY E 24 -15.61 34.01 9.48
N LEU E 25 -16.22 33.01 8.88
CA LEU E 25 -16.06 32.79 7.48
C LEU E 25 -17.32 32.44 6.76
N GLU E 26 -17.24 32.38 5.45
CA GLU E 26 -18.40 31.98 4.70
C GLU E 26 -18.05 30.68 3.96
N LEU E 27 -19.02 29.98 3.56
CA LEU E 27 -18.67 28.80 2.91
C LEU E 27 -18.04 29.08 1.61
N GLY E 28 -17.32 28.11 1.16
CA GLY E 28 -16.73 28.14 -0.14
C GLY E 28 -17.78 27.82 -1.16
N LYS E 29 -17.48 28.17 -2.38
CA LYS E 29 -18.40 27.95 -3.40
C LYS E 29 -18.30 26.54 -3.88
N VAL E 30 -19.37 25.82 -3.77
CA VAL E 30 -19.46 24.50 -4.30
C VAL E 30 -20.85 24.37 -4.88
N VAL E 31 -20.97 23.67 -5.99
CA VAL E 31 -22.24 23.45 -6.60
C VAL E 31 -22.44 21.99 -6.63
N THR E 32 -23.62 21.56 -6.29
CA THR E 32 -23.88 20.14 -6.25
C THR E 32 -25.22 19.87 -6.90
N LYS E 33 -25.24 18.82 -7.66
CA LYS E 33 -26.41 18.41 -8.31
C LYS E 33 -26.36 16.99 -8.70
N LYS E 34 -27.46 16.51 -9.16
CA LYS E 34 -27.50 15.18 -9.56
C LYS E 34 -27.97 15.23 -10.96
N PHE E 35 -27.26 14.54 -11.79
CA PHE E 35 -27.54 14.52 -13.22
C PHE E 35 -28.84 13.77 -13.48
N SER E 36 -29.38 13.95 -14.66
CA SER E 36 -30.62 13.31 -14.99
C SER E 36 -30.65 11.83 -14.65
N ASN E 37 -29.50 11.12 -14.72
CA ASN E 37 -29.50 9.64 -14.54
C ASN E 37 -29.21 9.15 -13.13
N GLN E 38 -29.22 10.08 -12.23
CA GLN E 38 -29.06 10.07 -10.81
C GLN E 38 -27.69 10.05 -10.18
N GLU E 39 -26.72 10.26 -11.04
CA GLU E 39 -25.29 10.41 -10.76
C GLU E 39 -24.94 11.73 -10.10
N THR E 40 -24.16 11.67 -9.03
CA THR E 40 -23.75 12.77 -8.18
C THR E 40 -22.71 13.62 -8.90
N SER E 41 -22.89 14.94 -8.83
CA SER E 41 -21.99 15.87 -9.50
C SER E 41 -21.49 16.94 -8.55
N VAL E 42 -20.20 17.21 -8.64
CA VAL E 42 -19.53 18.21 -7.82
C VAL E 42 -18.74 19.12 -8.74
N GLU E 43 -18.90 20.42 -8.56
CA GLU E 43 -18.02 21.31 -9.24
C GLU E 43 -17.68 22.38 -8.25
N ILE E 44 -16.45 22.34 -7.75
CA ILE E 44 -15.90 23.38 -6.90
C ILE E 44 -15.81 24.69 -7.65
N GLY E 45 -16.18 25.76 -6.97
CA GLY E 45 -16.25 27.08 -7.55
C GLY E 45 -15.07 27.93 -7.18
N GLU E 46 -14.20 27.44 -6.31
CA GLU E 46 -13.01 28.16 -5.89
C GLU E 46 -11.76 27.35 -6.18
N SER E 47 -10.63 28.04 -6.14
CA SER E 47 -9.33 27.39 -6.19
C SER E 47 -9.02 26.87 -4.79
N VAL E 48 -8.54 25.64 -4.69
CA VAL E 48 -8.20 25.09 -3.39
C VAL E 48 -6.72 24.73 -3.31
N ARG E 49 -5.91 25.28 -4.19
CA ARG E 49 -4.49 24.92 -4.20
C ARG E 49 -3.87 25.46 -2.94
N GLY E 50 -3.05 24.67 -2.32
CA GLY E 50 -2.35 25.14 -1.16
C GLY E 50 -3.26 25.51 -0.01
N GLU E 51 -4.49 25.01 0.01
CA GLU E 51 -5.47 25.40 1.00
C GLU E 51 -5.68 24.27 2.00
N ASP E 52 -6.13 24.64 3.19
CA ASP E 52 -6.55 23.67 4.19
C ASP E 52 -8.07 23.57 4.09
N VAL E 53 -8.57 22.56 3.37
CA VAL E 53 -9.99 22.48 3.06
C VAL E 53 -10.66 21.57 4.07
N TYR E 54 -11.88 21.94 4.45
CA TYR E 54 -12.71 21.18 5.36
C TYR E 54 -14.06 21.00 4.71
N ILE E 55 -14.50 19.75 4.59
CA ILE E 55 -15.79 19.43 3.96
C ILE E 55 -16.70 18.88 5.03
N ILE E 56 -17.85 19.52 5.20
CA ILE E 56 -18.80 19.17 6.25
C ILE E 56 -19.91 18.36 5.60
N GLN E 57 -20.08 17.11 6.05
CA GLN E 57 -21.16 16.30 5.51
C GLN E 57 -21.52 15.21 6.51
N SER E 58 -22.79 15.13 6.86
CA SER E 58 -23.26 14.18 7.87
C SER E 58 -23.90 12.97 7.21
N GLY E 59 -23.81 11.84 7.90
CA GLY E 59 -24.47 10.64 7.41
C GLY E 59 -25.95 10.68 7.75
N CYS E 60 -26.68 11.54 7.05
CA CYS E 60 -28.12 11.68 7.26
C CYS E 60 -28.80 11.72 5.88
N GLY E 61 -30.03 12.22 5.84
CA GLY E 61 -30.88 12.17 4.67
C GLY E 61 -30.73 10.93 3.79
N GLU E 62 -30.58 11.13 2.48
CA GLU E 62 -30.24 10.04 1.58
C GLU E 62 -28.74 9.81 1.68
N ILE E 63 -28.36 8.72 2.34
CA ILE E 63 -26.98 8.59 2.80
C ILE E 63 -26.02 8.26 1.67
N ASN E 64 -26.41 7.39 0.72
CA ASN E 64 -25.40 6.98 -0.26
C ASN E 64 -25.09 8.10 -1.25
N ASP E 65 -26.04 9.01 -1.48
CA ASP E 65 -25.75 10.17 -2.31
C ASP E 65 -24.94 11.22 -1.55
N ASN E 66 -25.24 11.39 -0.28
CA ASN E 66 -24.48 12.29 0.55
C ASN E 66 -23.06 11.85 0.72
N LEU E 67 -22.88 10.57 0.99
CA LEU E 67 -21.56 9.97 1.16
C LEU E 67 -20.81 9.95 -0.16
N MET E 68 -21.46 9.61 -1.24
CA MET E 68 -20.75 9.66 -2.43
C MET E 68 -20.36 11.04 -2.80
N GLU E 69 -21.19 12.00 -2.51
CA GLU E 69 -20.91 13.37 -2.80
C GLU E 69 -19.74 13.81 -2.06
N LEU E 70 -19.66 13.37 -0.85
CA LEU E 70 -18.52 13.63 0.02
C LEU E 70 -17.24 13.07 -0.60
N LEU E 71 -17.29 11.83 -1.08
CA LEU E 71 -16.09 11.24 -1.67
C LEU E 71 -15.66 11.94 -2.95
N ILE E 72 -16.59 12.36 -3.81
CA ILE E 72 -16.15 13.09 -5.00
C ILE E 72 -15.52 14.42 -4.61
N MET E 73 -16.08 15.08 -3.61
CA MET E 73 -15.60 16.41 -3.22
C MET E 73 -14.22 16.33 -2.57
N ILE E 74 -13.97 15.30 -1.75
CA ILE E 74 -12.62 15.08 -1.25
C ILE E 74 -11.68 14.71 -2.39
N ASN E 75 -12.06 13.69 -3.15
CA ASN E 75 -11.37 13.30 -4.37
C ASN E 75 -11.78 14.29 -5.47
N ALA E 76 -11.58 15.56 -5.14
CA ALA E 76 -11.75 16.69 -6.04
C ALA E 76 -10.88 17.81 -5.51
N CYS E 77 -10.89 18.00 -4.19
CA CYS E 77 -9.99 19.00 -3.60
C CYS E 77 -8.55 18.51 -3.48
N LYS E 78 -8.40 17.21 -3.31
CA LYS E 78 -7.14 16.55 -3.20
C LYS E 78 -6.31 16.50 -4.48
N ILE E 79 -6.99 16.27 -5.60
CA ILE E 79 -6.44 16.30 -6.95
C ILE E 79 -6.13 17.74 -7.36
N ALA E 80 -6.91 18.69 -6.85
CA ALA E 80 -6.66 20.10 -7.09
C ALA E 80 -5.50 20.65 -6.27
N SER E 81 -4.72 19.77 -5.64
CA SER E 81 -3.48 20.12 -4.94
C SER E 81 -3.73 20.98 -3.70
N SER E 82 -4.74 20.62 -2.92
CA SER E 82 -4.96 21.29 -1.64
C SER E 82 -3.94 20.83 -0.62
N SER E 83 -3.62 21.72 0.32
CA SER E 83 -2.62 21.41 1.33
C SER E 83 -3.07 20.22 2.19
N ARG E 84 -4.37 20.13 2.46
CA ARG E 84 -4.92 19.03 3.23
C ARG E 84 -6.43 19.05 3.12
N VAL E 85 -7.03 17.87 3.06
CA VAL E 85 -8.48 17.71 2.95
C VAL E 85 -8.97 16.99 4.20
N THR E 86 -9.94 17.60 4.88
CA THR E 86 -10.50 17.09 6.12
C THR E 86 -11.99 16.85 5.94
N ALA E 87 -12.44 15.64 6.27
CA ALA E 87 -13.86 15.32 6.21
C ALA E 87 -14.47 15.58 7.58
N VAL E 88 -15.38 16.54 7.65
CA VAL E 88 -16.13 16.84 8.86
C VAL E 88 -17.45 16.09 8.74
N ILE E 89 -17.60 15.01 9.50
CA ILE E 89 -18.75 14.13 9.41
C ILE E 89 -19.47 14.09 10.74
N PRO E 90 -20.44 14.97 10.99
CA PRO E 90 -21.03 15.05 12.34
C PRO E 90 -21.60 13.73 12.82
N CYS E 91 -22.38 13.03 12.00
CA CYS E 91 -22.90 11.71 12.31
C CYS E 91 -22.34 10.71 11.31
N PHE E 92 -21.50 9.80 11.78
CA PHE E 92 -20.79 8.88 10.90
C PHE E 92 -21.72 7.78 10.39
N PRO E 93 -21.83 7.60 9.08
CA PRO E 93 -22.73 6.58 8.54
C PRO E 93 -22.17 5.18 8.73
N TYR E 94 -23.09 4.21 8.74
CA TYR E 94 -22.76 2.79 8.80
C TYR E 94 -21.99 2.43 10.06
N ALA E 95 -22.07 3.27 11.08
CA ALA E 95 -21.34 3.01 12.31
C ALA E 95 -21.92 1.81 13.04
N ARG E 96 -23.18 1.46 12.89
CA ARG E 96 -23.71 0.31 13.61
C ARG E 96 -23.77 -0.94 12.79
N GLN E 97 -23.80 -2.08 13.44
CA GLN E 97 -23.85 -3.34 12.72
C GLN E 97 -25.15 -4.05 13.00
N ASP E 98 -25.70 -4.70 11.98
CA ASP E 98 -26.94 -5.41 12.16
C ASP E 98 -26.61 -6.51 13.09
N LYS E 99 -27.00 -6.28 14.34
CA LYS E 99 -26.60 -7.30 15.32
C LYS E 99 -27.51 -8.50 15.14
N LYS E 100 -27.17 -9.23 14.09
CA LYS E 100 -27.63 -10.60 13.95
C LYS E 100 -26.34 -11.26 14.40
N ASP E 101 -26.28 -11.72 15.65
CA ASP E 101 -25.07 -12.30 16.23
C ASP E 101 -24.96 -13.79 16.25
N LYS E 102 -23.99 -14.34 15.53
CA LYS E 102 -23.75 -15.77 15.48
C LYS E 102 -23.41 -16.16 16.88
N VAL E 103 -24.04 -17.20 17.40
CA VAL E 103 -23.80 -17.61 18.77
C VAL E 103 -22.34 -17.76 19.22
N GLY E 104 -21.40 -18.24 18.41
CA GLY E 104 -20.00 -18.51 18.85
C GLY E 104 -18.86 -17.55 18.46
N GLU E 105 -19.18 -16.44 17.82
CA GLU E 105 -18.25 -15.45 17.46
C GLU E 105 -18.82 -14.16 17.09
N SER E 106 -18.02 -13.28 16.55
CA SER E 106 -18.54 -11.97 16.31
C SER E 106 -18.54 -11.67 14.83
N ARG E 107 -19.19 -10.61 14.42
CA ARG E 107 -19.23 -10.21 13.03
C ARG E 107 -18.39 -8.97 12.81
N ALA E 108 -17.57 -8.86 11.77
CA ALA E 108 -16.84 -7.63 11.77
C ALA E 108 -17.69 -6.56 11.19
N PRO E 109 -17.42 -5.34 11.57
CA PRO E 109 -18.15 -4.23 11.03
C PRO E 109 -17.69 -4.03 9.61
N ILE E 110 -18.32 -4.66 8.64
CA ILE E 110 -17.86 -4.60 7.26
C ILE E 110 -18.26 -3.28 6.61
N SER E 111 -19.41 -2.72 6.97
CA SER E 111 -19.88 -1.50 6.34
C SER E 111 -19.13 -0.28 6.86
N ALA E 112 -18.88 -0.21 8.17
CA ALA E 112 -18.17 0.93 8.72
C ALA E 112 -16.73 0.98 8.23
N LYS E 113 -16.06 -0.15 8.18
CA LYS E 113 -14.72 -0.19 7.68
C LYS E 113 -14.70 0.03 6.17
N LEU E 114 -15.72 -0.40 5.48
CA LEU E 114 -15.82 -0.10 4.06
C LEU E 114 -15.92 1.40 3.83
N VAL E 115 -16.72 2.09 4.65
CA VAL E 115 -16.82 3.54 4.55
C VAL E 115 -15.50 4.19 4.92
N ALA E 116 -14.79 3.59 5.87
CA ALA E 116 -13.48 4.09 6.26
C ALA E 116 -12.49 4.04 5.10
N ASN E 117 -12.42 2.90 4.39
CA ASN E 117 -11.49 2.73 3.28
C ASN E 117 -11.85 3.61 2.09
N MET E 118 -13.15 3.87 1.87
CA MET E 118 -13.48 4.74 0.75
C MET E 118 -13.14 6.19 1.04
N LEU E 119 -13.31 6.62 2.30
CA LEU E 119 -12.85 7.96 2.70
C LEU E 119 -11.34 8.06 2.59
N SER E 120 -10.62 6.99 2.90
CA SER E 120 -9.16 7.04 2.84
C SER E 120 -8.67 7.12 1.40
N VAL E 121 -9.19 6.27 0.52
CA VAL E 121 -8.78 6.28 -0.89
C VAL E 121 -9.23 7.54 -1.59
N ALA E 122 -10.35 8.14 -1.17
CA ALA E 122 -10.74 9.38 -1.80
C ALA E 122 -9.68 10.46 -1.57
N GLY E 123 -8.97 10.40 -0.45
CA GLY E 123 -7.87 11.32 -0.22
C GLY E 123 -7.96 12.09 1.08
N ALA E 124 -8.84 11.66 1.99
CA ALA E 124 -8.98 12.35 3.27
C ALA E 124 -7.69 12.24 4.06
N ASP E 125 -7.35 13.31 4.77
CA ASP E 125 -6.18 13.30 5.62
C ASP E 125 -6.51 13.40 7.09
N HIS E 126 -7.75 13.71 7.39
CA HIS E 126 -8.18 13.83 8.77
C HIS E 126 -9.67 13.69 8.82
N ILE E 127 -10.23 13.25 9.94
CA ILE E 127 -11.67 13.16 10.10
C ILE E 127 -12.07 13.73 11.45
N ILE E 128 -13.09 14.59 11.43
CA ILE E 128 -13.72 15.15 12.61
C ILE E 128 -15.15 14.64 12.64
N THR E 129 -15.52 14.02 13.75
CA THR E 129 -16.83 13.41 13.91
C THR E 129 -17.25 13.53 15.36
N MET E 130 -18.50 13.20 15.64
CA MET E 130 -19.06 13.38 16.97
C MET E 130 -19.72 12.10 17.45
N ASP E 131 -19.29 11.66 18.63
CA ASP E 131 -19.84 10.48 19.31
C ASP E 131 -20.11 9.32 18.36
N LEU E 132 -19.05 8.66 17.92
CA LEU E 132 -19.20 7.45 17.14
C LEU E 132 -19.93 6.39 17.95
N HIS E 133 -20.67 5.53 17.26
CA HIS E 133 -21.35 4.45 17.98
C HIS E 133 -20.36 3.59 18.73
N ALA E 134 -19.14 3.46 18.21
CA ALA E 134 -18.05 2.79 18.89
C ALA E 134 -16.78 3.62 18.67
N SER E 135 -16.09 3.88 19.72
CA SER E 135 -14.94 4.68 19.65
C SER E 135 -13.86 4.05 18.85
N GLN E 136 -13.77 2.75 18.88
CA GLN E 136 -12.74 2.04 18.16
C GLN E 136 -12.84 2.24 16.66
N ILE E 137 -13.88 2.90 16.16
CA ILE E 137 -13.92 3.25 14.74
C ILE E 137 -12.79 4.22 14.40
N GLN E 138 -12.17 4.82 15.39
CA GLN E 138 -11.02 5.67 15.19
C GLN E 138 -9.92 4.83 14.63
N GLY E 139 -9.90 3.59 15.00
CA GLY E 139 -8.95 2.60 14.52
C GLY E 139 -9.25 2.03 13.14
N PHE E 140 -10.31 2.45 12.47
CA PHE E 140 -10.54 2.01 11.10
C PHE E 140 -9.73 2.78 10.07
N PHE E 141 -8.96 3.78 10.49
CA PHE E 141 -8.15 4.61 9.60
C PHE E 141 -6.68 4.54 10.00
N ASP E 142 -5.82 5.00 9.10
CA ASP E 142 -4.43 5.29 9.41
C ASP E 142 -4.16 6.79 9.40
N ILE E 143 -5.21 7.58 9.54
CA ILE E 143 -5.15 9.03 9.55
C ILE E 143 -5.75 9.49 10.88
N PRO E 144 -5.40 10.67 11.39
CA PRO E 144 -5.99 11.14 12.64
C PRO E 144 -7.50 11.28 12.51
N VAL E 145 -8.21 10.86 13.55
CA VAL E 145 -9.66 10.91 13.59
C VAL E 145 -10.08 11.49 14.93
N ASP E 146 -10.82 12.60 14.91
CA ASP E 146 -11.30 13.28 16.10
C ASP E 146 -12.72 12.83 16.36
N ASN E 147 -12.93 12.16 17.48
CA ASN E 147 -14.25 11.66 17.88
C ASN E 147 -14.69 12.53 19.04
N LEU E 148 -15.40 13.62 18.74
CA LEU E 148 -15.77 14.59 19.76
C LEU E 148 -17.03 14.19 20.50
N TYR E 149 -17.11 14.62 21.75
CA TYR E 149 -18.21 14.28 22.64
C TYR E 149 -19.22 15.41 22.73
N ALA E 150 -20.49 15.07 22.82
CA ALA E 150 -21.50 16.06 23.12
C ALA E 150 -21.82 16.11 24.59
N GLU E 151 -21.17 15.29 25.41
CA GLU E 151 -21.60 15.17 26.79
C GLU E 151 -21.39 16.46 27.59
N PRO E 152 -20.37 17.28 27.32
CA PRO E 152 -20.37 18.62 27.96
C PRO E 152 -21.67 19.37 27.77
N ALA E 153 -22.13 19.49 26.53
CA ALA E 153 -23.35 20.24 26.25
C ALA E 153 -24.58 19.54 26.82
N VAL E 154 -24.56 18.21 26.89
CA VAL E 154 -25.66 17.47 27.51
C VAL E 154 -25.71 17.69 29.02
N LEU E 155 -24.55 17.66 29.69
CA LEU E 155 -24.54 17.91 31.13
C LEU E 155 -25.00 19.32 31.43
N GLN E 156 -24.54 20.29 30.69
CA GLN E 156 -24.99 21.61 30.92
C GLN E 156 -26.46 21.75 30.59
N TRP E 157 -26.97 21.22 29.55
CA TRP E 157 -28.41 21.25 29.32
C TRP E 157 -29.16 20.66 30.51
N ILE E 158 -28.64 19.59 31.10
CA ILE E 158 -29.34 18.89 32.15
C ILE E 158 -29.38 19.75 33.40
N ARG E 159 -28.28 20.28 33.79
CA ARG E 159 -28.33 21.10 34.91
C ARG E 159 -29.14 22.37 34.73
N GLU E 160 -29.19 22.90 33.55
CA GLU E 160 -29.87 24.10 33.35
C GLU E 160 -31.27 23.98 32.95
N ASN E 161 -31.79 22.80 32.79
CA ASN E 161 -33.18 22.62 32.37
C ASN E 161 -33.99 21.64 33.21
N ILE E 162 -33.40 20.80 34.03
CA ILE E 162 -34.16 19.87 34.84
C ILE E 162 -34.00 20.31 36.26
N ALA E 163 -35.08 20.73 36.88
CA ALA E 163 -35.06 21.33 38.21
C ALA E 163 -34.54 20.35 39.25
N GLU E 164 -35.00 19.14 39.17
CA GLU E 164 -34.70 18.14 40.13
C GLU E 164 -33.50 17.31 39.77
N TRP E 165 -32.65 17.88 38.96
CA TRP E 165 -31.56 17.12 38.36
C TRP E 165 -30.64 16.49 39.40
N LYS E 166 -30.45 17.03 40.59
CA LYS E 166 -29.49 16.43 41.56
C LYS E 166 -29.93 15.13 42.08
N ASN E 167 -31.19 14.84 41.87
CA ASN E 167 -31.67 13.50 42.20
C ASN E 167 -32.49 12.95 41.05
N CYS E 168 -31.82 12.65 39.96
CA CYS E 168 -32.37 11.96 38.81
C CYS E 168 -31.69 10.59 38.73
N ILE E 169 -31.77 9.95 37.62
CA ILE E 169 -31.13 8.71 37.52
C ILE E 169 -30.88 8.57 36.09
N ILE E 170 -29.65 8.33 35.73
CA ILE E 170 -29.36 8.17 34.37
C ILE E 170 -29.63 6.74 34.07
N VAL E 171 -30.37 6.51 33.00
CA VAL E 171 -30.75 5.19 32.57
C VAL E 171 -30.22 4.93 31.19
N SER E 172 -30.10 3.68 30.87
CA SER E 172 -29.68 3.33 29.58
C SER E 172 -30.74 2.42 28.97
N PRO E 173 -31.10 2.59 27.70
CA PRO E 173 -32.13 1.76 27.07
C PRO E 173 -31.71 0.32 26.78
N ASP E 174 -30.51 -0.06 26.92
CA ASP E 174 -30.04 -1.41 26.64
C ASP E 174 -28.73 -1.60 27.40
N ALA E 175 -27.98 -2.70 27.07
CA ALA E 175 -26.76 -3.10 27.75
C ALA E 175 -25.50 -2.51 27.14
N GLY E 176 -25.62 -1.58 26.20
CA GLY E 176 -24.47 -1.07 25.50
C GLY E 176 -24.25 0.40 25.80
N GLY E 177 -25.31 1.07 26.22
CA GLY E 177 -25.22 2.44 26.66
C GLY E 177 -24.88 2.59 28.13
N ALA E 178 -24.45 1.49 28.79
CA ALA E 178 -24.17 1.53 30.22
C ALA E 178 -22.98 2.43 30.53
N LYS E 179 -21.92 2.36 29.73
CA LYS E 179 -20.75 3.19 29.99
C LYS E 179 -21.08 4.67 29.83
N ARG E 180 -21.85 4.98 28.85
CA ARG E 180 -22.20 6.27 28.67
C ARG E 180 -22.99 6.81 29.81
N VAL E 181 -24.07 6.15 30.21
CA VAL E 181 -24.91 6.53 31.33
C VAL E 181 -24.06 6.70 32.59
N THR E 182 -23.30 5.66 32.95
CA THR E 182 -22.34 5.73 34.04
C THR E 182 -21.52 7.02 33.99
N SER E 183 -20.95 7.33 32.83
CA SER E 183 -20.09 8.50 32.69
C SER E 183 -20.79 9.79 33.10
N ILE E 184 -21.90 10.14 32.44
CA ILE E 184 -22.61 11.36 32.86
C ILE E 184 -23.06 11.24 34.31
N ALA E 185 -23.50 10.06 34.72
CA ALA E 185 -24.01 9.88 36.06
C ALA E 185 -22.97 10.30 37.08
N ASP E 186 -21.72 9.84 36.91
CA ASP E 186 -20.71 10.24 37.87
C ASP E 186 -20.36 11.70 37.71
N ARG E 187 -20.47 12.23 36.56
CA ARG E 187 -20.20 13.59 36.50
C ARG E 187 -21.22 14.39 37.26
N LEU E 188 -22.42 13.88 37.34
CA LEU E 188 -23.48 14.56 38.07
C LEU E 188 -23.63 14.09 39.50
N ASN E 189 -22.76 13.19 39.97
CA ASN E 189 -22.86 12.54 41.28
C ASN E 189 -24.27 12.04 41.54
N VAL E 190 -24.78 11.25 40.62
CA VAL E 190 -26.15 10.75 40.62
C VAL E 190 -26.11 9.27 40.26
N GLU E 191 -26.90 8.49 40.91
CA GLU E 191 -26.95 7.11 40.68
C GLU E 191 -27.56 6.76 39.33
N PHE E 192 -27.49 5.53 38.83
CA PHE E 192 -28.01 5.21 37.51
C PHE E 192 -28.72 3.86 37.48
N ALA E 193 -29.34 3.58 36.34
CA ALA E 193 -30.03 2.31 36.13
C ALA E 193 -30.05 1.99 34.64
N LEU E 194 -30.30 0.73 34.30
CA LEU E 194 -30.31 0.33 32.90
C LEU E 194 -31.45 -0.64 32.63
N ILE E 195 -31.95 -0.61 31.41
CA ILE E 195 -33.04 -1.46 30.97
C ILE E 195 -32.49 -2.50 30.01
N HIS E 196 -32.88 -3.75 30.18
CA HIS E 196 -32.55 -4.86 29.27
C HIS E 196 -33.80 -5.64 28.94
N LYS E 197 -34.04 -5.96 27.67
CA LYS E 197 -35.17 -6.68 27.23
C LYS E 197 -34.71 -8.01 26.66
N ARG E 207 -40.24 -9.64 27.49
CA ARG E 207 -40.56 -8.83 28.62
C ARG E 207 -39.48 -7.84 28.83
N MET E 208 -39.85 -6.63 29.14
CA MET E 208 -38.77 -5.70 29.43
C MET E 208 -38.57 -5.62 30.94
N VAL E 209 -37.32 -5.71 31.39
CA VAL E 209 -37.00 -5.67 32.81
C VAL E 209 -36.15 -4.43 33.08
N LEU E 210 -35.94 -4.13 34.36
CA LEU E 210 -35.16 -2.99 34.79
C LEU E 210 -34.28 -3.36 35.97
N VAL E 211 -33.03 -2.89 35.92
CA VAL E 211 -32.09 -3.06 37.01
C VAL E 211 -31.73 -1.66 37.46
N GLY E 212 -31.98 -1.37 38.73
CA GLY E 212 -31.95 -0.03 39.24
C GLY E 212 -33.28 0.40 39.85
N ASP E 213 -33.24 1.52 40.57
CA ASP E 213 -34.35 2.11 41.29
C ASP E 213 -34.70 3.52 40.79
N VAL E 214 -35.92 3.71 40.34
CA VAL E 214 -36.36 4.98 39.79
C VAL E 214 -37.49 5.59 40.61
N LYS E 215 -37.84 4.98 41.71
CA LYS E 215 -39.03 5.42 42.37
C LYS E 215 -39.02 6.80 42.89
N ASP E 216 -39.91 7.58 42.38
CA ASP E 216 -40.05 9.00 42.74
C ASP E 216 -38.85 9.83 42.29
N ARG E 217 -38.32 9.53 41.10
CA ARG E 217 -37.23 10.30 40.52
C ARG E 217 -37.52 10.64 39.07
N VAL E 218 -36.82 11.65 38.57
CA VAL E 218 -36.81 11.95 37.15
C VAL E 218 -35.83 11.02 36.47
N ALA E 219 -36.33 10.21 35.55
CA ALA E 219 -35.50 9.28 34.79
C ALA E 219 -35.19 9.88 33.45
N ILE E 220 -33.97 9.66 32.97
CA ILE E 220 -33.54 10.23 31.69
C ILE E 220 -32.82 9.14 30.93
N LEU E 221 -33.37 8.77 29.77
CA LEU E 221 -32.70 7.83 28.90
C LEU E 221 -31.60 8.52 28.13
N VAL E 222 -30.44 7.89 28.07
CA VAL E 222 -29.29 8.40 27.34
C VAL E 222 -28.74 7.30 26.45
N ASP E 223 -28.44 7.66 25.22
CA ASP E 223 -27.80 6.79 24.22
C ASP E 223 -27.21 7.63 23.11
N ASP E 224 -26.41 7.08 22.23
CA ASP E 224 -25.86 7.91 21.14
C ASP E 224 -26.88 8.26 20.07
N MET E 225 -27.69 7.32 19.67
CA MET E 225 -28.59 7.68 18.57
C MET E 225 -30.00 7.19 18.84
N ALA E 226 -30.94 7.83 18.20
CA ALA E 226 -32.35 7.50 18.31
C ALA E 226 -32.92 7.35 16.90
N ASP E 227 -33.45 6.21 16.52
CA ASP E 227 -33.92 6.02 15.13
C ASP E 227 -35.41 5.68 15.08
N THR E 228 -35.84 4.43 15.02
CA THR E 228 -37.24 4.05 15.04
C THR E 228 -37.84 4.15 16.45
N CYS E 229 -37.00 4.26 17.47
CA CYS E 229 -37.37 4.77 18.80
C CYS E 229 -38.22 3.82 19.62
N GLY E 230 -38.33 2.56 19.23
CA GLY E 230 -39.18 1.65 19.98
C GLY E 230 -38.66 1.37 21.38
N THR E 231 -37.39 1.15 21.43
CA THR E 231 -36.76 0.82 22.67
C THR E 231 -36.90 1.90 23.69
N ILE E 232 -36.78 3.14 23.30
CA ILE E 232 -36.86 4.26 24.24
C ILE E 232 -38.30 4.57 24.60
N CYS E 233 -39.27 4.25 23.74
CA CYS E 233 -40.66 4.44 24.12
C CYS E 233 -41.13 3.38 25.11
N HIS E 234 -40.83 2.14 24.86
CA HIS E 234 -41.15 1.16 25.83
C HIS E 234 -40.38 1.39 27.06
N ALA E 235 -39.15 1.83 26.94
CA ALA E 235 -38.35 2.15 28.11
C ALA E 235 -39.03 3.24 28.93
N ALA E 236 -39.58 4.26 28.28
CA ALA E 236 -40.35 5.26 29.00
C ALA E 236 -41.55 4.63 29.70
N ASP E 237 -42.25 3.71 29.01
CA ASP E 237 -43.41 3.07 29.61
C ASP E 237 -43.02 2.25 30.84
N LYS E 238 -41.94 1.54 30.80
CA LYS E 238 -41.49 0.81 31.95
C LYS E 238 -41.01 1.69 33.02
N LEU E 239 -40.28 2.73 32.71
CA LEU E 239 -39.79 3.64 33.73
C LEU E 239 -40.95 4.29 34.48
N LEU E 240 -42.03 4.62 33.78
CA LEU E 240 -43.19 5.15 34.49
C LEU E 240 -43.91 4.07 35.26
N SER E 241 -43.85 2.83 34.78
CA SER E 241 -44.42 1.73 35.53
C SER E 241 -43.64 1.41 36.80
N ALA E 242 -42.36 1.76 36.86
CA ALA E 242 -41.56 1.59 38.06
C ALA E 242 -41.66 2.75 39.03
N GLY E 243 -42.48 3.75 38.73
CA GLY E 243 -42.68 4.82 39.69
C GLY E 243 -41.77 6.02 39.49
N ALA E 244 -41.61 6.43 38.23
CA ALA E 244 -40.80 7.58 37.89
C ALA E 244 -41.71 8.79 37.76
N THR E 245 -41.23 9.94 38.23
CA THR E 245 -42.02 11.16 38.12
C THR E 245 -42.14 11.58 36.67
N LYS E 246 -40.96 11.61 36.06
CA LYS E 246 -40.77 12.04 34.70
C LYS E 246 -39.84 11.25 33.84
N VAL E 247 -40.08 11.19 32.57
CA VAL E 247 -39.09 10.50 31.75
C VAL E 247 -38.62 11.44 30.64
N TYR E 248 -37.32 11.62 30.55
CA TYR E 248 -36.67 12.34 29.47
C TYR E 248 -35.87 11.37 28.62
N ALA E 249 -35.53 11.80 27.42
CA ALA E 249 -34.69 11.02 26.53
C ALA E 249 -33.72 12.00 25.88
N ILE E 250 -32.44 11.81 26.13
CA ILE E 250 -31.40 12.70 25.60
C ILE E 250 -30.42 11.88 24.78
N LEU E 251 -30.27 12.22 23.54
CA LEU E 251 -29.28 11.51 22.72
C LEU E 251 -28.46 12.51 21.95
N THR E 252 -27.47 12.02 21.29
CA THR E 252 -26.63 12.87 20.46
C THR E 252 -27.17 12.97 19.03
N HIS E 253 -27.22 11.82 18.38
CA HIS E 253 -27.70 11.76 16.99
C HIS E 253 -29.17 11.38 16.99
N GLY E 254 -30.05 12.23 16.51
CA GLY E 254 -31.43 11.78 16.41
C GLY E 254 -31.78 11.54 14.98
N ILE E 255 -31.81 10.31 14.55
CA ILE E 255 -32.12 9.96 13.14
C ILE E 255 -33.60 10.13 12.80
N PHE E 256 -34.47 9.63 13.67
CA PHE E 256 -35.95 9.69 13.64
C PHE E 256 -36.56 9.16 12.34
N SER E 257 -36.34 7.91 11.95
CA SER E 257 -36.77 7.32 10.70
C SER E 257 -38.22 6.88 10.85
N GLY E 258 -38.71 6.14 9.91
CA GLY E 258 -40.15 5.99 9.81
C GLY E 258 -40.97 6.32 11.02
N PRO E 259 -41.32 5.29 11.73
CA PRO E 259 -42.38 5.28 12.72
C PRO E 259 -42.03 6.06 13.95
N ALA E 260 -40.84 6.63 14.00
CA ALA E 260 -40.40 7.32 15.16
C ALA E 260 -41.17 8.53 15.59
N ILE E 261 -41.43 9.45 14.69
CA ILE E 261 -42.12 10.62 15.12
C ILE E 261 -43.49 10.25 15.60
N SER E 262 -44.13 9.36 14.90
CA SER E 262 -45.42 8.92 15.31
C SER E 262 -45.41 8.22 16.65
N ARG E 263 -44.27 7.71 17.04
CA ARG E 263 -44.07 6.95 18.25
C ARG E 263 -43.83 7.72 19.49
N ILE E 264 -43.06 8.76 19.37
CA ILE E 264 -42.81 9.62 20.51
C ILE E 264 -43.94 10.64 20.69
N ASN E 265 -44.62 10.95 19.63
CA ASN E 265 -45.73 11.90 19.80
C ASN E 265 -46.67 11.24 20.79
N ASN E 266 -46.80 9.92 20.70
CA ASN E 266 -47.71 9.08 21.51
C ASN E 266 -47.01 8.46 22.70
N ALA E 267 -45.89 8.99 23.08
CA ALA E 267 -45.09 8.37 24.12
C ALA E 267 -45.08 9.25 25.34
N ALA E 268 -44.83 8.71 26.52
CA ALA E 268 -44.86 9.53 27.74
C ALA E 268 -43.54 10.24 27.99
N PHE E 269 -43.12 11.09 27.09
CA PHE E 269 -41.85 11.82 27.26
C PHE E 269 -42.19 13.26 27.55
N GLU E 270 -41.39 13.80 28.38
CA GLU E 270 -41.33 15.14 28.87
C GLU E 270 -40.69 16.01 27.84
N ALA E 271 -39.63 15.58 27.24
CA ALA E 271 -38.92 16.13 26.10
C ALA E 271 -37.91 15.13 25.64
N VAL E 272 -37.52 15.24 24.39
CA VAL E 272 -36.53 14.40 23.80
C VAL E 272 -35.44 15.32 23.30
N VAL E 273 -34.21 15.16 23.77
CA VAL E 273 -33.12 16.05 23.35
C VAL E 273 -32.08 15.46 22.40
N VAL E 274 -31.79 16.19 21.34
CA VAL E 274 -30.77 15.76 20.39
C VAL E 274 -29.87 16.95 20.09
N THR E 275 -28.78 16.69 19.39
CA THR E 275 -27.89 17.72 18.89
C THR E 275 -28.22 17.99 17.43
N ASN E 276 -27.63 19.06 16.90
CA ASN E 276 -27.87 19.40 15.50
C ASN E 276 -26.84 18.79 14.57
N THR E 277 -26.29 17.61 14.90
CA THR E 277 -25.48 16.88 13.93
C THR E 277 -26.32 16.39 12.76
N ILE E 278 -27.61 16.34 12.96
CA ILE E 278 -28.51 15.93 11.95
C ILE E 278 -29.59 16.97 11.91
N PRO E 279 -30.03 17.36 10.73
CA PRO E 279 -31.10 18.33 10.58
C PRO E 279 -32.41 17.85 11.15
N GLN E 280 -33.05 18.68 11.93
CA GLN E 280 -34.28 18.26 12.54
C GLN E 280 -35.47 19.12 12.27
N GLU E 281 -35.19 20.36 12.16
CA GLU E 281 -36.25 21.33 12.18
C GLU E 281 -37.50 20.91 11.51
N ASP E 282 -37.42 20.21 10.43
CA ASP E 282 -38.63 19.75 9.75
C ASP E 282 -39.34 18.67 10.55
N LYS E 283 -38.63 18.20 11.58
CA LYS E 283 -39.05 17.12 12.50
C LYS E 283 -39.61 17.58 13.81
N MET E 284 -39.35 18.81 14.02
CA MET E 284 -39.81 19.63 15.12
C MET E 284 -41.11 20.30 14.70
N LYS E 285 -41.31 20.43 13.39
CA LYS E 285 -42.53 20.95 12.83
C LYS E 285 -43.68 20.01 13.20
N HIS E 286 -43.45 18.71 13.16
CA HIS E 286 -44.47 17.79 13.57
C HIS E 286 -44.23 17.32 14.95
N CYS E 287 -43.19 17.80 15.62
CA CYS E 287 -42.97 17.29 16.94
C CYS E 287 -42.63 18.36 17.92
N THR E 288 -43.51 18.64 18.84
CA THR E 288 -43.18 19.68 19.80
C THR E 288 -42.31 19.20 20.94
N LYS E 289 -42.12 17.91 21.14
CA LYS E 289 -41.29 17.47 22.22
C LYS E 289 -39.85 17.46 21.97
N ILE E 290 -39.41 17.64 20.70
CA ILE E 290 -38.01 17.60 20.32
C ILE E 290 -37.38 18.97 20.53
N GLN E 291 -36.19 18.97 21.11
CA GLN E 291 -35.39 20.15 21.36
C GLN E 291 -33.98 19.84 20.92
N VAL E 292 -33.24 20.83 20.44
CA VAL E 292 -31.92 20.60 19.86
C VAL E 292 -30.84 21.31 20.68
N ILE E 293 -29.74 20.60 20.93
CA ILE E 293 -28.54 21.16 21.53
C ILE E 293 -27.57 21.48 20.41
N ASP E 294 -27.02 22.68 20.41
CA ASP E 294 -26.14 23.06 19.32
C ASP E 294 -24.70 22.72 19.68
N ILE E 295 -24.03 22.05 18.74
CA ILE E 295 -22.65 21.61 18.88
C ILE E 295 -21.75 22.25 17.83
N SER E 296 -22.22 23.32 17.19
CA SER E 296 -21.39 24.03 16.22
C SER E 296 -20.06 24.44 16.85
N MET E 297 -20.07 24.77 18.10
CA MET E 297 -18.86 25.18 18.76
C MET E 297 -17.85 24.10 18.82
N ILE E 298 -18.31 22.93 19.08
CA ILE E 298 -17.38 21.80 19.20
C ILE E 298 -16.66 21.55 17.88
N LEU E 299 -17.41 21.46 16.79
CA LEU E 299 -16.80 21.31 15.48
C LEU E 299 -15.91 22.50 15.15
N ALA E 300 -16.32 23.71 15.56
CA ALA E 300 -15.53 24.89 15.27
C ALA E 300 -14.18 24.83 15.96
N GLU E 301 -14.23 24.48 17.20
CA GLU E 301 -13.04 24.33 17.98
C GLU E 301 -12.13 23.28 17.45
N ALA E 302 -12.70 22.21 16.98
CA ALA E 302 -11.93 21.10 16.43
C ALA E 302 -11.28 21.49 15.12
N ILE E 303 -12.00 22.20 14.26
CA ILE E 303 -11.44 22.67 13.00
C ILE E 303 -10.29 23.63 13.26
N ARG E 304 -10.51 24.57 14.13
CA ARG E 304 -9.51 25.54 14.42
C ARG E 304 -8.35 24.97 15.06
N ARG E 305 -8.53 24.06 15.97
CA ARG E 305 -7.36 23.42 16.55
C ARG E 305 -6.59 22.54 15.61
N THR E 306 -7.21 21.77 14.76
CA THR E 306 -6.35 21.00 13.87
C THR E 306 -5.67 21.91 12.85
N HIS E 307 -6.27 23.05 12.52
CA HIS E 307 -5.63 23.96 11.59
C HIS E 307 -4.51 24.77 12.23
N ASN E 308 -4.52 24.90 13.53
CA ASN E 308 -3.49 25.62 14.25
C ASN E 308 -3.44 27.13 14.06
N SER F 1 -3.18 -30.31 -3.05
CA SER F 1 -3.75 -29.25 -2.21
C SER F 1 -3.00 -29.06 -0.92
N PRO F 2 -3.03 -27.86 -0.36
CA PRO F 2 -2.24 -27.59 0.85
C PRO F 2 -2.66 -28.43 2.04
N ASN F 3 -1.67 -28.82 2.85
CA ASN F 3 -1.93 -29.47 4.11
C ASN F 3 -1.93 -28.43 5.23
N ILE F 4 -2.13 -28.89 6.41
CA ILE F 4 -2.05 -28.05 7.51
C ILE F 4 -0.80 -28.35 8.22
N VAL F 5 0.00 -27.35 8.39
CA VAL F 5 1.17 -27.47 9.23
C VAL F 5 0.89 -26.50 10.36
N LEU F 6 1.03 -26.98 11.55
CA LEU F 6 0.69 -26.15 12.68
C LEU F 6 1.94 -25.95 13.50
N PHE F 7 2.21 -24.73 13.87
CA PHE F 7 3.35 -24.41 14.70
C PHE F 7 3.07 -23.77 15.98
N SER F 8 3.84 -24.09 16.95
CA SER F 8 3.73 -23.46 18.22
C SER F 8 4.84 -22.52 18.49
N GLY F 9 4.54 -21.35 18.99
CA GLY F 9 5.49 -20.44 19.53
C GLY F 9 5.72 -20.81 21.00
N SER F 10 6.54 -20.06 21.66
CA SER F 10 6.88 -20.24 23.02
C SER F 10 5.80 -20.08 24.02
N SER F 11 4.89 -19.18 23.86
CA SER F 11 3.92 -18.87 24.88
C SER F 11 3.01 -19.87 25.42
N HIS F 12 2.37 -20.64 24.58
CA HIS F 12 1.45 -21.60 25.05
C HIS F 12 1.56 -22.86 24.28
N GLN F 13 2.54 -23.62 24.62
CA GLN F 13 2.78 -24.85 24.03
C GLN F 13 1.85 -25.89 24.32
N ASP F 14 1.32 -25.87 25.50
CA ASP F 14 0.37 -26.87 25.93
C ASP F 14 -0.90 -26.81 25.21
N LEU F 15 -1.38 -25.65 25.00
CA LEU F 15 -2.63 -25.52 24.27
C LEU F 15 -2.45 -25.79 22.79
N SER F 16 -1.30 -25.43 22.22
CA SER F 16 -1.04 -25.70 20.80
C SER F 16 -1.05 -27.19 20.53
N GLN F 17 -0.47 -27.97 21.44
CA GLN F 17 -0.51 -29.41 21.25
C GLN F 17 -1.87 -30.00 21.60
N ARG F 18 -2.68 -29.30 22.40
CA ARG F 18 -4.05 -29.74 22.55
C ARG F 18 -4.84 -29.55 21.26
N VAL F 19 -4.60 -28.43 20.58
CA VAL F 19 -5.24 -28.18 19.29
C VAL F 19 -4.70 -29.16 18.25
N ALA F 20 -3.43 -29.53 18.38
CA ALA F 20 -2.86 -30.54 17.51
C ALA F 20 -3.54 -31.88 17.71
N ASP F 21 -3.74 -32.25 18.95
CA ASP F 21 -4.40 -33.48 19.28
C ASP F 21 -5.83 -33.49 18.76
N ARG F 22 -6.48 -32.37 18.77
CA ARG F 22 -7.81 -32.30 18.26
C ARG F 22 -7.90 -32.36 16.78
N LEU F 23 -6.88 -31.92 16.11
CA LEU F 23 -6.89 -31.98 14.66
C LEU F 23 -6.32 -33.26 14.11
N GLY F 24 -5.76 -34.11 14.96
CA GLY F 24 -5.16 -35.34 14.50
C GLY F 24 -3.79 -35.16 13.92
N LEU F 25 -3.14 -34.05 14.21
CA LEU F 25 -1.83 -33.70 13.70
C LEU F 25 -0.87 -33.55 14.86
N GLU F 26 0.36 -33.36 14.48
CA GLU F 26 1.48 -33.10 15.35
C GLU F 26 2.09 -31.74 15.04
N LEU F 27 2.67 -31.04 16.00
CA LEU F 27 3.17 -29.70 15.76
C LEU F 27 4.43 -29.72 14.91
N GLY F 28 4.61 -28.63 14.17
CA GLY F 28 5.69 -28.58 13.21
C GLY F 28 7.02 -28.32 13.87
N LYS F 29 8.07 -28.84 13.24
CA LYS F 29 9.45 -28.62 13.68
C LYS F 29 9.82 -27.15 13.61
N VAL F 30 9.98 -26.51 14.77
CA VAL F 30 10.40 -25.12 14.82
C VAL F 30 11.27 -24.91 16.05
N VAL F 31 12.39 -24.20 15.87
CA VAL F 31 13.24 -23.78 16.97
C VAL F 31 13.11 -22.27 17.13
N THR F 32 12.63 -21.83 18.28
CA THR F 32 12.55 -20.42 18.64
C THR F 32 13.34 -20.19 19.92
N LYS F 33 14.40 -19.41 19.84
CA LYS F 33 15.19 -19.11 21.03
C LYS F 33 15.39 -17.61 21.10
N LYS F 34 16.39 -17.28 21.86
CA LYS F 34 16.86 -15.96 21.95
C LYS F 34 18.31 -15.88 21.73
N PHE F 35 18.80 -14.90 21.02
CA PHE F 35 20.24 -14.77 20.95
C PHE F 35 20.77 -14.16 22.25
N SER F 36 22.07 -14.10 22.41
CA SER F 36 22.67 -13.56 23.63
C SER F 36 22.28 -12.15 23.88
N ASN F 37 22.13 -11.37 22.85
CA ASN F 37 21.74 -10.02 22.99
C ASN F 37 20.27 -9.81 23.01
N GLN F 38 19.52 -10.85 23.19
CA GLN F 38 18.06 -10.91 23.29
C GLN F 38 17.22 -10.84 22.05
N GLU F 39 17.81 -10.88 20.90
CA GLU F 39 17.11 -10.92 19.66
C GLU F 39 16.48 -12.27 19.49
N THR F 40 15.32 -12.31 18.90
CA THR F 40 14.61 -13.50 18.66
C THR F 40 15.09 -14.23 17.41
N SER F 41 15.13 -15.53 17.45
CA SER F 41 15.49 -16.34 16.36
C SER F 41 14.44 -17.30 16.09
N VAL F 42 14.00 -17.36 14.88
CA VAL F 42 13.03 -18.31 14.47
C VAL F 42 13.56 -19.00 13.27
N GLU F 43 13.79 -20.27 13.37
CA GLU F 43 14.11 -21.07 12.24
C GLU F 43 13.14 -22.21 12.05
N ILE F 44 12.41 -22.17 10.96
CA ILE F 44 11.53 -23.29 10.62
C ILE F 44 12.37 -24.50 10.25
N GLY F 45 11.91 -25.67 10.69
CA GLY F 45 12.61 -26.92 10.50
C GLY F 45 12.01 -27.83 9.45
N GLU F 46 10.80 -27.52 8.98
CA GLU F 46 10.19 -28.29 7.90
C GLU F 46 9.72 -27.35 6.81
N SER F 47 9.39 -27.93 5.66
CA SER F 47 8.94 -27.17 4.50
C SER F 47 7.48 -26.75 4.65
N VAL F 48 7.22 -25.49 4.32
CA VAL F 48 5.87 -24.94 4.36
C VAL F 48 5.45 -24.42 2.99
N ARG F 49 6.09 -24.89 1.93
CA ARG F 49 5.76 -24.35 0.61
C ARG F 49 4.45 -24.97 0.12
N GLY F 50 3.54 -24.11 -0.31
CA GLY F 50 2.23 -24.54 -0.75
C GLY F 50 1.35 -25.13 0.33
N GLU F 51 1.67 -24.90 1.58
CA GLU F 51 0.91 -25.45 2.70
C GLU F 51 0.12 -24.35 3.40
N ASP F 52 -0.81 -24.79 4.22
CA ASP F 52 -1.67 -23.96 5.05
C ASP F 52 -1.11 -23.86 6.42
N VAL F 53 -0.47 -22.77 6.68
CA VAL F 53 0.25 -22.66 7.95
C VAL F 53 -0.62 -21.95 8.98
N TYR F 54 -0.57 -22.44 10.21
CA TYR F 54 -1.27 -21.86 11.35
C TYR F 54 -0.26 -21.74 12.48
N ILE F 55 -0.09 -20.53 13.00
CA ILE F 55 0.84 -20.27 14.08
C ILE F 55 0.05 -19.82 15.28
N ILE F 56 0.18 -20.55 16.39
CA ILE F 56 -0.57 -20.27 17.60
C ILE F 56 0.36 -19.57 18.58
N GLN F 57 0.12 -18.36 18.98
CA GLN F 57 0.88 -17.70 19.98
C GLN F 57 -0.07 -16.91 20.79
N SER F 58 0.01 -16.99 22.08
CA SER F 58 -0.89 -16.13 22.85
C SER F 58 -0.12 -14.93 23.39
N GLY F 59 -0.91 -13.97 23.79
CA GLY F 59 -0.46 -12.69 24.30
C GLY F 59 -0.21 -12.81 25.74
N CYS F 60 0.93 -13.33 26.06
CA CYS F 60 1.28 -13.52 27.40
C CYS F 60 2.75 -13.62 27.56
N GLY F 61 3.14 -13.77 28.80
CA GLY F 61 4.48 -13.85 29.23
C GLY F 61 5.17 -12.59 28.91
N GLU F 62 6.36 -12.73 28.38
CA GLU F 62 7.00 -11.53 27.91
C GLU F 62 6.39 -11.34 26.54
N ILE F 63 5.40 -10.49 26.48
CA ILE F 63 4.59 -10.17 25.37
C ILE F 63 5.27 -9.64 24.20
N ASN F 64 6.19 -8.72 24.30
CA ASN F 64 6.85 -8.23 23.09
C ASN F 64 7.86 -9.22 22.52
N ASP F 65 8.41 -10.13 23.33
CA ASP F 65 9.18 -11.20 22.73
C ASP F 65 8.27 -12.20 22.02
N ASN F 66 7.11 -12.50 22.61
CA ASN F 66 6.17 -13.39 21.94
C ASN F 66 5.57 -12.75 20.70
N LEU F 67 5.27 -11.46 20.74
CA LEU F 67 4.71 -10.81 19.56
C LEU F 67 5.73 -10.73 18.43
N MET F 68 6.96 -10.52 18.79
CA MET F 68 8.01 -10.47 17.84
C MET F 68 8.32 -11.77 17.22
N GLU F 69 8.24 -12.71 18.03
CA GLU F 69 8.41 -14.10 17.66
C GLU F 69 7.32 -14.54 16.73
N LEU F 70 6.11 -14.10 16.96
CA LEU F 70 4.98 -14.34 16.07
C LEU F 70 5.17 -13.68 14.71
N LEU F 71 5.58 -12.41 14.69
CA LEU F 71 5.75 -11.72 13.42
C LEU F 71 6.90 -12.31 12.61
N ILE F 72 8.01 -12.66 13.25
CA ILE F 72 9.13 -13.23 12.52
C ILE F 72 8.75 -14.57 11.94
N MET F 73 7.97 -15.34 12.70
CA MET F 73 7.56 -16.64 12.17
C MET F 73 6.57 -16.50 11.04
N ILE F 74 5.69 -15.49 11.08
CA ILE F 74 4.77 -15.27 9.97
C ILE F 74 5.52 -14.88 8.70
N ASN F 75 6.43 -13.90 8.79
CA ASN F 75 7.12 -13.49 7.57
C ASN F 75 8.12 -14.55 7.13
N ALA F 76 8.43 -15.48 8.01
CA ALA F 76 9.31 -16.55 7.58
C ALA F 76 8.51 -17.59 6.81
N CYS F 77 7.29 -17.89 7.26
CA CYS F 77 6.53 -18.82 6.45
C CYS F 77 5.99 -18.17 5.19
N LYS F 78 5.76 -16.89 5.14
CA LYS F 78 5.36 -16.21 3.92
C LYS F 78 6.41 -16.07 2.89
N ILE F 79 7.64 -15.76 3.26
CA ILE F 79 8.71 -15.69 2.27
C ILE F 79 9.08 -17.09 1.78
N ALA F 80 8.86 -18.11 2.60
CA ALA F 80 9.05 -19.50 2.17
C ALA F 80 7.94 -19.97 1.23
N SER F 81 7.09 -19.09 0.72
CA SER F 81 6.07 -19.46 -0.28
C SER F 81 5.01 -20.40 0.29
N SER F 82 4.52 -20.08 1.48
CA SER F 82 3.38 -20.80 2.02
C SER F 82 2.11 -20.39 1.29
N SER F 83 1.18 -21.34 1.17
CA SER F 83 -0.08 -21.03 0.51
C SER F 83 -0.89 -20.02 1.30
N ARG F 84 -0.85 -20.12 2.63
CA ARG F 84 -1.58 -19.19 3.46
C ARG F 84 -1.07 -19.32 4.88
N VAL F 85 -0.94 -18.19 5.58
CA VAL F 85 -0.46 -18.15 6.96
C VAL F 85 -1.55 -17.52 7.82
N THR F 86 -1.94 -18.22 8.88
CA THR F 86 -2.97 -17.78 9.80
C THR F 86 -2.39 -17.67 11.19
N ALA F 87 -2.57 -16.50 11.81
CA ALA F 87 -2.13 -16.28 13.17
C ALA F 87 -3.26 -16.61 14.13
N VAL F 88 -3.07 -17.62 14.95
CA VAL F 88 -4.02 -17.96 15.99
C VAL F 88 -3.52 -17.31 17.26
N ILE F 89 -4.17 -16.24 17.68
CA ILE F 89 -3.74 -15.47 18.84
C ILE F 89 -4.87 -15.54 19.86
N PRO F 90 -4.94 -16.56 20.72
CA PRO F 90 -6.14 -16.70 21.57
C PRO F 90 -6.41 -15.49 22.44
N CYS F 91 -5.38 -14.90 23.04
CA CYS F 91 -5.52 -13.66 23.79
C CYS F 91 -4.75 -12.59 23.02
N PHE F 92 -5.48 -11.66 22.42
CA PHE F 92 -4.88 -10.67 21.54
C PHE F 92 -4.20 -9.56 22.39
N PRO F 93 -2.93 -9.30 22.14
CA PRO F 93 -2.24 -8.28 22.97
C PRO F 93 -2.69 -6.87 22.64
N TYR F 94 -2.46 -5.97 23.59
CA TYR F 94 -2.70 -4.52 23.43
C TYR F 94 -4.15 -4.18 23.12
N ALA F 95 -5.09 -5.07 23.46
CA ALA F 95 -6.50 -4.85 23.16
C ALA F 95 -7.10 -3.72 24.01
N ARG F 96 -6.80 -3.62 25.23
CA ARG F 96 -7.40 -2.58 26.06
C ARG F 96 -6.64 -1.26 25.90
N GLN F 97 -7.20 -0.24 26.51
CA GLN F 97 -6.64 1.08 26.45
C GLN F 97 -6.55 1.77 27.78
N ASP F 98 -5.46 2.47 28.10
CA ASP F 98 -5.37 3.22 29.34
C ASP F 98 -5.91 4.54 28.98
N LYS F 99 -7.21 4.78 28.92
CA LYS F 99 -7.47 6.19 28.48
C LYS F 99 -7.52 7.02 29.73
N LYS F 100 -8.42 6.52 30.59
CA LYS F 100 -8.81 6.89 31.97
C LYS F 100 -9.23 8.34 32.02
N ASP F 101 -9.96 8.75 30.96
CA ASP F 101 -10.62 10.04 30.58
C ASP F 101 -9.97 10.79 29.41
N LYS F 102 -10.85 11.45 28.71
CA LYS F 102 -10.77 12.45 27.62
C LYS F 102 -12.00 13.29 27.93
N VAL F 103 -11.99 14.60 27.93
CA VAL F 103 -13.36 15.02 28.35
C VAL F 103 -14.32 15.25 27.19
N GLY F 104 -13.84 15.68 26.01
CA GLY F 104 -14.63 16.10 24.86
C GLY F 104 -14.25 15.27 23.67
N GLU F 105 -13.47 14.23 23.95
CA GLU F 105 -13.09 13.28 22.92
C GLU F 105 -12.56 11.97 23.41
N SER F 106 -12.50 10.98 22.56
CA SER F 106 -11.83 9.73 22.91
C SER F 106 -10.45 9.67 22.26
N ARG F 107 -9.62 8.79 22.78
CA ARG F 107 -8.33 8.53 22.29
C ARG F 107 -8.33 7.41 21.33
N ALA F 108 -7.32 7.37 20.50
CA ALA F 108 -7.22 6.31 19.53
C ALA F 108 -6.64 5.05 20.09
N PRO F 109 -7.10 3.92 19.61
CA PRO F 109 -6.51 2.69 20.05
C PRO F 109 -5.27 2.58 19.25
N ILE F 110 -4.17 3.14 19.72
CA ILE F 110 -2.92 3.18 18.95
C ILE F 110 -2.20 1.83 18.98
N SER F 111 -2.23 1.15 20.13
CA SER F 111 -1.45 -0.08 20.27
C SER F 111 -2.12 -1.27 19.59
N ALA F 112 -3.43 -1.43 19.76
CA ALA F 112 -4.12 -2.54 19.13
C ALA F 112 -4.10 -2.42 17.62
N LYS F 113 -4.25 -1.23 17.11
CA LYS F 113 -4.18 -0.99 15.73
C LYS F 113 -2.81 -1.14 15.18
N LEU F 114 -1.84 -0.72 15.91
CA LEU F 114 -0.46 -0.90 15.47
C LEU F 114 -0.11 -2.38 15.39
N VAL F 115 -0.55 -3.18 16.37
CA VAL F 115 -0.32 -4.63 16.31
C VAL F 115 -1.08 -5.25 15.15
N ALA F 116 -2.26 -4.71 14.82
CA ALA F 116 -2.98 -5.19 13.65
C ALA F 116 -2.17 -4.94 12.38
N ASN F 117 -1.53 -3.65 12.27
CA ASN F 117 -0.75 -3.32 11.10
C ASN F 117 0.54 -4.11 11.04
N MET F 118 1.13 -4.46 12.19
CA MET F 118 2.35 -5.25 12.14
C MET F 118 2.07 -6.69 11.77
N LEU F 119 0.95 -7.24 12.24
CA LEU F 119 0.56 -8.58 11.77
C LEU F 119 0.27 -8.56 10.28
N SER F 120 -0.30 -7.48 9.77
CA SER F 120 -0.61 -7.42 8.35
C SER F 120 0.65 -7.32 7.51
N VAL F 121 1.54 -6.38 7.89
CA VAL F 121 2.78 -6.19 7.13
C VAL F 121 3.68 -7.40 7.25
N ALA F 122 3.65 -8.10 8.38
CA ALA F 122 4.46 -9.31 8.53
C ALA F 122 4.03 -10.39 7.57
N GLY F 123 2.76 -10.43 7.20
CA GLY F 123 2.30 -11.39 6.22
C GLY F 123 1.15 -12.28 6.64
N ALA F 124 0.47 -11.92 7.73
CA ALA F 124 -0.69 -12.68 8.16
C ALA F 124 -1.82 -12.57 7.14
N ASP F 125 -2.56 -13.67 6.94
CA ASP F 125 -3.70 -13.67 6.06
C ASP F 125 -5.05 -13.96 6.69
N HIS F 126 -5.05 -14.35 7.92
CA HIS F 126 -6.21 -14.68 8.62
C HIS F 126 -5.86 -14.61 10.05
N ILE F 127 -6.79 -14.18 10.88
CA ILE F 127 -6.56 -14.09 12.28
C ILE F 127 -7.62 -14.90 12.98
N ILE F 128 -7.27 -15.57 14.04
CA ILE F 128 -8.21 -16.29 14.79
C ILE F 128 -7.88 -15.94 16.19
N THR F 129 -8.80 -15.37 16.91
CA THR F 129 -8.53 -15.11 18.30
C THR F 129 -9.73 -15.46 19.18
N MET F 130 -9.70 -15.19 20.45
CA MET F 130 -10.85 -15.50 21.28
C MET F 130 -11.21 -14.38 22.24
N ASP F 131 -12.49 -14.00 22.22
CA ASP F 131 -13.08 -12.96 23.06
C ASP F 131 -12.20 -11.70 23.07
N LEU F 132 -12.23 -11.00 21.94
CA LEU F 132 -11.52 -9.73 21.86
C LEU F 132 -12.10 -8.78 22.91
N HIS F 133 -11.24 -7.93 23.45
CA HIS F 133 -11.72 -6.94 24.39
C HIS F 133 -12.74 -6.03 23.74
N ALA F 134 -12.59 -5.81 22.43
CA ALA F 134 -13.56 -5.09 21.62
C ALA F 134 -13.70 -5.80 20.28
N SER F 135 -14.87 -6.15 19.93
CA SER F 135 -15.05 -6.79 18.72
C SER F 135 -14.57 -5.96 17.55
N GLN F 136 -14.59 -4.68 17.69
CA GLN F 136 -14.26 -3.82 16.61
C GLN F 136 -12.86 -3.96 16.15
N ILE F 137 -12.10 -4.63 16.90
CA ILE F 137 -10.73 -4.88 16.50
C ILE F 137 -10.70 -5.70 15.22
N GLN F 138 -11.74 -6.46 14.93
CA GLN F 138 -11.82 -7.12 13.63
C GLN F 138 -11.71 -6.14 12.47
N GLY F 139 -12.22 -4.93 12.65
CA GLY F 139 -12.14 -3.92 11.62
C GLY F 139 -10.81 -3.22 11.51
N PHE F 140 -9.87 -3.57 12.37
CA PHE F 140 -8.52 -3.02 12.24
C PHE F 140 -7.73 -3.68 11.12
N PHE F 141 -8.31 -4.68 10.44
CA PHE F 141 -7.63 -5.43 9.39
C PHE F 141 -8.36 -5.31 8.05
N ASP F 142 -7.65 -5.66 6.98
CA ASP F 142 -8.26 -5.91 5.67
C ASP F 142 -8.22 -7.38 5.33
N ILE F 143 -8.01 -8.23 6.33
CA ILE F 143 -7.98 -9.68 6.20
C ILE F 143 -9.01 -10.25 7.16
N PRO F 144 -9.56 -11.44 6.90
CA PRO F 144 -10.56 -12.01 7.81
C PRO F 144 -10.02 -12.12 9.22
N VAL F 145 -10.90 -11.95 10.21
CA VAL F 145 -10.56 -12.12 11.62
C VAL F 145 -11.67 -12.92 12.30
N ASP F 146 -11.33 -14.07 12.89
CA ASP F 146 -12.30 -14.89 13.60
C ASP F 146 -12.12 -14.66 15.10
N ASN F 147 -13.03 -13.89 15.70
CA ASN F 147 -13.04 -13.60 17.13
C ASN F 147 -14.07 -14.54 17.77
N LEU F 148 -13.62 -15.68 18.25
CA LEU F 148 -14.50 -16.71 18.75
C LEU F 148 -14.91 -16.42 20.18
N TYR F 149 -16.07 -16.92 20.57
CA TYR F 149 -16.59 -16.73 21.91
C TYR F 149 -16.35 -17.96 22.77
N ALA F 150 -16.07 -17.72 24.04
CA ALA F 150 -15.95 -18.78 25.03
C ALA F 150 -17.25 -19.01 25.77
N GLU F 151 -18.31 -18.33 25.46
CA GLU F 151 -19.53 -18.45 26.24
C GLU F 151 -20.08 -19.82 26.32
N PRO F 152 -20.16 -20.60 25.25
CA PRO F 152 -20.63 -21.99 25.49
C PRO F 152 -19.91 -22.69 26.61
N ALA F 153 -18.57 -22.67 26.62
CA ALA F 153 -17.82 -23.40 27.63
C ALA F 153 -18.04 -22.83 29.03
N VAL F 154 -18.29 -21.52 29.13
CA VAL F 154 -18.62 -20.92 30.41
C VAL F 154 -20.00 -21.38 30.87
N LEU F 155 -20.98 -21.43 29.96
CA LEU F 155 -22.30 -21.93 30.35
C LEU F 155 -22.23 -23.38 30.81
N GLN F 156 -21.42 -24.16 30.14
CA GLN F 156 -21.21 -25.52 30.43
C GLN F 156 -20.60 -25.70 31.73
N TRP F 157 -19.54 -24.98 32.07
CA TRP F 157 -18.89 -25.00 33.39
C TRP F 157 -19.87 -24.59 34.47
N ILE F 158 -20.72 -23.60 34.19
CA ILE F 158 -21.62 -23.08 35.20
C ILE F 158 -22.68 -24.12 35.55
N ARG F 159 -23.23 -24.79 34.58
CA ARG F 159 -24.20 -25.81 34.81
C ARG F 159 -23.69 -27.01 35.48
N GLU F 160 -22.52 -27.41 35.11
CA GLU F 160 -21.98 -28.64 35.69
C GLU F 160 -21.24 -28.40 37.00
N ASN F 161 -21.07 -27.14 37.42
CA ASN F 161 -20.25 -26.84 38.59
C ASN F 161 -20.88 -25.93 39.64
N ILE F 162 -21.96 -25.21 39.35
CA ILE F 162 -22.60 -24.35 40.33
C ILE F 162 -23.90 -25.04 40.72
N ALA F 163 -23.95 -25.50 41.98
CA ALA F 163 -25.07 -26.33 42.42
C ALA F 163 -26.40 -25.60 42.30
N GLU F 164 -26.44 -24.33 42.67
CA GLU F 164 -27.66 -23.52 42.62
C GLU F 164 -27.66 -22.56 41.45
N TRP F 165 -27.16 -23.00 40.30
CA TRP F 165 -27.03 -22.10 39.16
C TRP F 165 -28.36 -21.60 38.64
N LYS F 166 -29.44 -22.30 38.94
CA LYS F 166 -30.78 -21.97 38.46
C LYS F 166 -31.23 -20.62 38.98
N ASN F 167 -30.89 -20.32 40.21
CA ASN F 167 -31.09 -18.98 40.75
C ASN F 167 -29.74 -18.37 41.17
N CYS F 168 -28.92 -18.21 40.17
CA CYS F 168 -27.62 -17.55 40.33
C CYS F 168 -27.78 -16.14 39.80
N ILE F 169 -26.85 -15.28 40.10
CA ILE F 169 -27.01 -13.95 39.49
C ILE F 169 -25.71 -13.64 38.76
N ILE F 170 -25.81 -13.17 37.54
CA ILE F 170 -24.60 -12.84 36.77
C ILE F 170 -24.32 -11.39 37.08
N VAL F 171 -23.11 -11.07 37.49
CA VAL F 171 -22.77 -9.67 37.86
C VAL F 171 -21.70 -9.10 36.92
N SER F 172 -21.82 -7.87 36.51
CA SER F 172 -20.73 -7.29 35.75
C SER F 172 -19.86 -6.45 36.66
N PRO F 173 -18.53 -6.62 36.65
CA PRO F 173 -17.66 -5.79 37.52
C PRO F 173 -17.55 -4.34 37.09
N ASP F 174 -18.02 -4.02 35.92
CA ASP F 174 -17.88 -2.69 35.37
C ASP F 174 -19.04 -2.33 34.49
N ALA F 175 -19.09 -1.09 33.99
CA ALA F 175 -20.13 -0.73 33.05
C ALA F 175 -19.97 -1.43 31.71
N GLY F 176 -18.73 -1.64 31.25
CA GLY F 176 -18.50 -2.16 29.92
C GLY F 176 -18.75 -3.63 29.75
N GLY F 177 -18.71 -4.41 30.81
CA GLY F 177 -19.03 -5.81 30.68
C GLY F 177 -20.51 -6.15 30.79
N ALA F 178 -21.38 -5.15 30.77
CA ALA F 178 -22.81 -5.38 30.96
C ALA F 178 -23.38 -6.23 29.83
N LYS F 179 -23.03 -5.90 28.62
CA LYS F 179 -23.53 -6.62 27.51
C LYS F 179 -23.11 -8.04 27.67
N ARG F 180 -21.93 -8.24 28.17
CA ARG F 180 -21.45 -9.60 28.37
C ARG F 180 -22.39 -10.37 29.28
N VAL F 181 -22.63 -9.85 30.50
CA VAL F 181 -23.39 -10.61 31.49
C VAL F 181 -24.79 -10.92 30.97
N THR F 182 -25.50 -9.89 30.51
CA THR F 182 -26.76 -10.01 29.78
C THR F 182 -26.81 -11.27 28.95
N SER F 183 -25.89 -11.42 28.03
CA SER F 183 -25.80 -12.59 27.18
C SER F 183 -25.87 -13.87 28.00
N ILE F 184 -24.92 -14.05 28.89
CA ILE F 184 -24.94 -15.22 29.76
C ILE F 184 -26.24 -15.32 30.52
N ALA F 185 -26.73 -14.19 31.04
CA ALA F 185 -27.90 -14.25 31.91
C ALA F 185 -29.08 -14.89 31.19
N ASP F 186 -29.40 -14.39 30.00
CA ASP F 186 -30.57 -14.89 29.31
C ASP F 186 -30.38 -16.30 28.81
N ARG F 187 -29.18 -16.77 28.62
CA ARG F 187 -28.96 -18.11 28.29
C ARG F 187 -29.14 -19.06 29.43
N LEU F 188 -28.95 -18.67 30.70
CA LEU F 188 -29.20 -19.54 31.85
C LEU F 188 -30.62 -19.37 32.39
N ASN F 189 -31.31 -18.44 31.84
CA ASN F 189 -32.56 -18.12 32.35
C ASN F 189 -32.54 -17.70 33.80
N VAL F 190 -31.64 -16.79 34.08
CA VAL F 190 -31.37 -16.14 35.34
C VAL F 190 -31.15 -14.67 35.17
N GLU F 191 -31.19 -13.91 36.21
CA GLU F 191 -30.99 -12.46 36.15
C GLU F 191 -29.61 -11.89 36.39
N PHE F 192 -29.50 -10.61 36.18
CA PHE F 192 -28.26 -9.96 36.39
C PHE F 192 -28.22 -8.78 37.24
N ALA F 193 -27.04 -8.28 37.28
CA ALA F 193 -26.77 -7.12 38.14
C ALA F 193 -25.46 -6.47 37.72
N LEU F 194 -25.23 -5.26 38.22
CA LEU F 194 -24.06 -4.48 37.83
C LEU F 194 -23.35 -3.91 39.03
N ILE F 195 -22.02 -3.87 38.95
CA ILE F 195 -21.19 -3.25 39.95
C ILE F 195 -20.58 -2.05 39.25
N HIS F 196 -20.55 -0.91 39.91
CA HIS F 196 -19.88 0.26 39.36
C HIS F 196 -19.20 1.04 40.49
N LYS F 197 -17.89 1.13 40.46
CA LYS F 197 -17.08 1.91 41.40
C LYS F 197 -17.05 3.32 40.97
N GLU F 198 -17.39 4.23 41.82
CA GLU F 198 -17.46 5.63 41.45
C GLU F 198 -16.07 6.31 41.56
N ARG F 199 -15.88 7.39 40.82
CA ARG F 199 -14.67 8.20 40.95
C ARG F 199 -14.50 8.63 42.39
N LYS F 200 -13.32 8.37 42.95
CA LYS F 200 -13.03 8.87 44.28
C LYS F 200 -12.57 10.32 44.14
N LYS F 201 -13.25 11.09 44.88
CA LYS F 201 -12.99 12.41 44.94
C LYS F 201 -12.18 12.66 46.19
N ALA F 202 -11.63 13.81 46.21
CA ALA F 202 -10.82 14.11 47.35
C ALA F 202 -11.80 14.11 48.53
N ASN F 203 -11.34 13.66 49.67
CA ASN F 203 -12.17 13.60 50.84
C ASN F 203 -13.37 12.65 50.84
N GLU F 204 -13.83 12.17 49.70
CA GLU F 204 -14.77 11.07 49.73
C GLU F 204 -14.04 9.75 50.01
N VAL F 205 -14.82 8.74 50.37
CA VAL F 205 -14.27 7.42 50.67
C VAL F 205 -14.57 6.48 49.49
N ASP F 206 -13.80 5.42 49.41
CA ASP F 206 -13.98 4.46 48.30
C ASP F 206 -15.38 3.92 48.40
N ARG F 207 -16.14 4.12 47.33
CA ARG F 207 -17.57 3.83 47.27
C ARG F 207 -17.85 3.07 46.00
N MET F 208 -18.27 1.82 46.10
CA MET F 208 -18.68 0.89 45.03
C MET F 208 -20.21 0.70 45.05
N VAL F 209 -20.89 0.82 43.91
CA VAL F 209 -22.34 0.78 43.82
C VAL F 209 -22.77 -0.53 43.15
N LEU F 210 -23.78 -1.11 43.76
CA LEU F 210 -24.39 -2.35 43.29
C LEU F 210 -25.78 -2.17 42.81
N VAL F 211 -26.01 -2.53 41.58
CA VAL F 211 -27.27 -2.39 40.96
C VAL F 211 -27.76 -3.78 40.67
N GLY F 212 -28.92 -4.16 41.18
CA GLY F 212 -29.38 -5.53 41.09
C GLY F 212 -29.51 -6.14 42.47
N ASP F 213 -30.08 -7.32 42.56
CA ASP F 213 -30.31 -7.90 43.89
C ASP F 213 -29.59 -9.22 43.98
N VAL F 214 -28.70 -9.40 44.93
CA VAL F 214 -28.00 -10.65 44.99
C VAL F 214 -28.25 -11.29 46.25
N LYS F 215 -29.26 -10.92 46.94
CA LYS F 215 -29.48 -11.56 48.20
C LYS F 215 -29.95 -12.95 48.06
N ASP F 216 -29.28 -13.83 48.75
CA ASP F 216 -29.58 -15.24 48.84
C ASP F 216 -29.44 -15.98 47.61
N ARG F 217 -28.60 -15.46 46.80
CA ARG F 217 -28.31 -15.96 45.48
C ARG F 217 -26.81 -16.12 45.30
N VAL F 218 -26.43 -17.01 44.40
CA VAL F 218 -25.03 -17.17 44.03
C VAL F 218 -24.69 -16.08 43.01
N ALA F 219 -23.66 -15.30 43.32
CA ALA F 219 -23.19 -14.25 42.45
C ALA F 219 -21.98 -14.77 41.67
N ILE F 220 -21.94 -14.38 40.43
CA ILE F 220 -20.86 -14.75 39.59
C ILE F 220 -20.55 -13.58 38.74
N LEU F 221 -19.44 -12.91 38.98
CA LEU F 221 -19.07 -11.79 38.15
C LEU F 221 -18.49 -12.30 36.88
N VAL F 222 -18.73 -11.66 35.75
CA VAL F 222 -18.19 -12.11 34.48
C VAL F 222 -17.63 -10.99 33.59
N ASP F 223 -16.35 -11.06 33.25
CA ASP F 223 -15.64 -10.08 32.43
C ASP F 223 -14.71 -10.73 31.41
N ASP F 224 -14.29 -10.04 30.32
CA ASP F 224 -13.43 -10.63 29.30
C ASP F 224 -12.07 -11.09 29.83
N MET F 225 -11.52 -10.48 30.87
CA MET F 225 -10.22 -10.93 31.36
C MET F 225 -10.05 -10.61 32.84
N ALA F 226 -8.92 -11.06 33.38
CA ALA F 226 -8.54 -10.81 34.78
C ALA F 226 -7.06 -10.50 34.78
N ASP F 227 -6.68 -9.34 35.33
CA ASP F 227 -5.28 -9.00 35.27
C ASP F 227 -4.73 -8.71 36.66
N THR F 228 -4.98 -7.59 37.25
CA THR F 228 -4.53 -7.43 38.59
C THR F 228 -5.60 -7.79 39.59
N CYS F 229 -6.85 -7.68 39.25
CA CYS F 229 -7.92 -8.30 40.01
C CYS F 229 -8.44 -7.51 41.21
N GLY F 230 -8.10 -6.22 41.33
CA GLY F 230 -8.59 -5.46 42.47
C GLY F 230 -10.09 -5.23 42.41
N THR F 231 -10.58 -4.84 41.24
CA THR F 231 -12.00 -4.55 41.11
C THR F 231 -12.85 -5.78 41.37
N ILE F 232 -12.39 -6.97 40.96
CA ILE F 232 -13.22 -8.13 41.22
C ILE F 232 -13.12 -8.61 42.66
N CYS F 233 -12.02 -8.34 43.36
CA CYS F 233 -11.96 -8.70 44.78
C CYS F 233 -12.89 -7.81 45.59
N HIS F 234 -12.80 -6.55 45.38
CA HIS F 234 -13.70 -5.74 46.04
C HIS F 234 -15.13 -6.04 45.58
N ALA F 235 -15.38 -6.37 44.33
CA ALA F 235 -16.70 -6.78 43.88
C ALA F 235 -17.21 -7.97 44.68
N ALA F 236 -16.33 -8.93 44.98
CA ALA F 236 -16.72 -10.05 45.82
C ALA F 236 -17.13 -9.57 47.21
N ASP F 237 -16.38 -8.74 47.83
CA ASP F 237 -16.74 -8.27 49.09
C ASP F 237 -18.00 -7.47 49.13
N LYS F 238 -18.24 -6.62 48.18
CA LYS F 238 -19.47 -5.92 48.12
C LYS F 238 -20.63 -6.85 47.89
N LEU F 239 -20.49 -7.79 47.02
CA LEU F 239 -21.55 -8.75 46.74
C LEU F 239 -21.91 -9.54 47.99
N LEU F 240 -20.91 -9.89 48.81
CA LEU F 240 -21.21 -10.63 50.03
C LEU F 240 -21.77 -9.76 51.15
N SER F 241 -21.39 -8.49 51.23
CA SER F 241 -22.04 -7.64 52.21
C SER F 241 -23.50 -7.34 51.83
N ALA F 242 -23.83 -7.45 50.55
CA ALA F 242 -25.18 -7.27 50.04
C ALA F 242 -26.03 -8.54 50.19
N GLY F 243 -25.49 -9.56 50.84
CA GLY F 243 -26.26 -10.75 51.20
C GLY F 243 -26.23 -11.86 50.17
N ALA F 244 -25.09 -12.09 49.55
CA ALA F 244 -24.94 -13.16 48.58
C ALA F 244 -24.37 -14.36 49.30
N THR F 245 -24.88 -15.54 48.98
CA THR F 245 -24.36 -16.74 49.61
C THR F 245 -22.94 -17.04 49.13
N LYS F 246 -22.69 -17.07 47.86
CA LYS F 246 -21.36 -17.27 47.33
C LYS F 246 -21.09 -16.42 46.16
N VAL F 247 -19.84 -16.11 45.90
CA VAL F 247 -19.38 -15.34 44.76
C VAL F 247 -18.37 -16.16 43.98
N TYR F 248 -18.57 -16.27 42.67
CA TYR F 248 -17.64 -16.86 41.72
C TYR F 248 -17.09 -15.77 40.82
N ALA F 249 -16.05 -16.11 40.06
CA ALA F 249 -15.51 -15.22 39.04
C ALA F 249 -15.12 -16.03 37.82
N ILE F 250 -15.70 -15.74 36.70
CA ILE F 250 -15.33 -16.49 35.50
C ILE F 250 -14.97 -15.50 34.43
N LEU F 251 -13.75 -15.60 33.96
CA LEU F 251 -13.08 -14.72 32.98
C LEU F 251 -12.61 -15.54 31.82
N THR F 252 -12.64 -15.02 30.62
CA THR F 252 -12.08 -15.86 29.55
C THR F 252 -10.56 -15.86 29.63
N HIS F 253 -9.96 -14.74 29.91
CA HIS F 253 -8.51 -14.55 29.86
C HIS F 253 -7.99 -14.39 31.28
N GLY F 254 -7.14 -15.31 31.71
CA GLY F 254 -6.53 -15.19 33.02
C GLY F 254 -5.10 -14.70 32.98
N ILE F 255 -4.89 -13.40 33.03
CA ILE F 255 -3.53 -12.80 32.99
C ILE F 255 -2.74 -12.97 34.28
N PHE F 256 -3.36 -12.68 35.41
CA PHE F 256 -2.85 -12.87 36.79
C PHE F 256 -1.50 -12.27 37.09
N SER F 257 -1.35 -11.05 36.67
CA SER F 257 -0.13 -10.25 36.77
C SER F 257 -0.01 -9.65 38.13
N GLY F 258 1.20 -9.28 38.46
CA GLY F 258 1.40 -8.59 39.71
C GLY F 258 0.86 -9.29 40.90
N PRO F 259 0.08 -8.56 41.65
CA PRO F 259 -0.40 -8.94 42.93
C PRO F 259 -1.58 -9.84 42.92
N ALA F 260 -2.03 -10.29 41.79
CA ALA F 260 -3.23 -11.06 41.72
C ALA F 260 -3.31 -12.29 42.53
N ILE F 261 -2.29 -13.09 42.59
CA ILE F 261 -2.39 -14.34 43.28
C ILE F 261 -2.65 -14.18 44.76
N SER F 262 -1.96 -13.26 45.37
CA SER F 262 -2.05 -12.86 46.72
C SER F 262 -3.35 -12.28 47.01
N ARG F 263 -3.83 -11.51 46.06
CA ARG F 263 -5.12 -10.84 46.19
C ARG F 263 -6.21 -11.86 46.26
N ILE F 264 -6.13 -12.83 45.43
CA ILE F 264 -7.15 -13.86 45.38
C ILE F 264 -7.03 -14.81 46.54
N ASN F 265 -5.80 -15.04 47.03
CA ASN F 265 -5.64 -15.90 48.20
C ASN F 265 -6.31 -15.29 49.43
N ASN F 266 -6.40 -13.96 49.50
CA ASN F 266 -7.10 -13.24 50.57
C ASN F 266 -8.47 -12.75 50.16
N ALA F 267 -8.95 -13.11 48.98
CA ALA F 267 -10.28 -12.70 48.56
C ALA F 267 -11.30 -13.77 48.87
N ALA F 268 -12.54 -13.35 49.05
CA ALA F 268 -13.58 -14.29 49.43
C ALA F 268 -14.29 -14.89 48.24
N PHE F 269 -13.51 -15.38 47.29
CA PHE F 269 -14.07 -16.08 46.15
C PHE F 269 -14.22 -17.54 46.51
N GLU F 270 -15.24 -18.16 45.93
CA GLU F 270 -15.33 -19.61 45.99
C GLU F 270 -14.49 -20.23 44.89
N ALA F 271 -14.44 -19.59 43.72
CA ALA F 271 -13.63 -20.06 42.61
C ALA F 271 -13.43 -18.94 41.63
N VAL F 272 -12.25 -18.91 41.01
CA VAL F 272 -11.97 -17.99 39.92
C VAL F 272 -11.70 -18.89 38.72
N VAL F 273 -12.54 -18.79 37.70
CA VAL F 273 -12.52 -19.72 36.58
C VAL F 273 -12.11 -18.96 35.33
N VAL F 274 -11.12 -19.47 34.63
CA VAL F 274 -10.65 -18.85 33.40
C VAL F 274 -10.50 -19.95 32.35
N THR F 275 -10.25 -19.53 31.12
CA THR F 275 -9.95 -20.46 30.05
C THR F 275 -8.44 -20.54 29.85
N ASN F 276 -8.02 -21.54 29.08
CA ASN F 276 -6.60 -21.79 28.88
C ASN F 276 -6.05 -21.06 27.66
N THR F 277 -6.57 -19.88 27.34
CA THR F 277 -5.92 -19.02 26.36
C THR F 277 -4.54 -18.54 26.85
N ILE F 278 -4.26 -18.67 28.14
CA ILE F 278 -3.00 -18.26 28.77
C ILE F 278 -2.58 -19.41 29.68
N PRO F 279 -1.30 -19.79 29.75
CA PRO F 279 -0.88 -20.86 30.65
C PRO F 279 -1.26 -20.60 32.10
N GLN F 280 -1.96 -21.56 32.70
CA GLN F 280 -2.42 -21.43 34.07
C GLN F 280 -1.85 -22.47 35.00
N GLU F 281 -1.00 -23.29 34.52
CA GLU F 281 -0.57 -24.36 35.27
C GLU F 281 0.11 -24.03 36.51
N ASP F 282 0.97 -23.07 36.43
CA ASP F 282 1.87 -22.64 37.49
C ASP F 282 1.19 -21.66 38.44
N LYS F 283 0.13 -21.03 38.05
CA LYS F 283 -0.65 -20.26 38.94
C LYS F 283 -1.49 -21.08 39.88
N MET F 284 -2.11 -22.15 39.44
CA MET F 284 -2.89 -22.95 40.36
C MET F 284 -2.04 -23.58 41.46
N LYS F 285 -0.74 -23.70 41.25
CA LYS F 285 0.13 -24.18 42.31
C LYS F 285 0.32 -23.15 43.42
N HIS F 286 0.03 -21.88 43.16
CA HIS F 286 0.05 -20.85 44.19
C HIS F 286 -1.33 -20.33 44.54
N CYS F 287 -2.38 -20.79 43.88
CA CYS F 287 -3.73 -20.33 44.16
C CYS F 287 -4.67 -21.51 43.98
N THR F 288 -5.29 -21.96 45.06
CA THR F 288 -6.20 -23.08 44.96
C THR F 288 -7.55 -22.73 44.39
N LYS F 289 -7.86 -21.43 44.26
CA LYS F 289 -9.16 -21.00 43.78
C LYS F 289 -9.25 -20.97 42.27
N ILE F 290 -8.14 -21.11 41.56
CA ILE F 290 -8.12 -20.92 40.12
C ILE F 290 -8.50 -22.25 39.48
N GLN F 291 -9.41 -22.19 38.52
CA GLN F 291 -9.85 -23.35 37.75
C GLN F 291 -9.87 -23.00 36.28
N VAL F 292 -9.49 -23.94 35.43
CA VAL F 292 -9.29 -23.67 34.01
C VAL F 292 -10.32 -24.40 33.18
N ILE F 293 -10.87 -23.68 32.22
CA ILE F 293 -11.71 -24.24 31.17
C ILE F 293 -10.85 -24.38 29.93
N ASP F 294 -10.93 -25.54 29.29
CA ASP F 294 -10.15 -25.81 28.09
C ASP F 294 -10.95 -25.32 26.90
N ILE F 295 -10.31 -24.56 26.03
CA ILE F 295 -10.98 -24.03 24.85
C ILE F 295 -10.35 -24.58 23.58
N SER F 296 -9.70 -25.70 23.69
CA SER F 296 -9.06 -26.31 22.55
C SER F 296 -10.09 -26.62 21.52
N MET F 297 -11.23 -27.08 21.87
CA MET F 297 -12.06 -27.35 20.80
C MET F 297 -12.47 -26.16 20.02
N ILE F 298 -12.57 -24.95 20.53
CA ILE F 298 -13.05 -23.84 19.72
C ILE F 298 -12.00 -23.41 18.71
N LEU F 299 -10.75 -23.21 19.16
CA LEU F 299 -9.69 -22.91 18.22
C LEU F 299 -9.49 -24.04 17.23
N ALA F 300 -9.61 -25.28 17.70
CA ALA F 300 -9.38 -26.42 16.80
C ALA F 300 -10.39 -26.46 15.67
N GLU F 301 -11.63 -26.33 15.99
CA GLU F 301 -12.60 -26.23 14.97
C GLU F 301 -12.55 -25.00 14.10
N ALA F 302 -12.24 -23.84 14.64
CA ALA F 302 -12.05 -22.64 13.83
C ALA F 302 -10.95 -22.86 12.80
N ILE F 303 -9.87 -23.51 13.19
CA ILE F 303 -8.81 -23.84 12.25
C ILE F 303 -9.31 -24.82 11.19
N ARG F 304 -9.96 -25.91 11.63
CA ARG F 304 -10.44 -26.90 10.65
C ARG F 304 -11.40 -26.28 9.67
N ARG F 305 -12.22 -25.40 10.16
CA ARG F 305 -13.15 -24.65 9.37
C ARG F 305 -12.52 -23.75 8.39
N THR F 306 -11.41 -23.15 8.73
CA THR F 306 -10.70 -22.20 7.87
C THR F 306 -9.97 -22.96 6.80
N HIS F 307 -9.53 -24.16 7.13
CA HIS F 307 -8.82 -24.97 6.14
C HIS F 307 -9.75 -25.67 5.16
N ASN F 308 -11.02 -25.86 5.54
CA ASN F 308 -11.96 -26.76 4.85
C ASN F 308 -11.48 -28.20 5.01
PG APC G . 29.62 -10.56 8.05
O1G APC G . 29.65 -11.25 6.74
O2G APC G . 30.15 -9.16 7.94
O3G APC G . 30.25 -11.32 9.16
PB APC G . 26.61 -11.25 8.54
O1B APC G . 25.41 -10.37 8.59
O2B APC G . 26.61 -12.10 7.34
O3B APC G . 28.00 -10.46 8.35
PA APC G . 27.42 -11.88 11.78
O1A APC G . 28.88 -11.55 11.65
O2A APC G . 26.55 -10.93 12.58
C3A APC G . 26.72 -12.24 10.09
O5' APC G . 27.23 -13.24 12.59
C5' APC G . 27.59 -13.39 13.98
C4' APC G . 27.15 -14.76 14.39
O4' APC G . 26.92 -14.81 15.81
C3' APC G . 25.82 -15.21 13.78
O3' APC G . 26.03 -15.73 12.50
C2' APC G . 25.42 -16.25 14.80
O2' APC G . 26.36 -17.29 14.80
C1' APC G . 25.68 -15.48 16.08
N9 APC G . 24.68 -14.49 16.51
C8 APC G . 24.55 -14.04 17.78
N7 APC G . 23.65 -13.13 17.96
C5 APC G . 23.12 -12.97 16.71
C6 APC G . 22.11 -12.15 16.21
N6 APC G . 21.44 -11.29 16.95
N1 APC G . 21.79 -12.22 14.91
C2 APC G . 22.48 -13.07 14.14
N3 APC G . 23.47 -13.88 14.51
C4 APC G . 23.75 -13.80 15.81
C1 HSX H . 30.32 -13.01 15.93
O4 HSX H . 31.04 -14.19 15.80
C2 HSX H . 30.29 -12.56 17.41
O2 HSX H . 30.67 -11.23 17.81
C3 HSX H . 31.09 -13.65 18.07
O3 HSX H . 32.35 -13.26 18.51
C4 HSX H . 31.50 -14.61 17.04
C5 HSX H . 30.82 -15.83 17.48
O5 HSX H . 31.70 -16.25 18.44
P' HSX H . 31.38 -16.29 19.93
O1X HSX H . 32.23 -17.20 20.65
O2X HSX H . 30.06 -16.84 19.80
O3X HSX H . 31.59 -14.89 20.27
O1 HSX H . 31.01 -12.15 15.00
CD CD I . 32.00 -8.98 11.32
PG APC J . -14.49 -0.57 27.70
O1G APC J . -14.94 0.75 27.23
O2G APC J . -14.86 -1.76 26.93
O3G APC J . -14.20 -0.73 29.13
PB APC J . -11.71 0.18 27.96
O1B APC J . -10.62 0.37 26.99
O2B APC J . -12.19 1.33 28.75
O3B APC J . -12.96 -0.48 27.15
PA APC J . -11.22 -0.88 30.82
O1A APC J . -12.14 0.22 31.15
O2A APC J . -11.40 -2.19 31.48
C3A APC J . -11.15 -1.18 29.05
O5' APC J . -9.70 -0.40 31.09
C5' APC J . -8.85 -1.18 31.93
C4' APC J . -7.81 -0.28 32.58
O4' APC J . -6.76 -1.03 33.24
C3' APC J . -7.03 0.46 31.52
O3' APC J . -7.83 1.48 30.90
C2' APC J . -6.00 1.05 32.43
O2' APC J . -6.68 1.85 33.40
C1' APC J . -5.53 -0.25 33.08
N9 APC J . -4.57 -1.10 32.28
C8 APC J . -3.85 -1.97 32.98
N7 APC J . -3.08 -2.65 32.15
C5 APC J . -3.33 -2.22 30.92
C6 APC J . -2.81 -2.59 29.75
N6 APC J . -1.89 -3.55 29.79
N1 APC J . -3.19 -2.04 28.59
C2 APC J . -4.16 -1.05 28.62
N3 APC J . -4.68 -0.67 29.87
C4 APC J . -4.26 -1.27 30.99
P PO4 K . 34.47 1.70 12.27
O1 PO4 K . 34.59 1.62 13.73
O2 PO4 K . 33.81 2.86 11.70
O3 PO4 K . 35.83 1.72 11.74
O4 PO4 K . 33.70 0.60 11.66
P PO4 L . 33.30 2.60 5.95
O1 PO4 L . 33.75 2.77 7.33
O2 PO4 L . 31.95 2.00 6.12
O3 PO4 L . 33.39 3.91 5.29
O4 PO4 L . 34.12 1.73 5.09
P PO4 M . 22.34 -6.09 16.37
O1 PO4 M . 22.39 -6.27 17.81
O2 PO4 M . 21.86 -7.34 15.80
O3 PO4 M . 23.74 -5.96 16.13
O4 PO4 M . 21.49 -5.04 15.75
C1 HSX N . 36.12 -2.08 -11.13
O4 HSX N . 37.13 -3.05 -11.26
C2 HSX N . 35.04 -2.59 -12.05
O2 HSX N . 34.37 -3.68 -11.42
C3 HSX N . 35.85 -3.03 -13.23
O3 HSX N . 35.31 -4.18 -13.83
C4 HSX N . 37.18 -3.36 -12.62
C5 HSX N . 38.18 -2.45 -13.21
O5 HSX N . 38.00 -1.13 -12.81
P' HSX N . 38.80 -0.23 -13.80
O1X HSX N . 40.25 -0.46 -13.54
O2X HSX N . 38.33 -0.65 -15.14
O3X HSX N . 38.44 1.16 -13.41
O1 HSX N . 35.66 -2.03 -9.81
CD CD O . 34.24 -6.20 -5.96
PG APC P . 31.20 -3.90 -2.67
O1G APC P . 30.75 -2.68 -1.98
O2G APC P . 30.28 -5.05 -2.69
O3G APC P . 32.64 -4.14 -2.81
PB APC P . 30.16 -2.06 -4.61
O1B APC P . 28.71 -2.33 -4.45
O2B APC P . 30.75 -0.88 -3.93
O3B APC P . 30.96 -3.40 -4.21
PA APC P . 32.29 -1.56 -6.66
O1A APC P . 32.73 -0.44 -5.79
O2A APC P . 33.02 -2.85 -6.61
C3A APC P . 30.52 -1.88 -6.40
O5' APC P . 32.37 -1.01 -8.19
C5' APC P . 31.62 0.14 -8.57
C4' APC P . 32.36 1.03 -9.59
O4' APC P . 32.39 0.48 -10.94
C3' APC P . 31.59 2.32 -9.74
O3' APC P . 31.82 3.18 -8.62
C2' APC P . 32.20 2.84 -10.98
O2' APC P . 33.59 3.10 -10.72
C1' APC P . 32.08 1.59 -11.84
N9 APC P . 30.73 1.25 -12.44
C8 APC P . 30.74 1.01 -13.75
N7 APC P . 29.50 0.70 -14.13
C5 APC P . 28.72 0.75 -13.05
C6 APC P . 27.41 0.52 -12.92
N6 APC P . 26.76 0.21 -14.03
N1 APC P . 26.79 0.62 -11.74
C2 APC P . 27.54 0.97 -10.62
N3 APC P . 28.91 1.20 -10.79
C4 APC P . 29.48 1.09 -12.00
PG APC Q . -7.03 7.32 -31.89
O1G APC Q . -7.41 7.09 -30.48
O2G APC Q . -6.57 8.66 -32.28
O3G APC Q . -7.62 6.44 -32.93
PB APC Q . -5.50 5.25 -30.99
O1B APC Q . -5.34 5.52 -29.54
O2B APC Q . -6.63 4.42 -31.44
O3B APC Q . -5.60 6.63 -31.78
PA APC Q . -3.55 4.92 -33.32
O1A APC Q . -4.81 4.76 -34.06
O2A APC Q . -2.78 6.18 -33.44
C3A APC Q . -3.86 4.58 -31.57
O5' APC Q . -2.55 3.70 -33.74
C5' APC Q . -1.35 3.97 -34.50
C4' APC Q . -0.57 2.68 -34.83
O4' APC Q . 0.85 2.92 -34.80
C3' APC Q . -0.70 1.66 -33.75
O3' APC Q . -1.99 1.08 -33.79
C2' APC Q . 0.29 0.68 -34.30
O2' APC Q . -0.21 0.22 -35.54
C1' APC Q . 1.47 1.61 -34.55
N9 APC Q . 2.38 1.85 -33.39
C8 APC Q . 3.61 2.28 -33.67
N7 APC Q . 4.27 2.45 -32.54
C5 APC Q . 3.45 2.14 -31.54
C6 APC Q . 3.65 2.16 -30.23
N6 APC Q . 4.86 2.55 -29.81
N1 APC Q . 2.70 1.80 -29.36
C2 APC Q . 1.46 1.40 -29.86
N3 APC Q . 1.28 1.40 -31.24
C4 APC Q . 2.28 1.77 -32.06
C1 HSX R . 0.03 5.29 -39.09
O4 HSX R . -0.33 4.66 -40.29
C2 HSX R . 1.30 5.98 -39.45
O2 HSX R . 0.92 7.05 -40.28
C3 HSX R . 1.97 4.93 -40.28
O3 HSX R . 2.77 5.49 -41.31
C4 HSX R . 0.84 4.14 -40.89
C5 HSX R . 0.90 2.67 -40.55
O5 HSX R . 1.62 1.97 -41.54
P' HSX R . 2.94 2.61 -42.18
O1X HSX R . 3.75 3.03 -41.01
O2X HSX R . 3.54 1.49 -42.95
O3X HSX R . 2.42 3.71 -43.04
O1 HSX R . -0.97 6.21 -38.67
CD CD S . -4.85 9.08 -34.51
PG APC T . -17.14 11.68 -26.43
O1G APC T . -15.94 10.83 -26.52
O2G APC T . -18.42 11.12 -26.84
O3G APC T . -16.97 13.14 -26.47
PB APC T . -16.71 12.45 -23.70
O1B APC T . -16.71 11.71 -22.41
O2B APC T . -15.42 12.99 -24.21
O3B APC T . -17.38 11.51 -24.83
PA APC T . -19.50 13.45 -24.26
O1A APC T . -19.49 13.87 -25.68
O2A APC T . -19.91 12.08 -23.90
C3A APC T . -17.88 13.84 -23.52
O5' APC T . -20.47 14.49 -23.48
C5' APC T . -21.28 14.02 -22.40
C4' APC T . -22.00 15.19 -21.73
O4' APC T . -23.35 14.80 -21.35
C3' APC T . -21.40 15.46 -20.39
O3' APC T . -20.12 16.11 -20.53
C2' APC T . -22.42 16.42 -19.88
O2' APC T . -22.45 17.55 -20.76
C1' APC T . -23.65 15.55 -20.12
N9 APC T . -23.95 14.50 -19.10
C8 APC T . -25.22 14.12 -19.01
N7 APC T . -25.32 13.18 -18.09
C5 APC T . -24.12 12.96 -17.59
C6 APC T . -23.71 12.11 -16.64
N6 APC T . -24.65 11.37 -16.08
N1 APC T . -22.42 12.04 -16.26
C2 APC T . -21.50 12.86 -16.89
N3 APC T . -21.95 13.73 -17.88
C4 APC T . -23.26 13.77 -18.22
C1 HSX U . -26.45 15.32 -25.27
O4 HSX U . -27.27 16.32 -25.82
C2 HSX U . -27.42 14.43 -24.56
O2 HSX U . -28.06 13.64 -25.55
C3 HSX U . -28.37 15.43 -23.97
O3 HSX U . -29.70 15.00 -24.00
C4 HSX U . -28.27 16.63 -24.87
C5 HSX U . -27.79 17.84 -24.12
O5 HSX U . -28.65 17.96 -23.01
P' HSX U . -30.22 18.08 -23.19
O1X HSX U . -30.78 18.43 -21.86
O2X HSX U . -30.31 19.21 -24.15
O3X HSX U . -30.70 16.74 -23.65
O1 HSX U . -25.72 14.60 -26.25
CD CD V . -21.19 10.33 -27.51
P PO4 W . -22.58 6.26 -17.00
O1 PO4 W . -23.36 5.95 -15.78
O2 PO4 W . -21.40 5.35 -17.08
O3 PO4 W . -22.18 7.71 -17.00
O4 PO4 W . -23.56 5.99 -18.07
PG APC X . -24.01 -2.20 21.46
O1G APC X . -22.73 -1.54 21.77
O2G APC X . -25.11 -1.53 22.15
O3G APC X . -24.00 -3.67 21.73
PB APC X . -23.77 -2.42 18.42
O1B APC X . -22.35 -2.15 18.10
O2B APC X . -24.21 -3.85 18.29
O3B APC X . -24.27 -1.98 19.88
PA APC X . -26.32 -1.47 18.22
O1A APC X . -26.49 -2.83 18.83
O2A APC X . -26.35 -0.34 19.19
C3A APC X . -24.78 -1.44 17.34
O5' APC X . -27.46 -1.40 17.10
C5' APC X . -27.53 -2.32 15.97
C4' APC X . -28.95 -2.75 15.69
O4' APC X . -29.65 -1.78 14.86
C3' APC X . -29.07 -4.07 14.89
O3' APC X . -30.31 -4.73 15.07
C2' APC X . -29.01 -3.52 13.47
O2' APC X . -29.34 -4.42 12.45
C1' APC X . -30.01 -2.38 13.63
N9 APC X . -29.95 -1.37 12.57
C8 APC X . -30.93 -0.52 12.19
N7 APC X . -30.55 0.31 11.26
C5 APC X . -29.24 0.00 11.03
C6 APC X . -28.27 0.52 10.18
N6 APC X . -28.48 1.55 9.37
N1 APC X . -27.04 -0.02 10.19
C2 APC X . -26.80 -1.05 10.99
N3 APC X . -27.66 -1.62 11.85
C4 APC X . -28.86 -1.05 11.83
C1 HSX Y . -32.68 0.83 17.52
O4 HSX Y . -32.55 -0.15 18.53
C2 HSX Y . -34.06 1.43 17.74
O2 HSX Y . -34.03 2.84 17.64
C3 HSX Y . -34.57 0.86 19.05
O3 HSX Y . -34.14 1.47 20.24
C4 HSX Y . -33.82 -0.42 19.02
C5 HSX Y . -34.45 -1.21 17.95
O5 HSX Y . -35.65 -1.56 18.52
P' HSX Y . -36.93 -1.02 17.86
O1X HSX Y . -37.91 -1.24 18.97
O2X HSX Y . -36.61 0.35 17.42
O3X HSX Y . -37.31 -2.02 16.80
O1 HSX Y . -31.58 1.72 17.63
CD CD Z . -27.54 0.94 21.74
C1 HSX AA . -9.40 -3.35 35.63
O4 HSX AA . -9.20 -2.18 36.42
C2 HSX AA . -8.39 -4.42 36.11
O2 HSX AA . -8.71 -5.83 36.13
C3 HSX AA . -7.96 -3.88 37.44
O3 HSX AA . -8.64 -4.35 38.52
C4 HSX AA . -8.64 -2.61 37.61
C5 HSX AA . -7.55 -1.73 38.02
O5 HSX AA . -7.71 -2.00 39.34
P' HSX AA . -6.71 -2.92 39.91
O1X HSX AA . -6.13 -1.99 40.88
O2X HSX AA . -5.82 -3.54 39.00
O3X HSX AA . -7.66 -3.91 40.26
O1 HSX AA . -10.80 -3.67 35.65
CD CD BA . -13.67 -4.30 31.63
P PO4 CA . -4.70 -8.10 26.58
O1 PO4 CA . -4.07 -7.45 27.65
O2 PO4 CA . -4.90 -9.52 26.65
O3 PO4 CA . -3.55 -8.14 25.61
O4 PO4 CA . -5.93 -7.35 26.42
#